data_2MJM
#
_entry.id   2MJM
#
_entity_poly.entity_id   1
_entity_poly.type   'polypeptide(L)'
_entity_poly.pdbx_seq_one_letter_code
;GPLGSMDAESIRLNNENLWAWLVRLLSKNPEWLSAKLRSFLPTMDLDCSYEPSNPEVIHRQLNRLFAQGMATWKSFINDL
CFELDVPLDMEIPLVSIWGPR
;
_entity_poly.pdbx_strand_id   A
#
# COMPACT_ATOMS: atom_id res chain seq x y z
N GLY A 1 -18.30 6.79 3.53
CA GLY A 1 -19.49 7.54 3.11
C GLY A 1 -19.46 7.80 1.63
N PRO A 2 -20.53 8.39 1.07
CA PRO A 2 -20.60 8.71 -0.36
C PRO A 2 -19.68 9.87 -0.69
N LEU A 3 -18.83 9.68 -1.64
CA LEU A 3 -17.89 10.69 -2.02
C LEU A 3 -18.18 11.16 -3.43
N GLY A 4 -18.40 12.44 -3.58
CA GLY A 4 -18.64 12.99 -4.89
C GLY A 4 -17.36 12.98 -5.69
N SER A 5 -16.29 13.34 -5.03
CA SER A 5 -14.99 13.31 -5.64
C SER A 5 -14.11 12.37 -4.83
N MET A 6 -12.88 12.18 -5.24
CA MET A 6 -11.99 11.26 -4.54
C MET A 6 -10.82 12.06 -3.96
N ASP A 7 -10.97 13.36 -4.04
CA ASP A 7 -9.91 14.33 -3.64
C ASP A 7 -9.72 14.47 -2.13
N ALA A 8 -10.07 13.46 -1.37
CA ALA A 8 -9.90 13.49 0.08
C ALA A 8 -8.43 13.23 0.42
N GLU A 9 -7.75 12.75 -0.57
CA GLU A 9 -6.34 12.38 -0.51
C GLU A 9 -5.47 13.58 -0.29
N SER A 10 -5.80 14.64 -0.96
CA SER A 10 -5.04 15.85 -0.90
C SER A 10 -5.30 16.56 0.44
N ILE A 11 -6.37 16.17 1.09
CA ILE A 11 -6.80 16.78 2.32
C ILE A 11 -6.11 16.10 3.47
N ARG A 12 -6.20 14.79 3.46
CA ARG A 12 -5.65 13.92 4.48
C ARG A 12 -4.19 13.59 4.26
N LEU A 13 -3.60 14.22 3.27
CA LEU A 13 -2.21 14.02 2.84
C LEU A 13 -1.23 13.93 4.02
N ASN A 14 -0.54 12.83 4.07
CA ASN A 14 0.51 12.53 5.01
C ASN A 14 1.26 11.40 4.41
N ASN A 15 2.53 11.27 4.68
CA ASN A 15 3.26 10.17 4.09
C ASN A 15 4.35 9.58 4.95
N GLU A 16 5.16 10.38 5.60
CA GLU A 16 6.26 9.83 6.41
C GLU A 16 5.75 8.96 7.54
N ASN A 17 4.74 9.44 8.23
CA ASN A 17 4.14 8.70 9.36
C ASN A 17 3.43 7.48 8.84
N LEU A 18 2.69 7.66 7.76
CA LEU A 18 1.91 6.60 7.17
C LEU A 18 2.79 5.51 6.61
N TRP A 19 3.89 5.90 5.99
CA TRP A 19 4.82 4.95 5.40
C TRP A 19 5.47 4.11 6.48
N ALA A 20 5.87 4.73 7.57
CA ALA A 20 6.51 4.03 8.67
C ALA A 20 5.56 3.02 9.29
N TRP A 21 4.32 3.45 9.50
CA TRP A 21 3.25 2.59 9.99
C TRP A 21 3.01 1.42 9.02
N LEU A 22 2.89 1.76 7.75
CA LEU A 22 2.63 0.80 6.69
C LEU A 22 3.74 -0.24 6.67
N VAL A 23 4.98 0.23 6.59
CA VAL A 23 6.16 -0.61 6.53
C VAL A 23 6.21 -1.61 7.69
N ARG A 24 5.95 -1.16 8.90
CA ARG A 24 6.04 -2.05 10.04
C ARG A 24 4.90 -3.04 10.09
N LEU A 25 3.70 -2.59 9.82
CA LEU A 25 2.51 -3.43 9.91
C LEU A 25 2.55 -4.49 8.80
N LEU A 26 2.93 -4.09 7.61
CA LEU A 26 3.04 -4.98 6.47
C LEU A 26 4.17 -5.96 6.65
N SER A 27 5.16 -5.56 7.45
CA SER A 27 6.29 -6.40 7.78
C SER A 27 5.82 -7.52 8.72
N LYS A 28 4.67 -7.31 9.33
CA LYS A 28 4.12 -8.30 10.22
C LYS A 28 3.13 -9.16 9.45
N ASN A 29 2.96 -8.83 8.17
CA ASN A 29 2.02 -9.49 7.29
C ASN A 29 2.61 -9.72 5.90
N PRO A 30 3.84 -10.30 5.77
CA PRO A 30 4.48 -10.48 4.44
C PRO A 30 3.66 -11.45 3.62
N GLU A 31 2.94 -12.27 4.35
CA GLU A 31 2.06 -13.27 3.86
C GLU A 31 0.88 -12.66 3.12
N TRP A 32 0.36 -11.55 3.66
CA TRP A 32 -0.83 -10.97 3.08
C TRP A 32 -0.43 -10.27 1.84
N LEU A 33 0.66 -9.56 1.99
CA LEU A 33 1.23 -8.78 0.96
C LEU A 33 1.48 -9.54 -0.29
N SER A 34 2.25 -10.61 -0.20
CA SER A 34 2.62 -11.41 -1.34
C SER A 34 1.38 -11.86 -2.13
N ALA A 35 0.39 -12.31 -1.38
CA ALA A 35 -0.88 -12.79 -1.88
C ALA A 35 -1.61 -11.72 -2.67
N LYS A 36 -1.73 -10.55 -2.08
CA LYS A 36 -2.38 -9.45 -2.73
C LYS A 36 -1.60 -8.93 -3.90
N LEU A 37 -0.28 -8.94 -3.77
CA LEU A 37 0.58 -8.51 -4.82
C LEU A 37 0.40 -9.36 -6.07
N ARG A 38 0.04 -10.63 -5.90
CA ARG A 38 -0.15 -11.53 -7.04
C ARG A 38 -1.34 -11.12 -7.90
N SER A 39 -2.30 -10.46 -7.28
CA SER A 39 -3.50 -10.00 -7.94
C SER A 39 -3.18 -8.72 -8.74
N PHE A 40 -2.34 -7.90 -8.15
CA PHE A 40 -1.95 -6.65 -8.76
C PHE A 40 -0.88 -6.85 -9.80
N LEU A 41 0.24 -7.40 -9.39
CA LEU A 41 1.36 -7.64 -10.26
C LEU A 41 1.21 -9.01 -10.88
N PRO A 42 0.96 -9.09 -12.19
CA PRO A 42 0.75 -10.38 -12.87
C PRO A 42 2.06 -11.16 -13.00
N THR A 43 3.15 -10.46 -12.88
CA THR A 43 4.47 -10.99 -13.00
C THR A 43 5.19 -10.91 -11.67
N MET A 44 4.38 -10.97 -10.60
CA MET A 44 4.84 -10.80 -9.20
C MET A 44 6.12 -11.56 -8.91
N ASP A 45 7.21 -10.87 -8.94
CA ASP A 45 8.49 -11.42 -8.64
C ASP A 45 8.75 -11.27 -7.15
N LEU A 46 7.85 -11.89 -6.41
CA LEU A 46 7.82 -11.83 -4.97
C LEU A 46 8.82 -12.80 -4.37
N ASP A 47 9.36 -13.64 -5.23
CA ASP A 47 10.36 -14.62 -4.88
C ASP A 47 11.72 -13.95 -4.68
N CYS A 48 11.81 -12.74 -5.14
CA CYS A 48 13.00 -11.97 -5.00
C CYS A 48 12.99 -11.28 -3.65
N SER A 49 13.76 -11.80 -2.74
CA SER A 49 13.86 -11.27 -1.42
C SER A 49 15.30 -11.39 -0.97
N TYR A 50 16.09 -10.44 -1.41
CA TYR A 50 17.50 -10.37 -1.06
C TYR A 50 17.70 -10.13 0.41
N GLU A 51 16.88 -9.33 0.89
CA GLU A 51 16.77 -8.98 2.23
C GLU A 51 15.39 -9.38 2.68
N PRO A 52 15.21 -9.62 3.98
CA PRO A 52 13.88 -9.89 4.60
C PRO A 52 12.92 -8.66 4.49
N SER A 53 12.09 -8.48 5.49
CA SER A 53 11.05 -7.42 5.49
C SER A 53 11.62 -5.99 5.74
N ASN A 54 12.78 -5.73 5.16
CA ASN A 54 13.46 -4.47 5.22
C ASN A 54 12.60 -3.38 4.58
N PRO A 55 12.73 -2.11 5.05
CA PRO A 55 11.93 -0.98 4.57
C PRO A 55 11.92 -0.85 3.04
N GLU A 56 13.10 -0.94 2.41
CA GLU A 56 13.19 -0.82 0.99
C GLU A 56 12.69 -2.04 0.27
N VAL A 57 12.70 -3.16 0.95
CA VAL A 57 12.19 -4.39 0.39
C VAL A 57 10.68 -4.29 0.33
N ILE A 58 10.13 -3.72 1.38
CA ILE A 58 8.71 -3.44 1.43
C ILE A 58 8.39 -2.41 0.34
N HIS A 59 9.20 -1.36 0.29
CA HIS A 59 9.08 -0.29 -0.72
C HIS A 59 9.04 -0.87 -2.13
N ARG A 60 9.90 -1.85 -2.38
CA ARG A 60 9.99 -2.55 -3.67
C ARG A 60 8.65 -3.14 -4.10
N GLN A 61 7.95 -3.70 -3.15
CA GLN A 61 6.69 -4.38 -3.37
C GLN A 61 5.59 -3.40 -3.67
N LEU A 62 5.64 -2.31 -2.95
CA LEU A 62 4.65 -1.26 -3.11
C LEU A 62 4.91 -0.45 -4.38
N ASN A 63 6.18 -0.35 -4.75
CA ASN A 63 6.64 0.28 -5.97
C ASN A 63 5.94 -0.31 -7.18
N ARG A 64 5.91 -1.61 -7.18
CA ARG A 64 5.27 -2.41 -8.22
C ARG A 64 3.80 -2.00 -8.43
N LEU A 65 3.12 -1.64 -7.36
CA LEU A 65 1.70 -1.28 -7.43
C LEU A 65 1.54 0.07 -8.10
N PHE A 66 2.46 0.95 -7.82
CA PHE A 66 2.46 2.28 -8.41
C PHE A 66 2.71 2.16 -9.91
N ALA A 67 3.36 1.07 -10.30
CA ALA A 67 3.61 0.78 -11.69
C ALA A 67 2.34 0.26 -12.37
N GLN A 68 1.47 -0.44 -11.61
CA GLN A 68 0.23 -0.91 -12.14
C GLN A 68 -0.69 0.28 -12.40
N GLY A 69 -0.93 1.03 -11.38
CA GLY A 69 -1.88 2.10 -11.45
C GLY A 69 -1.86 2.91 -10.23
N MET A 70 -2.00 4.18 -10.41
CA MET A 70 -2.15 5.10 -9.30
C MET A 70 -3.52 4.85 -8.73
N ALA A 71 -4.39 4.43 -9.62
CA ALA A 71 -5.74 4.05 -9.30
C ALA A 71 -5.70 2.66 -8.65
N THR A 72 -4.71 1.90 -9.04
CA THR A 72 -4.50 0.58 -8.51
C THR A 72 -4.03 0.68 -7.06
N TRP A 73 -3.26 1.71 -6.77
CA TRP A 73 -2.83 2.00 -5.43
C TRP A 73 -4.06 2.31 -4.56
N LYS A 74 -4.94 3.17 -5.07
CA LYS A 74 -6.18 3.53 -4.39
C LYS A 74 -7.06 2.30 -4.11
N SER A 75 -7.04 1.36 -5.04
CA SER A 75 -7.75 0.15 -4.91
C SER A 75 -7.07 -0.78 -3.87
N PHE A 76 -5.76 -0.92 -3.97
CA PHE A 76 -4.98 -1.76 -3.06
C PHE A 76 -5.17 -1.35 -1.62
N ILE A 77 -5.03 -0.07 -1.36
CA ILE A 77 -5.12 0.45 0.00
C ILE A 77 -6.52 0.22 0.58
N ASN A 78 -7.52 0.21 -0.28
CA ASN A 78 -8.90 -0.09 0.13
C ASN A 78 -8.95 -1.49 0.75
N ASP A 79 -8.31 -2.44 0.08
CA ASP A 79 -8.29 -3.83 0.54
C ASP A 79 -7.37 -3.95 1.71
N LEU A 80 -6.28 -3.26 1.66
CA LEU A 80 -5.26 -3.20 2.73
C LEU A 80 -5.95 -2.89 4.06
N CYS A 81 -6.71 -1.82 4.07
CA CYS A 81 -7.43 -1.40 5.27
C CYS A 81 -8.51 -2.43 5.66
N PHE A 82 -9.14 -3.02 4.67
CA PHE A 82 -10.23 -3.95 4.90
C PHE A 82 -9.73 -5.30 5.44
N GLU A 83 -8.79 -5.88 4.72
CA GLU A 83 -8.32 -7.23 4.98
C GLU A 83 -7.41 -7.30 6.20
N LEU A 84 -6.78 -6.19 6.55
CA LEU A 84 -5.91 -6.17 7.69
C LEU A 84 -6.65 -5.77 8.96
N ASP A 85 -7.98 -5.60 8.85
CA ASP A 85 -8.88 -5.31 10.02
C ASP A 85 -8.73 -3.89 10.61
N VAL A 86 -7.50 -3.48 10.81
CA VAL A 86 -7.15 -2.21 11.44
C VAL A 86 -7.75 -0.99 10.71
N PRO A 87 -8.48 -0.11 11.42
CA PRO A 87 -8.96 1.13 10.88
C PRO A 87 -7.89 2.22 11.01
N LEU A 88 -7.22 2.50 9.92
CA LEU A 88 -6.18 3.51 9.89
C LEU A 88 -6.80 4.90 10.04
N ASP A 89 -7.78 5.18 9.17
CA ASP A 89 -8.53 6.46 9.13
C ASP A 89 -9.43 6.43 7.92
N MET A 90 -8.81 6.10 6.81
CA MET A 90 -9.43 6.02 5.50
C MET A 90 -8.32 5.55 4.58
N GLU A 91 -8.65 4.88 3.49
CA GLU A 91 -7.64 4.38 2.55
C GLU A 91 -6.99 5.52 1.76
N ILE A 92 -7.79 6.43 1.32
CA ILE A 92 -7.41 7.57 0.44
C ILE A 92 -6.21 8.46 1.02
N PRO A 93 -6.14 8.73 2.33
CA PRO A 93 -4.94 9.37 2.95
C PRO A 93 -3.67 8.61 2.57
N LEU A 94 -3.78 7.29 2.62
CA LEU A 94 -2.69 6.37 2.30
C LEU A 94 -2.49 6.30 0.79
N VAL A 95 -3.54 6.59 0.04
CA VAL A 95 -3.45 6.54 -1.38
C VAL A 95 -2.68 7.74 -1.91
N SER A 96 -2.77 8.78 -1.18
CA SER A 96 -2.12 10.05 -1.47
C SER A 96 -0.64 10.05 -1.04
N ILE A 97 -0.18 8.92 -0.50
CA ILE A 97 1.15 8.79 0.10
C ILE A 97 2.30 9.16 -0.90
N TRP A 98 2.08 8.92 -2.17
CA TRP A 98 3.08 9.16 -3.19
C TRP A 98 2.95 10.54 -3.81
N GLY A 99 2.18 11.40 -3.17
CA GLY A 99 1.99 12.74 -3.66
C GLY A 99 3.14 13.67 -3.26
N PRO A 100 2.83 14.83 -2.64
CA PRO A 100 3.85 15.81 -2.21
C PRO A 100 4.95 15.17 -1.36
N ARG A 101 6.19 15.47 -1.73
CA ARG A 101 7.42 14.94 -1.11
C ARG A 101 7.44 13.42 -0.98
N GLY A 1 -12.27 7.31 9.30
CA GLY A 1 -13.01 8.54 9.49
C GLY A 1 -13.77 8.83 8.24
N PRO A 2 -15.06 9.20 8.33
CA PRO A 2 -15.92 9.39 7.14
C PRO A 2 -15.36 10.40 6.13
N LEU A 3 -14.75 9.87 5.10
CA LEU A 3 -14.21 10.66 4.05
C LEU A 3 -14.97 10.33 2.79
N GLY A 4 -14.69 9.17 2.24
CA GLY A 4 -15.35 8.73 1.02
C GLY A 4 -14.71 9.34 -0.21
N SER A 5 -14.66 10.65 -0.22
CA SER A 5 -14.09 11.41 -1.29
C SER A 5 -12.64 11.00 -1.53
N MET A 6 -12.31 10.71 -2.77
CA MET A 6 -10.95 10.32 -3.11
C MET A 6 -10.00 11.50 -3.13
N ASP A 7 -10.53 12.68 -2.98
CA ASP A 7 -9.72 13.88 -2.87
C ASP A 7 -9.68 14.34 -1.43
N ALA A 8 -9.92 13.42 -0.52
CA ALA A 8 -9.84 13.71 0.93
C ALA A 8 -8.38 13.72 1.34
N GLU A 9 -7.60 13.15 0.49
CA GLU A 9 -6.19 12.97 0.64
C GLU A 9 -5.43 14.27 0.80
N SER A 10 -5.72 15.24 -0.02
CA SER A 10 -5.04 16.52 0.05
C SER A 10 -5.55 17.34 1.22
N ILE A 11 -6.67 16.94 1.75
CA ILE A 11 -7.29 17.69 2.81
C ILE A 11 -6.65 17.28 4.13
N ARG A 12 -6.47 15.99 4.28
CA ARG A 12 -5.96 15.39 5.49
C ARG A 12 -4.48 15.00 5.37
N LEU A 13 -3.88 15.40 4.27
CA LEU A 13 -2.51 15.04 3.83
C LEU A 13 -1.48 14.87 4.98
N ASN A 14 -0.91 13.69 5.02
CA ASN A 14 0.16 13.30 5.93
C ASN A 14 1.00 12.34 5.09
N ASN A 15 2.27 12.24 5.35
CA ASN A 15 3.13 11.43 4.50
C ASN A 15 3.95 10.44 5.31
N GLU A 16 4.95 10.94 6.02
CA GLU A 16 5.94 10.11 6.69
C GLU A 16 5.35 9.21 7.77
N ASN A 17 4.39 9.73 8.50
CA ASN A 17 3.77 8.97 9.59
C ASN A 17 3.00 7.78 9.04
N LEU A 18 2.37 8.02 7.92
CA LEU A 18 1.57 7.02 7.26
C LEU A 18 2.45 6.00 6.58
N TRP A 19 3.52 6.47 5.97
CA TRP A 19 4.45 5.59 5.27
C TRP A 19 5.14 4.66 6.26
N ALA A 20 5.53 5.20 7.40
CA ALA A 20 6.17 4.41 8.45
C ALA A 20 5.23 3.30 8.93
N TRP A 21 3.95 3.64 9.07
CA TRP A 21 2.92 2.69 9.44
C TRP A 21 2.81 1.58 8.40
N LEU A 22 2.70 1.98 7.15
CA LEU A 22 2.57 1.06 6.03
C LEU A 22 3.77 0.11 6.01
N VAL A 23 4.95 0.68 6.03
CA VAL A 23 6.19 -0.07 5.97
C VAL A 23 6.37 -1.01 7.18
N ARG A 24 6.05 -0.55 8.38
CA ARG A 24 6.25 -1.38 9.56
C ARG A 24 5.24 -2.50 9.64
N LEU A 25 4.00 -2.20 9.31
CA LEU A 25 2.92 -3.17 9.41
C LEU A 25 3.10 -4.26 8.32
N LEU A 26 3.48 -3.84 7.14
CA LEU A 26 3.75 -4.77 6.05
C LEU A 26 4.99 -5.58 6.29
N SER A 27 5.89 -5.04 7.09
CA SER A 27 7.08 -5.74 7.48
C SER A 27 6.69 -6.93 8.37
N LYS A 28 5.49 -6.86 8.93
CA LYS A 28 4.99 -7.90 9.77
C LYS A 28 4.06 -8.80 8.96
N ASN A 29 3.86 -8.45 7.69
CA ASN A 29 2.93 -9.14 6.81
C ASN A 29 3.40 -9.19 5.36
N PRO A 30 4.64 -9.65 5.06
CA PRO A 30 5.11 -9.72 3.66
C PRO A 30 4.30 -10.76 2.92
N GLU A 31 3.77 -11.67 3.72
CA GLU A 31 2.95 -12.78 3.29
C GLU A 31 1.64 -12.28 2.69
N TRP A 32 1.02 -11.28 3.36
CA TRP A 32 -0.23 -10.75 2.86
C TRP A 32 0.04 -9.95 1.62
N LEU A 33 1.10 -9.17 1.70
CA LEU A 33 1.50 -8.27 0.65
C LEU A 33 1.73 -9.07 -0.63
N SER A 34 2.42 -10.19 -0.51
CA SER A 34 2.68 -11.09 -1.62
C SER A 34 1.35 -11.62 -2.22
N ALA A 35 0.46 -12.10 -1.36
CA ALA A 35 -0.85 -12.61 -1.75
C ALA A 35 -1.66 -11.57 -2.55
N LYS A 36 -1.57 -10.32 -2.14
CA LYS A 36 -2.23 -9.26 -2.86
C LYS A 36 -1.50 -8.92 -4.14
N LEU A 37 -0.17 -8.99 -4.11
CA LEU A 37 0.65 -8.77 -5.31
C LEU A 37 0.28 -9.75 -6.39
N ARG A 38 -0.16 -10.94 -5.98
CA ARG A 38 -0.55 -11.99 -6.92
C ARG A 38 -1.68 -11.54 -7.84
N SER A 39 -2.48 -10.60 -7.38
CA SER A 39 -3.57 -10.07 -8.17
C SER A 39 -3.06 -8.90 -9.02
N PHE A 40 -2.39 -7.98 -8.37
CA PHE A 40 -1.92 -6.74 -9.00
C PHE A 40 -0.78 -6.96 -10.00
N LEU A 41 0.20 -7.76 -9.62
CA LEU A 41 1.37 -8.03 -10.41
C LEU A 41 1.09 -9.22 -11.33
N PRO A 42 1.05 -8.99 -12.65
CA PRO A 42 0.68 -10.02 -13.66
C PRO A 42 1.63 -11.23 -13.69
N THR A 43 2.88 -11.01 -13.37
CA THR A 43 3.87 -12.08 -13.39
C THR A 43 4.32 -12.40 -12.00
N MET A 44 3.63 -11.78 -11.05
CA MET A 44 3.90 -11.76 -9.65
C MET A 44 5.39 -11.62 -9.36
N ASP A 45 5.83 -10.41 -9.21
CA ASP A 45 7.21 -10.16 -8.84
C ASP A 45 7.24 -9.91 -7.35
N LEU A 46 6.78 -10.91 -6.64
CA LEU A 46 6.61 -10.86 -5.20
C LEU A 46 7.80 -11.46 -4.48
N ASP A 47 8.64 -12.13 -5.24
CA ASP A 47 9.80 -12.88 -4.73
C ASP A 47 10.98 -11.96 -4.45
N CYS A 48 10.69 -10.79 -3.94
CA CYS A 48 11.70 -9.82 -3.62
C CYS A 48 12.17 -9.95 -2.18
N SER A 49 11.62 -10.88 -1.44
CA SER A 49 12.01 -11.08 -0.06
C SER A 49 13.14 -12.08 0.08
N TYR A 50 14.28 -11.74 -0.47
CA TYR A 50 15.49 -12.52 -0.33
C TYR A 50 16.14 -12.18 0.97
N GLU A 51 15.97 -10.97 1.29
CA GLU A 51 16.41 -10.35 2.47
C GLU A 51 15.25 -10.45 3.46
N PRO A 52 15.43 -10.07 4.74
CA PRO A 52 14.33 -10.03 5.68
C PRO A 52 13.30 -8.96 5.32
N SER A 53 12.38 -8.71 6.20
CA SER A 53 11.28 -7.80 5.98
C SER A 53 11.69 -6.32 6.11
N ASN A 54 12.90 -6.01 5.63
CA ASN A 54 13.48 -4.70 5.71
C ASN A 54 12.59 -3.64 5.06
N PRO A 55 12.66 -2.39 5.56
CA PRO A 55 11.93 -1.25 5.02
C PRO A 55 12.00 -1.15 3.50
N GLU A 56 13.21 -1.21 2.95
CA GLU A 56 13.38 -1.12 1.54
C GLU A 56 12.98 -2.36 0.82
N VAL A 57 13.04 -3.49 1.51
CA VAL A 57 12.58 -4.74 0.93
C VAL A 57 11.07 -4.65 0.71
N ILE A 58 10.40 -4.02 1.65
CA ILE A 58 8.97 -3.78 1.56
C ILE A 58 8.68 -2.72 0.48
N HIS A 59 9.39 -1.61 0.55
CA HIS A 59 9.26 -0.48 -0.40
C HIS A 59 9.42 -0.96 -1.86
N ARG A 60 10.33 -1.87 -2.05
CA ARG A 60 10.64 -2.50 -3.33
C ARG A 60 9.40 -3.20 -3.92
N GLN A 61 8.65 -3.85 -3.07
CA GLN A 61 7.47 -4.61 -3.48
C GLN A 61 6.32 -3.68 -3.79
N LEU A 62 6.20 -2.65 -2.98
CA LEU A 62 5.13 -1.65 -3.12
C LEU A 62 5.28 -0.87 -4.43
N ASN A 63 6.50 -0.72 -4.87
CA ASN A 63 6.87 -0.08 -6.10
C ASN A 63 6.15 -0.70 -7.29
N ARG A 64 5.95 -1.99 -7.20
CA ARG A 64 5.28 -2.73 -8.26
C ARG A 64 3.84 -2.27 -8.45
N LEU A 65 3.23 -1.82 -7.38
CA LEU A 65 1.86 -1.33 -7.45
C LEU A 65 1.83 0.02 -8.14
N PHE A 66 2.90 0.79 -7.96
CA PHE A 66 3.07 2.09 -8.61
C PHE A 66 3.09 1.91 -10.13
N ALA A 67 3.56 0.75 -10.53
CA ALA A 67 3.63 0.40 -11.92
C ALA A 67 2.29 -0.12 -12.45
N GLN A 68 1.40 -0.58 -11.56
CA GLN A 68 0.14 -1.09 -11.96
C GLN A 68 -0.85 0.02 -12.18
N GLY A 69 -0.94 0.92 -11.25
CA GLY A 69 -1.94 1.94 -11.30
C GLY A 69 -1.96 2.80 -10.11
N MET A 70 -2.22 4.06 -10.31
CA MET A 70 -2.46 4.96 -9.21
C MET A 70 -3.80 4.60 -8.63
N ALA A 71 -4.66 4.12 -9.51
CA ALA A 71 -5.98 3.67 -9.13
C ALA A 71 -5.84 2.36 -8.42
N THR A 72 -4.94 1.53 -8.94
CA THR A 72 -4.61 0.26 -8.36
C THR A 72 -4.12 0.45 -6.92
N TRP A 73 -3.32 1.48 -6.70
CA TRP A 73 -2.82 1.83 -5.39
C TRP A 73 -4.00 2.15 -4.45
N LYS A 74 -4.93 2.98 -4.93
CA LYS A 74 -6.10 3.36 -4.14
C LYS A 74 -6.95 2.15 -3.76
N SER A 75 -7.14 1.25 -4.71
CA SER A 75 -7.86 0.06 -4.51
C SER A 75 -7.14 -0.88 -3.52
N PHE A 76 -5.84 -0.96 -3.68
CA PHE A 76 -4.99 -1.78 -2.84
C PHE A 76 -5.03 -1.31 -1.39
N ILE A 77 -4.83 -0.02 -1.18
CA ILE A 77 -4.74 0.55 0.15
C ILE A 77 -6.07 0.36 0.93
N ASN A 78 -7.17 0.39 0.22
CA ASN A 78 -8.47 0.16 0.84
C ASN A 78 -8.50 -1.26 1.41
N ASP A 79 -8.02 -2.21 0.61
CA ASP A 79 -7.97 -3.61 1.01
C ASP A 79 -6.96 -3.82 2.10
N LEU A 80 -5.84 -3.14 1.97
CA LEU A 80 -4.74 -3.13 2.95
C LEU A 80 -5.32 -2.86 4.34
N CYS A 81 -6.09 -1.80 4.41
CA CYS A 81 -6.70 -1.39 5.65
C CYS A 81 -7.76 -2.39 6.14
N PHE A 82 -8.49 -2.96 5.22
CA PHE A 82 -9.59 -3.89 5.51
C PHE A 82 -9.07 -5.29 5.92
N GLU A 83 -8.04 -5.74 5.24
CA GLU A 83 -7.54 -7.10 5.40
C GLU A 83 -6.55 -7.26 6.54
N LEU A 84 -5.82 -6.22 6.85
CA LEU A 84 -4.78 -6.33 7.86
C LEU A 84 -5.25 -6.01 9.26
N ASP A 85 -6.22 -5.19 9.37
CA ASP A 85 -6.73 -4.78 10.65
C ASP A 85 -8.20 -4.55 10.42
N VAL A 86 -8.88 -3.98 11.35
CA VAL A 86 -10.26 -3.65 11.10
C VAL A 86 -10.28 -2.35 10.34
N PRO A 87 -11.11 -2.26 9.23
CA PRO A 87 -11.20 -1.14 8.30
C PRO A 87 -10.74 0.19 8.87
N LEU A 88 -9.51 0.56 8.53
CA LEU A 88 -8.89 1.75 9.05
C LEU A 88 -9.63 2.98 8.60
N ASP A 89 -10.18 2.92 7.39
CA ASP A 89 -11.06 3.95 6.83
C ASP A 89 -10.35 5.31 6.78
N MET A 90 -9.07 5.24 6.49
CA MET A 90 -8.22 6.39 6.32
C MET A 90 -7.26 6.05 5.20
N GLU A 91 -7.75 5.27 4.27
CA GLU A 91 -6.96 4.75 3.18
C GLU A 91 -6.58 5.81 2.17
N ILE A 92 -7.48 6.71 1.87
CA ILE A 92 -7.30 7.74 0.83
C ILE A 92 -6.01 8.62 1.09
N PRO A 93 -5.75 9.09 2.32
CA PRO A 93 -4.46 9.75 2.66
C PRO A 93 -3.25 8.87 2.22
N LEU A 94 -3.39 7.56 2.37
CA LEU A 94 -2.39 6.59 1.94
C LEU A 94 -2.43 6.40 0.41
N VAL A 95 -3.62 6.52 -0.17
CA VAL A 95 -3.79 6.31 -1.58
C VAL A 95 -3.06 7.37 -2.39
N SER A 96 -2.97 8.49 -1.80
CA SER A 96 -2.33 9.66 -2.33
C SER A 96 -0.79 9.57 -2.29
N ILE A 97 -0.24 8.65 -1.51
CA ILE A 97 1.22 8.60 -1.28
C ILE A 97 1.96 8.08 -2.53
N TRP A 98 1.19 7.69 -3.52
CA TRP A 98 1.66 7.15 -4.79
C TRP A 98 2.70 8.09 -5.41
N GLY A 99 2.36 9.36 -5.44
CA GLY A 99 3.24 10.35 -5.97
C GLY A 99 2.84 11.70 -5.46
N PRO A 100 3.57 12.76 -5.78
CA PRO A 100 3.20 14.10 -5.38
C PRO A 100 2.16 14.67 -6.32
N ARG A 101 0.92 14.66 -5.90
CA ARG A 101 -0.14 15.16 -6.67
C ARG A 101 -1.12 15.86 -5.75
N GLY A 1 -20.36 6.75 -8.16
CA GLY A 1 -19.02 7.34 -8.16
C GLY A 1 -18.38 7.17 -6.82
N PRO A 2 -17.22 6.48 -6.74
CA PRO A 2 -16.52 6.29 -5.48
C PRO A 2 -15.98 7.61 -4.93
N LEU A 3 -16.61 8.07 -3.85
CA LEU A 3 -16.27 9.30 -3.13
C LEU A 3 -16.61 10.56 -3.91
N GLY A 4 -16.72 11.66 -3.21
CA GLY A 4 -17.02 12.91 -3.85
C GLY A 4 -15.79 13.51 -4.40
N SER A 5 -15.48 13.16 -5.66
CA SER A 5 -14.27 13.53 -6.34
C SER A 5 -13.08 12.85 -5.65
N MET A 6 -12.66 11.73 -6.20
CA MET A 6 -11.62 10.93 -5.57
C MET A 6 -10.25 11.41 -5.96
N ASP A 7 -10.06 12.62 -5.61
CA ASP A 7 -8.82 13.36 -5.72
C ASP A 7 -8.74 14.21 -4.49
N ALA A 8 -9.44 13.76 -3.48
CA ALA A 8 -9.55 14.42 -2.21
C ALA A 8 -8.26 14.22 -1.48
N GLU A 9 -7.71 13.06 -1.71
CA GLU A 9 -6.46 12.60 -1.16
C GLU A 9 -5.35 13.60 -1.37
N SER A 10 -5.28 14.11 -2.58
CA SER A 10 -4.27 15.08 -3.00
C SER A 10 -4.30 16.30 -2.11
N ILE A 11 -5.49 16.70 -1.78
CA ILE A 11 -5.78 17.88 -1.04
C ILE A 11 -5.67 17.61 0.47
N ARG A 12 -6.19 16.48 0.91
CA ARG A 12 -6.35 16.19 2.31
C ARG A 12 -5.07 15.95 3.10
N LEU A 13 -4.33 14.88 2.80
CA LEU A 13 -3.18 14.54 3.65
C LEU A 13 -2.42 13.35 3.10
N ASN A 14 -1.11 13.41 3.20
CA ASN A 14 -0.19 12.30 2.96
C ASN A 14 1.04 12.59 3.78
N ASN A 15 1.61 11.59 4.43
CA ASN A 15 2.74 11.82 5.32
C ASN A 15 3.61 10.57 5.42
N GLU A 16 4.89 10.78 5.70
CA GLU A 16 5.88 9.70 5.81
C GLU A 16 5.56 8.73 6.96
N ASN A 17 4.92 9.24 8.01
CA ASN A 17 4.57 8.39 9.17
C ASN A 17 3.56 7.33 8.80
N LEU A 18 2.78 7.62 7.78
CA LEU A 18 1.79 6.69 7.28
C LEU A 18 2.51 5.56 6.54
N TRP A 19 3.59 5.94 5.85
CA TRP A 19 4.41 4.98 5.13
C TRP A 19 5.08 4.05 6.12
N ALA A 20 5.61 4.63 7.19
CA ALA A 20 6.25 3.87 8.26
C ALA A 20 5.30 2.85 8.87
N TRP A 21 4.04 3.28 9.09
CA TRP A 21 2.98 2.41 9.58
C TRP A 21 2.74 1.25 8.62
N LEU A 22 2.57 1.60 7.35
CA LEU A 22 2.29 0.64 6.31
C LEU A 22 3.41 -0.38 6.23
N VAL A 23 4.62 0.12 6.12
CA VAL A 23 5.81 -0.69 6.03
C VAL A 23 5.99 -1.61 7.23
N ARG A 24 5.75 -1.09 8.42
CA ARG A 24 5.97 -1.85 9.64
C ARG A 24 4.92 -2.95 9.74
N LEU A 25 3.68 -2.60 9.48
CA LEU A 25 2.57 -3.52 9.58
C LEU A 25 2.70 -4.63 8.52
N LEU A 26 3.08 -4.25 7.33
CA LEU A 26 3.28 -5.18 6.24
C LEU A 26 4.51 -6.02 6.40
N SER A 27 5.48 -5.49 7.14
CA SER A 27 6.68 -6.22 7.45
C SER A 27 6.32 -7.39 8.39
N LYS A 28 5.17 -7.28 9.04
CA LYS A 28 4.67 -8.31 9.90
C LYS A 28 3.75 -9.24 9.13
N ASN A 29 3.45 -8.86 7.89
CA ASN A 29 2.50 -9.58 7.06
C ASN A 29 3.00 -9.75 5.62
N PRO A 30 4.22 -10.31 5.40
CA PRO A 30 4.74 -10.48 4.03
C PRO A 30 3.91 -11.52 3.31
N GLU A 31 3.29 -12.37 4.12
CA GLU A 31 2.42 -13.43 3.67
C GLU A 31 1.20 -12.83 2.97
N TRP A 32 0.63 -11.78 3.57
CA TRP A 32 -0.55 -11.17 2.99
C TRP A 32 -0.18 -10.36 1.77
N LEU A 33 0.88 -9.59 1.93
CA LEU A 33 1.32 -8.66 0.92
C LEU A 33 1.67 -9.38 -0.38
N SER A 34 2.39 -10.49 -0.26
CA SER A 34 2.76 -11.30 -1.44
C SER A 34 1.51 -11.76 -2.21
N ALA A 35 0.52 -12.26 -1.49
CA ALA A 35 -0.76 -12.69 -2.02
C ALA A 35 -1.47 -11.56 -2.75
N LYS A 36 -1.40 -10.37 -2.20
CA LYS A 36 -2.03 -9.23 -2.83
C LYS A 36 -1.25 -8.76 -4.04
N LEU A 37 0.06 -8.96 -4.01
CA LEU A 37 0.91 -8.68 -5.16
C LEU A 37 0.50 -9.57 -6.32
N ARG A 38 0.00 -10.75 -6.01
CA ARG A 38 -0.42 -11.70 -7.03
C ARG A 38 -1.57 -11.16 -7.87
N SER A 39 -2.39 -10.35 -7.27
CA SER A 39 -3.53 -9.78 -7.95
C SER A 39 -3.13 -8.50 -8.72
N PHE A 40 -2.28 -7.71 -8.12
CA PHE A 40 -1.87 -6.44 -8.70
C PHE A 40 -0.73 -6.57 -9.70
N LEU A 41 0.28 -7.31 -9.33
CA LEU A 41 1.45 -7.51 -10.15
C LEU A 41 1.26 -8.70 -11.06
N PRO A 42 1.30 -8.50 -12.37
CA PRO A 42 1.20 -9.59 -13.33
C PRO A 42 2.40 -10.54 -13.20
N THR A 43 3.59 -9.96 -13.03
CA THR A 43 4.82 -10.70 -12.95
C THR A 43 5.13 -11.20 -11.54
N MET A 44 4.34 -10.72 -10.56
CA MET A 44 4.50 -10.94 -9.13
C MET A 44 5.95 -11.15 -8.72
N ASP A 45 6.65 -10.11 -8.38
CA ASP A 45 8.01 -10.30 -7.94
C ASP A 45 8.09 -10.29 -6.44
N LEU A 46 7.38 -11.24 -5.87
CA LEU A 46 7.23 -11.39 -4.45
C LEU A 46 8.34 -12.24 -3.88
N ASP A 47 8.96 -13.00 -4.75
CA ASP A 47 10.08 -13.85 -4.38
C ASP A 47 11.37 -13.12 -4.68
N CYS A 48 11.24 -11.87 -5.10
CA CYS A 48 12.37 -11.00 -5.40
C CYS A 48 12.85 -10.32 -4.11
N SER A 49 12.53 -10.94 -2.99
CA SER A 49 12.96 -10.47 -1.71
C SER A 49 14.45 -10.75 -1.54
N TYR A 50 15.24 -9.76 -1.87
CA TYR A 50 16.69 -9.81 -1.82
C TYR A 50 17.23 -9.81 -0.41
N GLU A 51 16.43 -9.37 0.44
CA GLU A 51 16.70 -9.25 1.79
C GLU A 51 15.48 -9.73 2.54
N PRO A 52 15.56 -9.90 3.88
CA PRO A 52 14.40 -10.26 4.75
C PRO A 52 13.25 -9.21 4.70
N SER A 53 12.51 -9.11 5.79
CA SER A 53 11.34 -8.23 5.89
C SER A 53 11.74 -6.73 6.07
N ASN A 54 12.79 -6.34 5.38
CA ASN A 54 13.35 -5.02 5.48
C ASN A 54 12.47 -3.97 4.81
N PRO A 55 12.49 -2.71 5.32
CA PRO A 55 11.66 -1.61 4.80
C PRO A 55 11.94 -1.29 3.33
N GLU A 56 13.18 -1.44 2.92
CA GLU A 56 13.56 -1.17 1.54
C GLU A 56 13.11 -2.29 0.63
N VAL A 57 12.93 -3.45 1.21
CA VAL A 57 12.41 -4.60 0.50
C VAL A 57 10.94 -4.39 0.26
N ILE A 58 10.28 -3.95 1.31
CA ILE A 58 8.88 -3.61 1.29
C ILE A 58 8.63 -2.51 0.23
N HIS A 59 9.57 -1.58 0.14
CA HIS A 59 9.51 -0.48 -0.83
C HIS A 59 9.34 -0.99 -2.27
N ARG A 60 10.07 -2.03 -2.63
CA ARG A 60 9.96 -2.69 -3.92
C ARG A 60 8.52 -3.14 -4.17
N GLN A 61 8.01 -3.87 -3.25
CA GLN A 61 6.68 -4.47 -3.31
C GLN A 61 5.60 -3.41 -3.46
N LEU A 62 5.74 -2.37 -2.71
CA LEU A 62 4.74 -1.31 -2.71
C LEU A 62 4.91 -0.37 -3.93
N ASN A 63 6.14 -0.23 -4.39
CA ASN A 63 6.51 0.51 -5.61
C ASN A 63 5.71 0.00 -6.78
N ARG A 64 5.70 -1.31 -6.88
CA ARG A 64 5.02 -2.05 -7.92
C ARG A 64 3.54 -1.72 -8.00
N LEU A 65 2.93 -1.37 -6.89
CA LEU A 65 1.53 -1.07 -6.86
C LEU A 65 1.22 0.25 -7.53
N PHE A 66 2.06 1.24 -7.26
CA PHE A 66 1.91 2.54 -7.90
C PHE A 66 2.31 2.43 -9.36
N ALA A 67 3.14 1.44 -9.64
CA ALA A 67 3.56 1.13 -10.99
C ALA A 67 2.38 0.50 -11.75
N GLN A 68 1.48 -0.17 -11.02
CA GLN A 68 0.30 -0.67 -11.61
C GLN A 68 -0.65 0.50 -11.85
N GLY A 69 -0.95 1.21 -10.78
CA GLY A 69 -1.90 2.27 -10.83
C GLY A 69 -1.89 3.09 -9.61
N MET A 70 -2.13 4.36 -9.78
CA MET A 70 -2.36 5.25 -8.66
C MET A 70 -3.69 4.83 -8.08
N ALA A 71 -4.54 4.37 -8.98
CA ALA A 71 -5.85 3.86 -8.63
C ALA A 71 -5.67 2.51 -7.96
N THR A 72 -4.71 1.74 -8.47
CA THR A 72 -4.34 0.47 -7.90
C THR A 72 -3.91 0.66 -6.44
N TRP A 73 -3.18 1.72 -6.16
CA TRP A 73 -2.76 2.04 -4.80
C TRP A 73 -3.98 2.27 -3.90
N LYS A 74 -4.89 3.14 -4.36
CA LYS A 74 -6.14 3.44 -3.63
C LYS A 74 -6.93 2.17 -3.34
N SER A 75 -7.04 1.34 -4.34
CA SER A 75 -7.73 0.11 -4.26
C SER A 75 -7.03 -0.87 -3.32
N PHE A 76 -5.72 -0.90 -3.38
CA PHE A 76 -4.90 -1.74 -2.54
C PHE A 76 -5.09 -1.38 -1.07
N ILE A 77 -5.03 -0.09 -0.77
CA ILE A 77 -5.20 0.37 0.61
C ILE A 77 -6.61 0.03 1.12
N ASN A 78 -7.57 0.05 0.21
CA ASN A 78 -8.95 -0.33 0.52
C ASN A 78 -9.00 -1.81 0.93
N ASP A 79 -8.21 -2.64 0.25
CA ASP A 79 -8.14 -4.06 0.58
C ASP A 79 -7.34 -4.26 1.84
N LEU A 80 -6.25 -3.56 1.93
CA LEU A 80 -5.30 -3.58 3.05
C LEU A 80 -6.08 -3.41 4.37
N CYS A 81 -6.86 -2.35 4.42
CA CYS A 81 -7.65 -2.02 5.59
C CYS A 81 -8.70 -3.11 5.87
N PHE A 82 -9.25 -3.69 4.82
CA PHE A 82 -10.29 -4.69 4.93
C PHE A 82 -9.72 -6.05 5.36
N GLU A 83 -8.75 -6.51 4.61
CA GLU A 83 -8.20 -7.85 4.76
C GLU A 83 -7.38 -8.00 6.03
N LEU A 84 -6.61 -6.99 6.37
CA LEU A 84 -5.82 -7.04 7.59
C LEU A 84 -6.67 -6.68 8.79
N ASP A 85 -7.88 -6.22 8.48
CA ASP A 85 -8.91 -5.82 9.43
C ASP A 85 -8.39 -4.86 10.48
N VAL A 86 -8.08 -3.69 10.04
CA VAL A 86 -7.60 -2.62 10.89
C VAL A 86 -8.32 -1.37 10.42
N PRO A 87 -9.15 -0.74 11.26
CA PRO A 87 -9.86 0.47 10.86
C PRO A 87 -8.87 1.61 10.72
N LEU A 88 -8.54 1.97 9.50
CA LEU A 88 -7.54 2.96 9.27
C LEU A 88 -8.12 4.33 9.41
N ASP A 89 -9.28 4.54 8.77
CA ASP A 89 -9.98 5.86 8.65
C ASP A 89 -9.20 6.79 7.71
N MET A 90 -7.92 6.82 7.90
CA MET A 90 -7.00 7.61 7.12
C MET A 90 -6.54 6.80 5.90
N GLU A 91 -7.45 6.07 5.27
CA GLU A 91 -7.06 5.23 4.13
C GLU A 91 -6.68 6.07 2.93
N ILE A 92 -7.48 7.06 2.62
CA ILE A 92 -7.25 8.00 1.51
C ILE A 92 -5.95 8.83 1.78
N PRO A 93 -5.71 9.35 3.01
CA PRO A 93 -4.38 9.89 3.38
C PRO A 93 -3.22 8.89 3.02
N LEU A 94 -3.48 7.58 3.21
CA LEU A 94 -2.54 6.53 2.78
C LEU A 94 -2.51 6.42 1.26
N VAL A 95 -3.68 6.52 0.62
CA VAL A 95 -3.80 6.41 -0.81
C VAL A 95 -3.06 7.58 -1.50
N SER A 96 -3.11 8.68 -0.84
CA SER A 96 -2.52 9.93 -1.24
C SER A 96 -0.98 9.85 -1.30
N ILE A 97 -0.37 8.89 -0.64
CA ILE A 97 1.06 8.84 -0.57
C ILE A 97 1.67 8.54 -1.94
N TRP A 98 0.92 7.84 -2.77
CA TRP A 98 1.33 7.58 -4.10
C TRP A 98 0.38 8.19 -5.09
N GLY A 99 0.67 9.40 -5.46
CA GLY A 99 -0.13 10.13 -6.39
C GLY A 99 0.69 11.21 -7.02
N PRO A 100 0.07 12.19 -7.68
CA PRO A 100 0.77 13.28 -8.36
C PRO A 100 1.18 14.42 -7.41
N ARG A 101 1.55 14.03 -6.20
CA ARG A 101 1.99 14.93 -5.12
C ARG A 101 1.13 16.20 -4.96
N GLY A 1 -18.36 3.08 8.31
CA GLY A 1 -17.77 4.30 7.77
C GLY A 1 -17.93 4.35 6.28
N PRO A 2 -18.77 5.26 5.75
CA PRO A 2 -19.01 5.37 4.32
C PRO A 2 -17.78 5.91 3.59
N LEU A 3 -17.25 5.12 2.69
CA LEU A 3 -16.09 5.52 1.94
C LEU A 3 -16.51 6.12 0.62
N GLY A 4 -16.28 7.39 0.48
CA GLY A 4 -16.62 8.08 -0.71
C GLY A 4 -15.56 9.07 -1.08
N SER A 5 -15.65 9.61 -2.29
CA SER A 5 -14.71 10.58 -2.82
C SER A 5 -13.31 9.99 -2.99
N MET A 6 -13.01 9.57 -4.18
CA MET A 6 -11.74 8.93 -4.48
C MET A 6 -10.62 9.98 -4.57
N ASP A 7 -11.03 11.23 -4.60
CA ASP A 7 -10.12 12.36 -4.65
C ASP A 7 -10.16 13.13 -3.35
N ALA A 8 -10.53 12.44 -2.29
CA ALA A 8 -10.52 13.03 -0.94
C ALA A 8 -9.08 13.10 -0.44
N GLU A 9 -8.25 12.41 -1.16
CA GLU A 9 -6.83 12.33 -0.95
C GLU A 9 -6.14 13.67 -1.14
N SER A 10 -6.71 14.47 -2.01
CA SER A 10 -6.26 15.81 -2.27
C SER A 10 -6.31 16.65 -0.99
N ILE A 11 -7.41 16.55 -0.33
CA ILE A 11 -7.73 17.28 0.82
C ILE A 11 -6.94 16.81 2.05
N ARG A 12 -6.81 15.52 2.22
CA ARG A 12 -6.11 14.95 3.35
C ARG A 12 -4.58 15.06 3.21
N LEU A 13 -4.12 14.95 1.97
CA LEU A 13 -2.71 14.93 1.61
C LEU A 13 -1.97 13.68 2.12
N ASN A 14 -0.74 13.55 1.68
CA ASN A 14 0.10 12.42 2.04
C ASN A 14 0.88 12.72 3.31
N ASN A 15 1.53 11.72 3.87
CA ASN A 15 2.29 11.86 5.10
C ASN A 15 3.32 10.74 5.22
N GLU A 16 4.55 11.11 5.58
CA GLU A 16 5.66 10.16 5.67
C GLU A 16 5.53 9.18 6.83
N ASN A 17 4.92 9.63 7.93
CA ASN A 17 4.70 8.74 9.08
C ASN A 17 3.77 7.62 8.68
N LEU A 18 2.81 7.94 7.82
CA LEU A 18 1.88 6.96 7.30
C LEU A 18 2.60 5.96 6.42
N TRP A 19 3.60 6.44 5.69
CA TRP A 19 4.40 5.57 4.85
C TRP A 19 5.20 4.61 5.71
N ALA A 20 5.81 5.13 6.77
CA ALA A 20 6.57 4.30 7.70
C ALA A 20 5.66 3.27 8.36
N TRP A 21 4.44 3.70 8.69
CA TRP A 21 3.40 2.83 9.22
C TRP A 21 3.13 1.69 8.24
N LEU A 22 2.92 2.05 6.98
CA LEU A 22 2.63 1.11 5.91
C LEU A 22 3.77 0.10 5.81
N VAL A 23 4.99 0.60 5.70
CA VAL A 23 6.17 -0.24 5.56
C VAL A 23 6.29 -1.26 6.71
N ARG A 24 6.21 -0.77 7.93
CA ARG A 24 6.44 -1.61 9.10
C ARG A 24 5.30 -2.57 9.34
N LEU A 25 4.09 -2.16 9.04
CA LEU A 25 2.93 -2.99 9.32
C LEU A 25 2.91 -4.13 8.32
N LEU A 26 3.11 -3.77 7.07
CA LEU A 26 3.11 -4.70 5.96
C LEU A 26 4.30 -5.67 6.08
N SER A 27 5.35 -5.23 6.78
CA SER A 27 6.50 -6.07 7.07
C SER A 27 6.08 -7.23 7.99
N LYS A 28 4.92 -7.09 8.62
CA LYS A 28 4.41 -8.08 9.50
C LYS A 28 3.34 -8.89 8.78
N ASN A 29 3.13 -8.55 7.50
CA ASN A 29 2.08 -9.16 6.68
C ASN A 29 2.69 -9.72 5.37
N PRO A 30 3.83 -10.46 5.39
CA PRO A 30 4.48 -10.87 4.14
C PRO A 30 3.65 -11.95 3.44
N GLU A 31 2.82 -12.58 4.22
CA GLU A 31 1.94 -13.61 3.77
C GLU A 31 0.78 -12.98 3.00
N TRP A 32 0.26 -11.89 3.55
CA TRP A 32 -0.87 -11.20 2.95
C TRP A 32 -0.42 -10.38 1.73
N LEU A 33 0.66 -9.63 1.92
CA LEU A 33 1.17 -8.68 0.96
C LEU A 33 1.48 -9.37 -0.38
N SER A 34 2.18 -10.48 -0.33
CA SER A 34 2.53 -11.25 -1.51
C SER A 34 1.27 -11.62 -2.32
N ALA A 35 0.27 -12.16 -1.64
CA ALA A 35 -1.03 -12.53 -2.20
C ALA A 35 -1.68 -11.38 -2.99
N LYS A 36 -1.67 -10.19 -2.42
CA LYS A 36 -2.23 -9.02 -3.08
C LYS A 36 -1.35 -8.58 -4.25
N LEU A 37 -0.06 -8.83 -4.14
CA LEU A 37 0.84 -8.55 -5.25
C LEU A 37 0.54 -9.49 -6.39
N ARG A 38 0.18 -10.73 -6.07
CA ARG A 38 -0.15 -11.74 -7.09
C ARG A 38 -1.33 -11.26 -7.95
N SER A 39 -2.21 -10.54 -7.31
CA SER A 39 -3.34 -9.96 -7.88
C SER A 39 -3.02 -8.73 -8.76
N PHE A 40 -2.25 -7.80 -8.21
CA PHE A 40 -1.91 -6.54 -8.89
C PHE A 40 -0.80 -6.70 -9.93
N LEU A 41 0.23 -7.41 -9.57
CA LEU A 41 1.39 -7.60 -10.39
C LEU A 41 1.22 -8.75 -11.35
N PRO A 42 1.48 -8.52 -12.63
CA PRO A 42 1.58 -9.59 -13.60
C PRO A 42 3.05 -10.06 -13.76
N THR A 43 3.97 -9.25 -13.29
CA THR A 43 5.41 -9.47 -13.40
C THR A 43 6.05 -9.70 -12.06
N MET A 44 5.24 -10.25 -11.15
CA MET A 44 5.55 -10.45 -9.74
C MET A 44 6.96 -10.87 -9.48
N ASP A 45 7.70 -9.98 -8.89
CA ASP A 45 9.02 -10.30 -8.39
C ASP A 45 8.95 -10.19 -6.88
N LEU A 46 8.05 -10.96 -6.34
CA LEU A 46 7.72 -10.92 -4.93
C LEU A 46 8.50 -11.99 -4.18
N ASP A 47 9.02 -12.93 -4.92
CA ASP A 47 9.79 -14.04 -4.37
C ASP A 47 11.24 -13.64 -4.19
N CYS A 48 11.53 -12.43 -4.60
CA CYS A 48 12.87 -11.87 -4.55
C CYS A 48 13.19 -11.31 -3.14
N SER A 49 12.77 -12.03 -2.12
CA SER A 49 13.02 -11.65 -0.78
C SER A 49 14.37 -12.24 -0.34
N TYR A 50 15.42 -11.59 -0.81
CA TYR A 50 16.80 -11.94 -0.46
C TYR A 50 17.06 -11.69 0.99
N GLU A 51 16.52 -10.66 1.42
CA GLU A 51 16.54 -10.21 2.72
C GLU A 51 15.11 -10.32 3.21
N PRO A 52 14.86 -10.34 4.52
CA PRO A 52 13.50 -10.42 5.07
C PRO A 52 12.69 -9.14 4.83
N SER A 53 11.92 -8.77 5.80
CA SER A 53 11.01 -7.64 5.73
C SER A 53 11.74 -6.27 5.85
N ASN A 54 12.90 -6.19 5.24
CA ASN A 54 13.68 -5.00 5.15
C ASN A 54 12.87 -3.91 4.44
N PRO A 55 13.00 -2.65 4.86
CA PRO A 55 12.22 -1.53 4.33
C PRO A 55 12.31 -1.39 2.79
N GLU A 56 13.49 -1.59 2.23
CA GLU A 56 13.68 -1.48 0.78
C GLU A 56 13.11 -2.68 0.08
N VAL A 57 13.13 -3.83 0.75
CA VAL A 57 12.56 -5.06 0.20
C VAL A 57 11.07 -4.88 0.08
N ILE A 58 10.50 -4.34 1.13
CA ILE A 58 9.10 -4.02 1.18
C ILE A 58 8.78 -2.94 0.14
N HIS A 59 9.58 -1.87 0.15
CA HIS A 59 9.41 -0.75 -0.79
C HIS A 59 9.43 -1.23 -2.24
N ARG A 60 10.25 -2.23 -2.53
CA ARG A 60 10.34 -2.84 -3.86
C ARG A 60 8.98 -3.41 -4.31
N GLN A 61 8.33 -4.08 -3.40
CA GLN A 61 7.07 -4.75 -3.66
C GLN A 61 5.96 -3.73 -3.81
N LEU A 62 6.04 -2.72 -3.00
CA LEU A 62 5.08 -1.62 -3.04
C LEU A 62 5.29 -0.76 -4.29
N ASN A 63 6.54 -0.69 -4.73
CA ASN A 63 6.95 0.00 -5.93
C ASN A 63 6.27 -0.61 -7.14
N ARG A 64 6.04 -1.89 -7.05
CA ARG A 64 5.36 -2.60 -8.08
C ARG A 64 3.88 -2.18 -8.17
N LEU A 65 3.29 -1.84 -7.04
CA LEU A 65 1.92 -1.35 -7.01
C LEU A 65 1.89 0.05 -7.57
N PHE A 66 2.93 0.80 -7.24
CA PHE A 66 3.18 2.13 -7.77
C PHE A 66 3.13 2.06 -9.30
N ALA A 67 3.77 1.04 -9.83
CA ALA A 67 3.85 0.81 -11.25
C ALA A 67 2.55 0.27 -11.87
N GLN A 68 1.62 -0.24 -11.05
CA GLN A 68 0.36 -0.71 -11.57
C GLN A 68 -0.60 0.45 -11.74
N GLY A 69 -0.66 1.31 -10.75
CA GLY A 69 -1.61 2.38 -10.78
C GLY A 69 -1.65 3.14 -9.52
N MET A 70 -1.84 4.44 -9.64
CA MET A 70 -2.10 5.27 -8.46
C MET A 70 -3.48 4.90 -7.98
N ALA A 71 -4.30 4.46 -8.93
CA ALA A 71 -5.64 4.01 -8.65
C ALA A 71 -5.54 2.61 -8.05
N THR A 72 -4.57 1.85 -8.51
CA THR A 72 -4.26 0.55 -7.97
C THR A 72 -3.83 0.69 -6.51
N TRP A 73 -3.11 1.76 -6.21
CA TRP A 73 -2.70 2.06 -4.85
C TRP A 73 -3.93 2.31 -3.99
N LYS A 74 -4.82 3.18 -4.46
CA LYS A 74 -6.08 3.47 -3.79
C LYS A 74 -6.88 2.19 -3.55
N SER A 75 -6.91 1.32 -4.53
CA SER A 75 -7.57 0.08 -4.44
C SER A 75 -6.92 -0.83 -3.39
N PHE A 76 -5.60 -0.93 -3.47
CA PHE A 76 -4.80 -1.75 -2.58
C PHE A 76 -4.99 -1.34 -1.14
N ILE A 77 -4.84 -0.06 -0.86
CA ILE A 77 -4.96 0.45 0.49
C ILE A 77 -6.39 0.27 1.01
N ASN A 78 -7.36 0.44 0.14
CA ASN A 78 -8.76 0.23 0.48
C ASN A 78 -8.97 -1.20 0.98
N ASP A 79 -8.42 -2.16 0.26
CA ASP A 79 -8.52 -3.54 0.67
C ASP A 79 -7.65 -3.81 1.87
N LEU A 80 -6.48 -3.22 1.90
CA LEU A 80 -5.47 -3.36 2.99
C LEU A 80 -6.14 -3.11 4.35
N CYS A 81 -6.77 -1.97 4.45
CA CYS A 81 -7.46 -1.55 5.68
C CYS A 81 -8.61 -2.50 6.04
N PHE A 82 -9.23 -3.06 5.01
CA PHE A 82 -10.32 -3.99 5.16
C PHE A 82 -9.82 -5.38 5.58
N GLU A 83 -8.87 -5.89 4.82
CA GLU A 83 -8.35 -7.24 4.97
C GLU A 83 -7.59 -7.43 6.27
N LEU A 84 -6.74 -6.48 6.63
CA LEU A 84 -6.01 -6.58 7.88
C LEU A 84 -6.90 -6.15 9.03
N ASP A 85 -8.03 -5.57 8.64
CA ASP A 85 -9.07 -5.09 9.53
C ASP A 85 -8.52 -4.09 10.54
N VAL A 86 -8.19 -2.94 10.05
CA VAL A 86 -7.62 -1.90 10.87
C VAL A 86 -8.48 -0.65 10.70
N PRO A 87 -9.30 -0.33 11.70
CA PRO A 87 -10.11 0.88 11.67
C PRO A 87 -9.28 2.12 11.95
N LEU A 88 -8.48 2.48 10.97
CA LEU A 88 -7.60 3.61 11.10
C LEU A 88 -8.17 4.90 10.53
N ASP A 89 -9.09 4.78 9.57
CA ASP A 89 -9.72 5.97 8.90
C ASP A 89 -8.68 6.77 8.14
N MET A 90 -7.57 6.14 7.89
CA MET A 90 -6.43 6.75 7.23
C MET A 90 -6.21 6.11 5.89
N GLU A 91 -7.22 5.43 5.40
CA GLU A 91 -7.11 4.68 4.17
C GLU A 91 -6.79 5.61 2.98
N ILE A 92 -7.62 6.61 2.77
CA ILE A 92 -7.43 7.59 1.69
C ILE A 92 -6.14 8.45 1.96
N PRO A 93 -5.86 8.93 3.19
CA PRO A 93 -4.54 9.53 3.52
C PRO A 93 -3.36 8.64 3.03
N LEU A 94 -3.49 7.33 3.21
CA LEU A 94 -2.54 6.35 2.70
C LEU A 94 -2.61 6.26 1.17
N VAL A 95 -3.81 6.39 0.61
CA VAL A 95 -4.00 6.33 -0.81
C VAL A 95 -3.36 7.56 -1.48
N SER A 96 -3.45 8.65 -0.77
CA SER A 96 -2.92 9.96 -1.15
C SER A 96 -1.42 9.90 -1.36
N ILE A 97 -0.79 8.95 -0.67
CA ILE A 97 0.61 8.67 -0.79
C ILE A 97 1.02 8.52 -2.25
N TRP A 98 0.27 7.76 -2.98
CA TRP A 98 0.56 7.58 -4.35
C TRP A 98 -0.65 7.94 -5.18
N GLY A 99 -0.73 9.21 -5.42
CA GLY A 99 -1.76 9.76 -6.21
C GLY A 99 -1.14 10.50 -7.37
N PRO A 100 -1.80 11.53 -7.89
CA PRO A 100 -1.30 12.31 -9.02
C PRO A 100 0.04 12.98 -8.72
N ARG A 101 0.80 13.19 -9.79
CA ARG A 101 2.08 13.83 -9.79
C ARG A 101 3.12 13.06 -8.96
N GLY A 1 -15.68 8.12 7.79
CA GLY A 1 -16.03 9.53 7.70
C GLY A 1 -16.76 9.82 6.41
N PRO A 2 -17.79 10.68 6.43
CA PRO A 2 -18.58 10.99 5.25
C PRO A 2 -17.84 11.89 4.26
N LEU A 3 -17.25 11.27 3.27
CA LEU A 3 -16.54 11.98 2.23
C LEU A 3 -17.39 12.01 0.98
N GLY A 4 -17.43 13.15 0.34
CA GLY A 4 -18.20 13.29 -0.88
C GLY A 4 -17.35 13.00 -2.10
N SER A 5 -16.07 13.03 -1.92
CA SER A 5 -15.15 12.77 -2.99
C SER A 5 -14.02 11.87 -2.50
N MET A 6 -13.34 11.27 -3.43
CA MET A 6 -12.21 10.41 -3.16
C MET A 6 -10.94 11.25 -3.31
N ASP A 7 -11.14 12.43 -3.90
CA ASP A 7 -10.07 13.38 -4.29
C ASP A 7 -9.41 14.14 -3.14
N ALA A 8 -9.42 13.59 -1.96
CA ALA A 8 -8.75 14.26 -0.82
C ALA A 8 -7.25 14.01 -0.92
N GLU A 9 -6.94 13.03 -1.71
CA GLU A 9 -5.58 12.59 -2.00
C GLU A 9 -4.76 13.64 -2.76
N SER A 10 -5.44 14.42 -3.56
CA SER A 10 -4.83 15.51 -4.30
C SER A 10 -4.22 16.55 -3.35
N ILE A 11 -4.80 16.62 -2.19
CA ILE A 11 -4.52 17.58 -1.18
C ILE A 11 -3.35 17.14 -0.26
N ARG A 12 -3.20 15.83 -0.07
CA ARG A 12 -2.26 15.31 0.90
C ARG A 12 -0.82 15.16 0.35
N LEU A 13 -0.71 14.74 -0.90
CA LEU A 13 0.57 14.58 -1.64
C LEU A 13 1.57 13.53 -1.10
N ASN A 14 1.91 13.56 0.18
CA ASN A 14 2.98 12.66 0.68
C ASN A 14 2.58 11.81 1.86
N ASN A 15 2.61 12.41 3.05
CA ASN A 15 2.34 11.72 4.32
C ASN A 15 3.45 10.70 4.64
N GLU A 16 4.51 11.19 5.25
CA GLU A 16 5.68 10.39 5.59
C GLU A 16 5.43 9.40 6.74
N ASN A 17 4.82 9.88 7.82
CA ASN A 17 4.61 9.04 9.03
C ASN A 17 3.74 7.83 8.73
N LEU A 18 2.82 8.00 7.82
CA LEU A 18 1.95 6.91 7.40
C LEU A 18 2.72 5.80 6.71
N TRP A 19 3.77 6.18 6.00
CA TRP A 19 4.63 5.22 5.32
C TRP A 19 5.34 4.34 6.35
N ALA A 20 5.76 4.93 7.45
CA ALA A 20 6.43 4.19 8.51
C ALA A 20 5.47 3.19 9.15
N TRP A 21 4.21 3.63 9.32
CA TRP A 21 3.15 2.76 9.83
C TRP A 21 3.01 1.57 8.90
N LEU A 22 2.90 1.87 7.62
CA LEU A 22 2.69 0.88 6.59
C LEU A 22 3.84 -0.11 6.54
N VAL A 23 5.07 0.40 6.43
CA VAL A 23 6.28 -0.42 6.36
C VAL A 23 6.36 -1.42 7.51
N ARG A 24 6.22 -0.94 8.73
CA ARG A 24 6.37 -1.78 9.91
C ARG A 24 5.23 -2.77 10.04
N LEU A 25 4.05 -2.38 9.60
CA LEU A 25 2.88 -3.22 9.73
C LEU A 25 3.00 -4.33 8.71
N LEU A 26 3.32 -3.96 7.50
CA LEU A 26 3.46 -4.86 6.37
C LEU A 26 4.63 -5.78 6.54
N SER A 27 5.60 -5.34 7.33
CA SER A 27 6.73 -6.16 7.68
C SER A 27 6.24 -7.37 8.48
N LYS A 28 5.00 -7.30 8.98
CA LYS A 28 4.42 -8.36 9.72
C LYS A 28 3.47 -9.17 8.82
N ASN A 29 3.29 -8.72 7.58
CA ASN A 29 2.38 -9.37 6.63
C ASN A 29 2.98 -9.55 5.23
N PRO A 30 4.22 -10.09 5.11
CA PRO A 30 4.88 -10.18 3.81
C PRO A 30 4.25 -11.27 2.95
N GLU A 31 3.60 -12.20 3.61
CA GLU A 31 2.98 -13.33 2.94
C GLU A 31 1.70 -12.86 2.27
N TRP A 32 0.87 -12.18 3.05
CA TRP A 32 -0.37 -11.59 2.55
C TRP A 32 -0.05 -10.57 1.47
N LEU A 33 0.96 -9.75 1.72
CA LEU A 33 1.36 -8.70 0.81
C LEU A 33 1.73 -9.30 -0.54
N SER A 34 2.44 -10.40 -0.51
CA SER A 34 2.81 -11.11 -1.72
C SER A 34 1.55 -11.62 -2.47
N ALA A 35 0.66 -12.28 -1.76
CA ALA A 35 -0.63 -12.73 -2.29
C ALA A 35 -1.41 -11.57 -2.93
N LYS A 36 -1.37 -10.40 -2.33
CA LYS A 36 -2.02 -9.24 -2.91
C LYS A 36 -1.26 -8.70 -4.10
N LEU A 37 0.07 -8.80 -4.08
CA LEU A 37 0.91 -8.44 -5.22
C LEU A 37 0.52 -9.26 -6.43
N ARG A 38 0.13 -10.51 -6.22
CA ARG A 38 -0.26 -11.41 -7.32
C ARG A 38 -1.43 -10.82 -8.10
N SER A 39 -2.35 -10.22 -7.36
CA SER A 39 -3.56 -9.66 -7.90
C SER A 39 -3.27 -8.39 -8.68
N PHE A 40 -2.35 -7.62 -8.18
CA PHE A 40 -2.01 -6.33 -8.77
C PHE A 40 -0.91 -6.43 -9.83
N LEU A 41 0.18 -7.08 -9.48
CA LEU A 41 1.31 -7.25 -10.36
C LEU A 41 1.07 -8.36 -11.33
N PRO A 42 1.26 -8.09 -12.61
CA PRO A 42 1.10 -9.10 -13.65
C PRO A 42 2.23 -10.12 -13.64
N THR A 43 3.35 -9.73 -13.07
CA THR A 43 4.54 -10.56 -13.05
C THR A 43 4.87 -11.13 -11.67
N MET A 44 4.51 -10.38 -10.65
CA MET A 44 4.80 -10.67 -9.22
C MET A 44 6.20 -11.22 -8.91
N ASP A 45 7.12 -10.33 -8.59
CA ASP A 45 8.49 -10.71 -8.21
C ASP A 45 8.59 -10.69 -6.68
N LEU A 46 7.73 -11.45 -6.10
CA LEU A 46 7.55 -11.47 -4.67
C LEU A 46 8.40 -12.53 -3.99
N ASP A 47 8.89 -13.46 -4.76
CA ASP A 47 9.66 -14.57 -4.19
C ASP A 47 11.13 -14.21 -4.11
N CYS A 48 11.45 -13.02 -4.55
CA CYS A 48 12.80 -12.55 -4.52
C CYS A 48 13.13 -12.02 -3.12
N SER A 49 13.23 -12.92 -2.18
CA SER A 49 13.54 -12.56 -0.83
C SER A 49 15.04 -12.67 -0.61
N TYR A 50 15.73 -11.62 -1.00
CA TYR A 50 17.17 -11.49 -0.82
C TYR A 50 17.48 -11.01 0.57
N GLU A 51 16.57 -10.31 1.07
CA GLU A 51 16.53 -9.78 2.33
C GLU A 51 15.14 -10.08 2.84
N PRO A 52 14.87 -9.92 4.14
CA PRO A 52 13.53 -10.11 4.66
C PRO A 52 12.64 -8.91 4.33
N SER A 53 11.70 -8.64 5.19
CA SER A 53 10.73 -7.55 5.02
C SER A 53 11.33 -6.15 5.30
N ASN A 54 12.58 -5.97 4.88
CA ASN A 54 13.34 -4.74 5.00
C ASN A 54 12.63 -3.57 4.32
N PRO A 55 12.85 -2.34 4.83
CA PRO A 55 12.15 -1.13 4.33
C PRO A 55 12.25 -0.93 2.82
N GLU A 56 13.44 -1.13 2.26
CA GLU A 56 13.64 -0.92 0.84
C GLU A 56 13.03 -2.03 0.04
N VAL A 57 12.97 -3.21 0.64
CA VAL A 57 12.35 -4.36 0.02
C VAL A 57 10.87 -4.05 -0.10
N ILE A 58 10.29 -3.66 1.03
CA ILE A 58 8.89 -3.26 1.13
C ILE A 58 8.61 -2.13 0.13
N HIS A 59 9.46 -1.13 0.13
CA HIS A 59 9.35 0.04 -0.75
C HIS A 59 9.23 -0.39 -2.22
N ARG A 60 9.99 -1.36 -2.59
CA ARG A 60 10.00 -1.89 -3.93
C ARG A 60 8.70 -2.60 -4.25
N GLN A 61 8.21 -3.35 -3.30
CA GLN A 61 7.00 -4.14 -3.45
C GLN A 61 5.79 -3.25 -3.52
N LEU A 62 5.79 -2.24 -2.73
CA LEU A 62 4.66 -1.32 -2.69
C LEU A 62 4.70 -0.37 -3.88
N ASN A 63 5.91 -0.07 -4.33
CA ASN A 63 6.16 0.70 -5.55
C ASN A 63 5.46 0.08 -6.73
N ARG A 64 5.61 -1.22 -6.82
CA ARG A 64 5.02 -2.03 -7.87
C ARG A 64 3.51 -1.83 -7.97
N LEU A 65 2.86 -1.59 -6.85
CA LEU A 65 1.44 -1.34 -6.82
C LEU A 65 1.10 0.02 -7.39
N PHE A 66 1.89 1.01 -7.02
CA PHE A 66 1.71 2.37 -7.50
C PHE A 66 1.96 2.42 -9.00
N ALA A 67 2.86 1.57 -9.45
CA ALA A 67 3.17 1.44 -10.86
C ALA A 67 2.02 0.79 -11.63
N GLN A 68 1.17 0.00 -10.94
CA GLN A 68 0.02 -0.58 -11.56
C GLN A 68 -1.02 0.51 -11.74
N GLY A 69 -1.08 1.38 -10.77
CA GLY A 69 -2.05 2.41 -10.75
C GLY A 69 -2.04 3.11 -9.44
N MET A 70 -2.16 4.40 -9.48
CA MET A 70 -2.35 5.16 -8.26
C MET A 70 -3.74 4.84 -7.77
N ALA A 71 -4.59 4.49 -8.73
CA ALA A 71 -5.93 4.05 -8.47
C ALA A 71 -5.87 2.64 -7.90
N THR A 72 -4.93 1.84 -8.42
CA THR A 72 -4.65 0.52 -7.92
C THR A 72 -4.23 0.61 -6.45
N TRP A 73 -3.41 1.59 -6.14
CA TRP A 73 -2.97 1.82 -4.78
C TRP A 73 -4.17 2.13 -3.87
N LYS A 74 -5.06 3.01 -4.33
CA LYS A 74 -6.30 3.33 -3.61
C LYS A 74 -7.08 2.07 -3.28
N SER A 75 -7.23 1.20 -4.27
CA SER A 75 -7.90 -0.03 -4.14
C SER A 75 -7.17 -0.97 -3.17
N PHE A 76 -5.86 -1.02 -3.29
CA PHE A 76 -5.02 -1.84 -2.44
C PHE A 76 -5.20 -1.48 -0.98
N ILE A 77 -5.11 -0.19 -0.67
CA ILE A 77 -5.22 0.28 0.71
C ILE A 77 -6.58 -0.08 1.33
N ASN A 78 -7.61 -0.08 0.49
CA ASN A 78 -8.93 -0.50 0.91
C ASN A 78 -8.90 -1.92 1.43
N ASP A 79 -8.28 -2.77 0.64
CA ASP A 79 -8.17 -4.19 0.95
C ASP A 79 -7.19 -4.41 2.08
N LEU A 80 -6.12 -3.67 2.06
CA LEU A 80 -5.05 -3.69 3.08
C LEU A 80 -5.67 -3.53 4.47
N CYS A 81 -6.44 -2.48 4.64
CA CYS A 81 -7.07 -2.20 5.91
C CYS A 81 -8.09 -3.28 6.25
N PHE A 82 -8.83 -3.69 5.24
CA PHE A 82 -9.90 -4.68 5.38
C PHE A 82 -9.35 -6.05 5.79
N GLU A 83 -8.35 -6.49 5.09
CA GLU A 83 -7.82 -7.83 5.24
C GLU A 83 -6.87 -7.95 6.43
N LEU A 84 -6.36 -6.84 6.92
CA LEU A 84 -5.44 -6.89 8.05
C LEU A 84 -6.11 -6.48 9.35
N ASP A 85 -6.96 -5.49 9.30
CA ASP A 85 -7.53 -4.94 10.49
C ASP A 85 -9.01 -4.69 10.23
N VAL A 86 -9.58 -3.73 10.89
CA VAL A 86 -10.95 -3.33 10.66
C VAL A 86 -10.92 -2.03 9.88
N PRO A 87 -12.03 -1.57 9.30
CA PRO A 87 -12.05 -0.30 8.59
C PRO A 87 -11.95 0.88 9.55
N LEU A 88 -10.72 1.26 9.88
CA LEU A 88 -10.46 2.36 10.74
C LEU A 88 -10.62 3.70 10.01
N ASP A 89 -10.69 3.60 8.69
CA ASP A 89 -10.96 4.69 7.75
C ASP A 89 -10.06 5.92 7.88
N MET A 90 -8.94 5.81 7.25
CA MET A 90 -8.00 6.90 7.00
C MET A 90 -7.22 6.45 5.79
N GLU A 91 -7.95 5.73 4.99
CA GLU A 91 -7.51 5.03 3.83
C GLU A 91 -6.90 5.98 2.79
N ILE A 92 -7.61 7.04 2.44
CA ILE A 92 -7.17 8.00 1.42
C ILE A 92 -5.82 8.67 1.81
N PRO A 93 -5.62 9.14 3.07
CA PRO A 93 -4.31 9.58 3.54
C PRO A 93 -3.20 8.55 3.19
N LEU A 94 -3.53 7.27 3.29
CA LEU A 94 -2.63 6.19 2.89
C LEU A 94 -2.56 6.05 1.36
N VAL A 95 -3.68 6.30 0.67
CA VAL A 95 -3.75 6.19 -0.76
C VAL A 95 -2.91 7.29 -1.43
N SER A 96 -2.85 8.36 -0.76
CA SER A 96 -2.17 9.56 -1.17
C SER A 96 -0.68 9.51 -0.85
N ILE A 97 -0.23 8.42 -0.31
CA ILE A 97 1.11 8.27 0.23
C ILE A 97 2.24 8.47 -0.83
N TRP A 98 1.96 8.20 -2.09
CA TRP A 98 2.97 8.35 -3.13
C TRP A 98 2.80 9.64 -3.90
N GLY A 99 1.61 10.18 -3.87
CA GLY A 99 1.28 11.32 -4.69
C GLY A 99 0.53 10.86 -5.92
N PRO A 100 -0.76 10.50 -5.77
CA PRO A 100 -1.56 9.91 -6.85
C PRO A 100 -1.81 10.85 -8.01
N ARG A 101 -1.24 10.52 -9.14
CA ARG A 101 -1.41 11.22 -10.34
C ARG A 101 -1.12 10.26 -11.46
N GLY A 1 -17.52 7.15 3.85
CA GLY A 1 -17.59 8.40 4.59
C GLY A 1 -17.94 9.54 3.66
N PRO A 2 -17.87 10.80 4.13
CA PRO A 2 -18.22 11.96 3.32
C PRO A 2 -17.29 12.14 2.11
N LEU A 3 -15.99 12.03 2.36
CA LEU A 3 -14.98 12.17 1.31
C LEU A 3 -15.03 10.98 0.36
N GLY A 4 -15.67 11.17 -0.75
CA GLY A 4 -15.78 10.12 -1.74
C GLY A 4 -14.69 10.26 -2.77
N SER A 5 -14.15 11.45 -2.88
CA SER A 5 -13.09 11.76 -3.80
C SER A 5 -11.82 10.98 -3.45
N MET A 6 -11.41 10.10 -4.34
CA MET A 6 -10.22 9.32 -4.13
C MET A 6 -9.01 10.03 -4.68
N ASP A 7 -9.24 11.20 -5.19
CA ASP A 7 -8.20 12.07 -5.71
C ASP A 7 -7.95 13.22 -4.78
N ALA A 8 -8.25 13.02 -3.52
CA ALA A 8 -7.94 14.01 -2.50
C ALA A 8 -6.46 13.94 -2.16
N GLU A 9 -5.86 12.82 -2.53
CA GLU A 9 -4.46 12.47 -2.27
C GLU A 9 -3.43 13.51 -2.72
N SER A 10 -3.66 14.09 -3.85
CA SER A 10 -2.84 15.14 -4.42
C SER A 10 -2.77 16.34 -3.46
N ILE A 11 -3.89 16.64 -2.89
CA ILE A 11 -4.07 17.74 -2.02
C ILE A 11 -3.72 17.38 -0.56
N ARG A 12 -4.05 16.17 -0.17
CA ARG A 12 -3.88 15.68 1.18
C ARG A 12 -2.43 15.40 1.57
N LEU A 13 -1.71 14.66 0.72
CA LEU A 13 -0.37 14.16 1.03
C LEU A 13 -0.43 13.19 2.22
N ASN A 14 0.72 12.82 2.77
CA ASN A 14 0.72 11.87 3.90
C ASN A 14 1.73 12.28 4.95
N ASN A 15 1.79 11.50 6.01
CA ASN A 15 2.67 11.72 7.13
C ASN A 15 3.68 10.56 7.17
N GLU A 16 4.91 10.85 7.57
CA GLU A 16 5.98 9.86 7.64
C GLU A 16 5.64 8.77 8.68
N ASN A 17 4.89 9.15 9.72
CA ASN A 17 4.43 8.22 10.76
C ASN A 17 3.58 7.14 10.11
N LEU A 18 2.79 7.57 9.15
CA LEU A 18 1.87 6.74 8.43
C LEU A 18 2.64 5.82 7.47
N TRP A 19 3.71 6.36 6.87
CA TRP A 19 4.60 5.59 6.01
C TRP A 19 5.23 4.46 6.80
N ALA A 20 5.82 4.82 7.94
CA ALA A 20 6.45 3.86 8.81
C ALA A 20 5.45 2.82 9.30
N TRP A 21 4.22 3.28 9.59
CA TRP A 21 3.15 2.40 10.01
C TRP A 21 2.82 1.36 8.93
N LEU A 22 2.61 1.84 7.71
CA LEU A 22 2.27 0.98 6.58
C LEU A 22 3.40 -0.03 6.34
N VAL A 23 4.61 0.48 6.27
CA VAL A 23 5.78 -0.35 6.03
C VAL A 23 5.99 -1.38 7.14
N ARG A 24 5.89 -0.94 8.38
CA ARG A 24 6.14 -1.80 9.52
C ARG A 24 5.07 -2.87 9.68
N LEU A 25 3.83 -2.48 9.49
CA LEU A 25 2.71 -3.38 9.67
C LEU A 25 2.75 -4.47 8.57
N LEU A 26 3.01 -4.06 7.36
CA LEU A 26 3.13 -4.99 6.24
C LEU A 26 4.37 -5.83 6.34
N SER A 27 5.37 -5.33 7.05
CA SER A 27 6.61 -6.04 7.29
C SER A 27 6.33 -7.21 8.26
N LYS A 28 5.15 -7.18 8.89
CA LYS A 28 4.76 -8.22 9.77
C LYS A 28 3.80 -9.15 9.07
N ASN A 29 3.44 -8.77 7.86
CA ASN A 29 2.45 -9.49 7.07
C ASN A 29 2.89 -9.62 5.63
N PRO A 30 4.12 -10.13 5.35
CA PRO A 30 4.61 -10.24 3.98
C PRO A 30 3.85 -11.35 3.29
N GLU A 31 3.32 -12.21 4.11
CA GLU A 31 2.57 -13.34 3.72
C GLU A 31 1.20 -12.91 3.20
N TRP A 32 0.61 -11.87 3.82
CA TRP A 32 -0.62 -11.34 3.28
C TRP A 32 -0.31 -10.51 2.05
N LEU A 33 0.72 -9.70 2.18
CA LEU A 33 1.13 -8.75 1.16
C LEU A 33 1.40 -9.42 -0.17
N SER A 34 2.17 -10.48 -0.15
CA SER A 34 2.51 -11.23 -1.36
C SER A 34 1.25 -11.70 -2.11
N ALA A 35 0.23 -12.08 -1.35
CA ALA A 35 -1.02 -12.55 -1.92
C ALA A 35 -1.73 -11.40 -2.64
N LYS A 36 -1.66 -10.22 -2.06
CA LYS A 36 -2.24 -9.05 -2.69
C LYS A 36 -1.39 -8.55 -3.82
N LEU A 37 -0.08 -8.62 -3.65
CA LEU A 37 0.85 -8.24 -4.70
C LEU A 37 0.54 -8.99 -5.96
N ARG A 38 0.40 -10.30 -5.87
CA ARG A 38 0.15 -11.10 -7.08
C ARG A 38 -1.18 -10.80 -7.73
N SER A 39 -2.11 -10.42 -6.94
CA SER A 39 -3.38 -10.08 -7.36
C SER A 39 -3.39 -8.75 -8.15
N PHE A 40 -2.39 -7.94 -7.91
CA PHE A 40 -2.18 -6.67 -8.60
C PHE A 40 -1.12 -6.77 -9.70
N LEU A 41 -0.04 -7.42 -9.37
CA LEU A 41 1.07 -7.64 -10.27
C LEU A 41 0.74 -8.76 -11.26
N PRO A 42 0.78 -8.45 -12.56
CA PRO A 42 0.40 -9.40 -13.62
C PRO A 42 1.33 -10.63 -13.68
N THR A 43 2.60 -10.44 -13.38
CA THR A 43 3.57 -11.52 -13.45
C THR A 43 4.13 -11.87 -12.07
N MET A 44 3.73 -11.07 -11.09
CA MET A 44 4.21 -11.12 -9.68
C MET A 44 5.71 -11.34 -9.51
N ASP A 45 6.44 -10.25 -9.42
CA ASP A 45 7.87 -10.33 -9.20
C ASP A 45 8.14 -10.05 -7.73
N LEU A 46 7.54 -10.88 -6.90
CA LEU A 46 7.60 -10.72 -5.45
C LEU A 46 8.68 -11.58 -4.81
N ASP A 47 9.32 -12.38 -5.60
CA ASP A 47 10.32 -13.32 -5.12
C ASP A 47 11.67 -12.62 -4.91
N CYS A 48 11.77 -11.44 -5.44
CA CYS A 48 12.96 -10.65 -5.29
C CYS A 48 13.03 -10.06 -3.89
N SER A 49 13.65 -10.76 -3.00
CA SER A 49 13.77 -10.35 -1.64
C SER A 49 15.17 -10.73 -1.15
N TYR A 50 16.12 -9.92 -1.58
CA TYR A 50 17.55 -10.06 -1.25
C TYR A 50 17.82 -9.94 0.21
N GLU A 51 17.00 -9.23 0.81
CA GLU A 51 16.98 -8.98 2.18
C GLU A 51 15.62 -9.43 2.68
N PRO A 52 15.38 -9.51 4.00
CA PRO A 52 14.05 -9.79 4.52
C PRO A 52 13.07 -8.61 4.25
N SER A 53 12.02 -8.52 5.05
CA SER A 53 10.94 -7.53 4.87
C SER A 53 11.34 -6.10 5.31
N ASN A 54 12.57 -5.75 4.99
CA ASN A 54 13.18 -4.48 5.25
C ASN A 54 12.38 -3.35 4.60
N PRO A 55 12.40 -2.15 5.20
CA PRO A 55 11.69 -0.95 4.71
C PRO A 55 11.87 -0.68 3.19
N GLU A 56 13.10 -0.78 2.71
CA GLU A 56 13.39 -0.53 1.30
C GLU A 56 12.92 -1.67 0.43
N VAL A 57 12.85 -2.84 1.02
CA VAL A 57 12.39 -4.01 0.33
C VAL A 57 10.88 -3.92 0.17
N ILE A 58 10.22 -3.58 1.27
CA ILE A 58 8.78 -3.36 1.31
C ILE A 58 8.40 -2.24 0.34
N HIS A 59 9.21 -1.19 0.33
CA HIS A 59 9.01 -0.03 -0.54
C HIS A 59 8.92 -0.48 -2.00
N ARG A 60 9.83 -1.32 -2.41
CA ARG A 60 9.88 -1.84 -3.78
C ARG A 60 8.58 -2.57 -4.13
N GLN A 61 8.12 -3.36 -3.19
CA GLN A 61 6.92 -4.18 -3.36
C GLN A 61 5.68 -3.33 -3.47
N LEU A 62 5.57 -2.38 -2.61
CA LEU A 62 4.40 -1.51 -2.58
C LEU A 62 4.40 -0.51 -3.71
N ASN A 63 5.58 -0.12 -4.13
CA ASN A 63 5.78 0.80 -5.22
C ASN A 63 5.25 0.20 -6.51
N ARG A 64 5.46 -1.10 -6.65
CA ARG A 64 5.04 -1.86 -7.72
C ARG A 64 3.50 -1.82 -7.89
N LEU A 65 2.78 -1.65 -6.79
CA LEU A 65 1.33 -1.52 -6.86
C LEU A 65 0.95 -0.19 -7.47
N PHE A 66 1.71 0.83 -7.12
CA PHE A 66 1.51 2.15 -7.67
C PHE A 66 1.91 2.14 -9.15
N ALA A 67 2.87 1.30 -9.48
CA ALA A 67 3.30 1.10 -10.85
C ALA A 67 2.21 0.42 -11.68
N GLN A 68 1.33 -0.35 -11.01
CA GLN A 68 0.21 -0.93 -11.68
C GLN A 68 -0.76 0.19 -11.98
N GLY A 69 -1.02 0.99 -10.98
CA GLY A 69 -1.95 2.05 -11.07
C GLY A 69 -1.96 2.85 -9.83
N MET A 70 -2.06 4.16 -9.96
CA MET A 70 -2.25 5.00 -8.80
C MET A 70 -3.62 4.66 -8.25
N ALA A 71 -4.48 4.26 -9.17
CA ALA A 71 -5.82 3.84 -8.88
C ALA A 71 -5.78 2.45 -8.28
N THR A 72 -4.86 1.63 -8.77
CA THR A 72 -4.61 0.31 -8.26
C THR A 72 -4.25 0.38 -6.78
N TRP A 73 -3.43 1.37 -6.41
CA TRP A 73 -3.07 1.58 -5.02
C TRP A 73 -4.32 1.93 -4.18
N LYS A 74 -5.10 2.89 -4.67
CA LYS A 74 -6.35 3.30 -4.05
C LYS A 74 -7.30 2.11 -3.84
N SER A 75 -7.28 1.18 -4.78
CA SER A 75 -8.05 0.00 -4.69
C SER A 75 -7.45 -0.93 -3.61
N PHE A 76 -6.14 -1.15 -3.71
CA PHE A 76 -5.38 -1.98 -2.76
C PHE A 76 -5.64 -1.60 -1.33
N ILE A 77 -5.56 -0.31 -1.05
CA ILE A 77 -5.75 0.20 0.30
C ILE A 77 -7.12 -0.18 0.88
N ASN A 78 -8.13 -0.19 0.06
CA ASN A 78 -9.49 -0.54 0.49
C ASN A 78 -9.55 -2.00 0.92
N ASP A 79 -8.78 -2.83 0.26
CA ASP A 79 -8.64 -4.23 0.61
C ASP A 79 -7.72 -4.38 1.81
N LEU A 80 -6.63 -3.64 1.78
CA LEU A 80 -5.58 -3.60 2.83
C LEU A 80 -6.20 -3.40 4.20
N CYS A 81 -7.00 -2.34 4.31
CA CYS A 81 -7.63 -1.99 5.56
C CYS A 81 -8.63 -3.06 6.00
N PHE A 82 -9.25 -3.68 5.03
CA PHE A 82 -10.26 -4.70 5.25
C PHE A 82 -9.64 -6.03 5.68
N GLU A 83 -8.72 -6.51 4.88
CA GLU A 83 -8.18 -7.85 5.04
C GLU A 83 -7.29 -8.01 6.25
N LEU A 84 -6.61 -6.95 6.61
CA LEU A 84 -5.73 -7.02 7.75
C LEU A 84 -6.49 -7.02 9.05
N ASP A 85 -7.40 -6.08 9.20
CA ASP A 85 -8.14 -5.94 10.44
C ASP A 85 -9.41 -5.12 10.21
N VAL A 86 -9.34 -3.86 10.51
CA VAL A 86 -10.41 -2.90 10.26
C VAL A 86 -9.71 -1.64 9.80
N PRO A 87 -10.43 -0.65 9.20
CA PRO A 87 -9.87 0.64 8.84
C PRO A 87 -8.98 1.21 9.94
N LEU A 88 -7.69 1.19 9.69
CA LEU A 88 -6.67 1.61 10.64
C LEU A 88 -6.46 3.12 10.64
N ASP A 89 -7.08 3.77 9.69
CA ASP A 89 -7.08 5.22 9.54
C ASP A 89 -8.03 5.44 8.38
N MET A 90 -7.99 6.56 7.74
CA MET A 90 -8.85 6.82 6.62
C MET A 90 -8.13 6.27 5.38
N GLU A 91 -8.88 5.68 4.49
CA GLU A 91 -8.39 5.01 3.28
C GLU A 91 -7.44 5.90 2.44
N ILE A 92 -7.89 7.08 2.12
CA ILE A 92 -7.20 7.98 1.19
C ILE A 92 -5.82 8.45 1.72
N PRO A 93 -5.64 8.88 2.99
CA PRO A 93 -4.27 9.18 3.53
C PRO A 93 -3.26 8.03 3.25
N LEU A 94 -3.77 6.81 3.30
CA LEU A 94 -2.99 5.61 2.98
C LEU A 94 -2.75 5.56 1.46
N VAL A 95 -3.74 5.99 0.69
CA VAL A 95 -3.64 6.05 -0.73
C VAL A 95 -2.65 7.18 -1.15
N SER A 96 -2.71 8.22 -0.38
CA SER A 96 -1.91 9.42 -0.46
C SER A 96 -0.45 9.20 -0.06
N ILE A 97 -0.08 7.95 0.19
CA ILE A 97 1.24 7.62 0.66
C ILE A 97 2.30 7.92 -0.42
N TRP A 98 1.90 7.84 -1.65
CA TRP A 98 2.76 8.08 -2.76
C TRP A 98 1.91 8.28 -3.98
N GLY A 99 2.00 9.43 -4.52
CA GLY A 99 1.29 9.80 -5.70
C GLY A 99 1.60 11.24 -5.99
N PRO A 100 2.85 11.54 -6.41
CA PRO A 100 3.32 12.90 -6.61
C PRO A 100 2.61 13.59 -7.76
N ARG A 101 1.64 14.35 -7.43
CA ARG A 101 0.84 15.06 -8.33
C ARG A 101 0.54 16.38 -7.71
N GLY A 1 -14.39 10.61 5.26
CA GLY A 1 -13.89 9.57 4.37
C GLY A 1 -14.28 9.87 2.97
N PRO A 2 -14.54 8.84 2.13
CA PRO A 2 -15.00 9.03 0.75
C PRO A 2 -16.31 9.85 0.69
N LEU A 3 -16.21 11.07 0.21
CA LEU A 3 -17.33 11.99 0.11
C LEU A 3 -17.87 12.01 -1.32
N GLY A 4 -17.01 11.77 -2.28
CA GLY A 4 -17.40 11.78 -3.67
C GLY A 4 -16.24 12.07 -4.59
N SER A 5 -15.50 13.11 -4.27
CA SER A 5 -14.33 13.45 -5.02
C SER A 5 -13.17 12.64 -4.51
N MET A 6 -12.56 11.88 -5.39
CA MET A 6 -11.47 11.00 -4.99
C MET A 6 -10.22 11.82 -4.63
N ASP A 7 -10.26 13.10 -4.96
CA ASP A 7 -9.19 14.07 -4.66
C ASP A 7 -9.23 14.53 -3.21
N ALA A 8 -9.80 13.71 -2.36
CA ALA A 8 -9.82 13.95 -0.92
C ALA A 8 -8.44 13.61 -0.36
N GLU A 9 -7.67 12.95 -1.19
CA GLU A 9 -6.32 12.55 -0.89
C GLU A 9 -5.42 13.73 -0.61
N SER A 10 -5.63 14.78 -1.35
CA SER A 10 -4.93 16.05 -1.20
C SER A 10 -5.05 16.60 0.23
N ILE A 11 -6.16 16.31 0.83
CA ILE A 11 -6.56 16.82 2.11
C ILE A 11 -5.93 15.97 3.25
N ARG A 12 -5.65 14.73 2.93
CA ARG A 12 -5.10 13.78 3.89
C ARG A 12 -3.65 13.43 3.58
N LEU A 13 -3.08 14.14 2.63
CA LEU A 13 -1.73 13.91 2.12
C LEU A 13 -0.68 13.83 3.24
N ASN A 14 -0.01 12.72 3.28
CA ASN A 14 1.06 12.45 4.20
C ASN A 14 1.94 11.45 3.51
N ASN A 15 3.23 11.45 3.76
CA ASN A 15 4.07 10.51 3.08
C ASN A 15 4.84 9.60 4.02
N GLU A 16 5.86 10.13 4.69
CA GLU A 16 6.78 9.30 5.45
C GLU A 16 6.19 8.67 6.70
N ASN A 17 5.27 9.35 7.36
CA ASN A 17 4.69 8.81 8.59
C ASN A 17 3.79 7.65 8.30
N LEU A 18 3.03 7.75 7.24
CA LEU A 18 2.18 6.66 6.83
C LEU A 18 3.01 5.57 6.20
N TRP A 19 4.06 5.95 5.49
CA TRP A 19 4.97 5.01 4.86
C TRP A 19 5.63 4.13 5.90
N ALA A 20 6.18 4.74 6.94
CA ALA A 20 6.85 4.00 8.01
C ALA A 20 5.88 3.03 8.68
N TRP A 21 4.66 3.49 8.88
CA TRP A 21 3.60 2.67 9.43
C TRP A 21 3.27 1.50 8.49
N LEU A 22 3.04 1.81 7.22
CA LEU A 22 2.67 0.82 6.23
C LEU A 22 3.75 -0.22 6.10
N VAL A 23 4.98 0.23 5.96
CA VAL A 23 6.14 -0.63 5.84
C VAL A 23 6.27 -1.57 7.04
N ARG A 24 6.11 -1.02 8.22
CA ARG A 24 6.29 -1.80 9.43
C ARG A 24 5.17 -2.82 9.57
N LEU A 25 3.96 -2.39 9.32
CA LEU A 25 2.80 -3.24 9.49
C LEU A 25 2.82 -4.37 8.44
N LEU A 26 3.15 -4.03 7.22
CA LEU A 26 3.27 -5.00 6.14
C LEU A 26 4.48 -5.87 6.31
N SER A 27 5.48 -5.38 7.01
CA SER A 27 6.67 -6.15 7.32
C SER A 27 6.25 -7.29 8.26
N LYS A 28 5.13 -7.07 8.96
CA LYS A 28 4.61 -8.07 9.85
C LYS A 28 3.62 -8.95 9.12
N ASN A 29 3.26 -8.55 7.91
CA ASN A 29 2.29 -9.26 7.10
C ASN A 29 2.76 -9.41 5.66
N PRO A 30 4.00 -9.93 5.39
CA PRO A 30 4.49 -10.05 4.01
C PRO A 30 3.73 -11.17 3.32
N GLU A 31 3.14 -12.00 4.16
CA GLU A 31 2.38 -13.13 3.78
C GLU A 31 1.07 -12.66 3.16
N TRP A 32 0.47 -11.61 3.71
CA TRP A 32 -0.75 -11.09 3.12
C TRP A 32 -0.40 -10.32 1.85
N LEU A 33 0.60 -9.46 2.00
CA LEU A 33 1.04 -8.56 0.96
C LEU A 33 1.36 -9.27 -0.33
N SER A 34 2.18 -10.30 -0.24
CA SER A 34 2.59 -11.10 -1.39
C SER A 34 1.39 -11.57 -2.24
N ALA A 35 0.43 -12.16 -1.59
CA ALA A 35 -0.82 -12.64 -2.17
C ALA A 35 -1.57 -11.53 -2.91
N LYS A 36 -1.65 -10.36 -2.31
CA LYS A 36 -2.32 -9.22 -2.95
C LYS A 36 -1.46 -8.67 -4.08
N LEU A 37 -0.15 -8.79 -3.94
CA LEU A 37 0.75 -8.41 -5.01
C LEU A 37 0.51 -9.31 -6.20
N ARG A 38 0.19 -10.58 -5.94
CA ARG A 38 -0.09 -11.55 -7.02
C ARG A 38 -1.31 -11.10 -7.83
N SER A 39 -2.24 -10.46 -7.16
CA SER A 39 -3.44 -9.98 -7.71
C SER A 39 -3.22 -8.70 -8.56
N PHE A 40 -2.39 -7.82 -8.07
CA PHE A 40 -2.12 -6.56 -8.74
C PHE A 40 -0.97 -6.64 -9.74
N LEU A 41 0.12 -7.21 -9.32
CA LEU A 41 1.31 -7.34 -10.09
C LEU A 41 1.33 -8.61 -10.89
N PRO A 42 1.79 -8.53 -12.13
CA PRO A 42 2.13 -9.70 -12.91
C PRO A 42 3.63 -10.05 -12.68
N THR A 43 4.33 -9.11 -12.08
CA THR A 43 5.77 -9.11 -11.89
C THR A 43 6.13 -9.20 -10.41
N MET A 44 5.24 -9.76 -9.65
CA MET A 44 5.37 -9.81 -8.18
C MET A 44 6.61 -10.50 -7.63
N ASP A 45 7.63 -9.69 -7.32
CA ASP A 45 8.86 -10.17 -6.67
C ASP A 45 8.59 -10.24 -5.19
N LEU A 46 7.83 -11.21 -4.82
CA LEU A 46 7.45 -11.37 -3.45
C LEU A 46 8.36 -12.33 -2.74
N ASP A 47 8.91 -13.24 -3.49
CA ASP A 47 9.75 -14.29 -2.94
C ASP A 47 11.21 -13.97 -3.20
N CYS A 48 11.44 -12.80 -3.74
CA CYS A 48 12.78 -12.36 -3.99
C CYS A 48 13.37 -11.79 -2.72
N SER A 49 13.70 -12.69 -1.84
CA SER A 49 14.20 -12.35 -0.57
C SER A 49 15.69 -12.24 -0.60
N TYR A 50 16.15 -11.09 -1.02
CA TYR A 50 17.53 -10.76 -0.90
C TYR A 50 17.81 -10.32 0.50
N GLU A 51 16.80 -9.81 1.04
CA GLU A 51 16.69 -9.34 2.33
C GLU A 51 15.35 -9.87 2.83
N PRO A 52 15.11 -9.91 4.14
CA PRO A 52 13.81 -10.32 4.70
C PRO A 52 12.69 -9.31 4.38
N SER A 53 11.80 -9.13 5.31
CA SER A 53 10.65 -8.21 5.19
C SER A 53 11.13 -6.73 5.40
N ASN A 54 12.30 -6.45 4.88
CA ASN A 54 13.02 -5.19 4.97
C ASN A 54 12.32 -4.03 4.27
N PRO A 55 12.54 -2.78 4.75
CA PRO A 55 11.88 -1.57 4.22
C PRO A 55 12.03 -1.36 2.71
N GLU A 56 13.22 -1.62 2.18
CA GLU A 56 13.46 -1.42 0.76
C GLU A 56 12.82 -2.51 -0.06
N VAL A 57 12.71 -3.67 0.55
CA VAL A 57 12.06 -4.82 -0.04
C VAL A 57 10.58 -4.50 -0.19
N ILE A 58 10.00 -4.07 0.92
CA ILE A 58 8.60 -3.67 0.98
C ILE A 58 8.37 -2.50 0.01
N HIS A 59 9.31 -1.56 -0.04
CA HIS A 59 9.24 -0.40 -0.93
C HIS A 59 9.10 -0.84 -2.38
N ARG A 60 9.84 -1.85 -2.77
CA ARG A 60 9.81 -2.39 -4.12
C ARG A 60 8.41 -2.92 -4.46
N GLN A 61 7.85 -3.58 -3.50
CA GLN A 61 6.57 -4.25 -3.66
C GLN A 61 5.43 -3.28 -3.76
N LEU A 62 5.48 -2.28 -2.93
CA LEU A 62 4.44 -1.26 -2.91
C LEU A 62 4.60 -0.31 -4.11
N ASN A 63 5.84 -0.12 -4.53
CA ASN A 63 6.22 0.64 -5.72
C ASN A 63 5.48 0.12 -6.93
N ARG A 64 5.53 -1.18 -7.05
CA ARG A 64 4.90 -1.93 -8.13
C ARG A 64 3.41 -1.66 -8.26
N LEU A 65 2.75 -1.42 -7.15
CA LEU A 65 1.32 -1.16 -7.16
C LEU A 65 1.02 0.15 -7.85
N PHE A 66 1.84 1.14 -7.59
CA PHE A 66 1.70 2.42 -8.24
C PHE A 66 2.01 2.27 -9.73
N ALA A 67 2.92 1.36 -10.02
CA ALA A 67 3.30 1.04 -11.38
C ALA A 67 2.17 0.31 -12.11
N GLN A 68 1.23 -0.27 -11.37
CA GLN A 68 0.09 -0.85 -11.96
C GLN A 68 -0.87 0.30 -12.27
N GLY A 69 -1.18 1.04 -11.23
CA GLY A 69 -2.11 2.11 -11.30
C GLY A 69 -2.03 2.95 -10.10
N MET A 70 -2.13 4.25 -10.28
CA MET A 70 -2.26 5.18 -9.15
C MET A 70 -3.59 4.85 -8.50
N ALA A 71 -4.50 4.41 -9.35
CA ALA A 71 -5.83 4.00 -8.94
C ALA A 71 -5.75 2.62 -8.29
N THR A 72 -4.85 1.79 -8.81
CA THR A 72 -4.59 0.48 -8.25
C THR A 72 -4.11 0.60 -6.80
N TRP A 73 -3.33 1.64 -6.53
CA TRP A 73 -2.87 1.93 -5.18
C TRP A 73 -4.07 2.22 -4.28
N LYS A 74 -4.91 3.15 -4.71
CA LYS A 74 -6.14 3.54 -4.02
C LYS A 74 -7.01 2.31 -3.68
N SER A 75 -7.18 1.43 -4.65
CA SER A 75 -7.95 0.26 -4.49
C SER A 75 -7.27 -0.75 -3.55
N PHE A 76 -5.96 -0.94 -3.72
CA PHE A 76 -5.18 -1.84 -2.87
C PHE A 76 -5.29 -1.43 -1.42
N ILE A 77 -5.16 -0.14 -1.18
CA ILE A 77 -5.20 0.39 0.16
C ILE A 77 -6.57 0.16 0.81
N ASN A 78 -7.62 0.15 0.02
CA ASN A 78 -8.95 -0.14 0.55
C ASN A 78 -8.98 -1.57 1.05
N ASP A 79 -8.36 -2.48 0.29
CA ASP A 79 -8.27 -3.88 0.69
C ASP A 79 -7.37 -4.01 1.89
N LEU A 80 -6.28 -3.30 1.86
CA LEU A 80 -5.28 -3.23 2.93
C LEU A 80 -5.97 -2.95 4.27
N CYS A 81 -6.75 -1.89 4.30
CA CYS A 81 -7.47 -1.48 5.49
C CYS A 81 -8.51 -2.54 5.91
N PHE A 82 -9.12 -3.17 4.93
CA PHE A 82 -10.15 -4.16 5.15
C PHE A 82 -9.58 -5.50 5.62
N GLU A 83 -8.65 -6.01 4.85
CA GLU A 83 -8.14 -7.37 4.99
C GLU A 83 -7.21 -7.55 6.17
N LEU A 84 -6.61 -6.48 6.62
CA LEU A 84 -5.72 -6.61 7.75
C LEU A 84 -6.47 -6.69 9.06
N ASP A 85 -7.50 -5.86 9.21
CA ASP A 85 -8.38 -5.91 10.38
C ASP A 85 -9.61 -5.01 10.23
N VAL A 86 -9.50 -3.78 10.67
CA VAL A 86 -10.56 -2.79 10.64
C VAL A 86 -9.95 -1.54 10.02
N PRO A 87 -10.73 -0.71 9.27
CA PRO A 87 -10.29 0.58 8.76
C PRO A 87 -9.43 1.34 9.78
N LEU A 88 -8.16 1.42 9.48
CA LEU A 88 -7.17 2.07 10.34
C LEU A 88 -7.27 3.59 10.31
N ASP A 89 -7.96 4.09 9.32
CA ASP A 89 -8.29 5.51 9.17
C ASP A 89 -9.31 5.56 8.07
N MET A 90 -8.80 5.51 6.87
CA MET A 90 -9.50 5.46 5.61
C MET A 90 -8.40 5.11 4.64
N GLU A 91 -8.74 4.69 3.47
CA GLU A 91 -7.74 4.33 2.50
C GLU A 91 -7.03 5.57 1.96
N ILE A 92 -7.82 6.57 1.66
CA ILE A 92 -7.40 7.81 0.95
C ILE A 92 -6.13 8.51 1.57
N PRO A 93 -6.00 8.64 2.91
CA PRO A 93 -4.76 9.18 3.51
C PRO A 93 -3.54 8.39 3.05
N LEU A 94 -3.70 7.09 3.03
CA LEU A 94 -2.68 6.14 2.63
C LEU A 94 -2.52 6.16 1.11
N VAL A 95 -3.62 6.42 0.39
CA VAL A 95 -3.60 6.48 -1.04
C VAL A 95 -2.80 7.68 -1.51
N SER A 96 -2.85 8.68 -0.71
CA SER A 96 -2.20 9.96 -0.93
C SER A 96 -0.72 9.92 -0.55
N ILE A 97 -0.22 8.77 -0.21
CA ILE A 97 1.19 8.62 0.19
C ILE A 97 2.12 9.04 -0.98
N TRP A 98 1.62 8.90 -2.18
CA TRP A 98 2.23 9.33 -3.40
C TRP A 98 1.15 9.41 -4.44
N GLY A 99 1.39 10.10 -5.49
CA GLY A 99 0.37 10.25 -6.50
C GLY A 99 0.85 11.09 -7.63
N PRO A 100 0.22 12.27 -7.83
CA PRO A 100 0.61 13.23 -8.88
C PRO A 100 2.07 13.63 -8.76
N ARG A 101 2.88 13.07 -9.67
CA ARG A 101 4.33 13.25 -9.74
C ARG A 101 5.04 13.43 -8.41
N GLY A 1 -12.06 5.40 2.35
CA GLY A 1 -11.99 6.59 3.17
C GLY A 1 -13.37 6.92 3.71
N PRO A 2 -13.49 7.59 4.87
CA PRO A 2 -14.78 7.89 5.48
C PRO A 2 -15.38 9.24 5.03
N LEU A 3 -14.71 9.92 4.12
CA LEU A 3 -15.17 11.22 3.68
C LEU A 3 -15.95 11.16 2.39
N GLY A 4 -15.78 10.08 1.65
CA GLY A 4 -16.43 9.93 0.38
C GLY A 4 -15.54 10.46 -0.72
N SER A 5 -15.53 9.79 -1.87
CA SER A 5 -14.69 10.16 -3.02
C SER A 5 -13.20 10.01 -2.67
N MET A 6 -12.33 10.51 -3.51
CA MET A 6 -10.92 10.44 -3.28
C MET A 6 -10.38 11.81 -3.26
N ASP A 7 -10.38 12.38 -2.10
CA ASP A 7 -9.80 13.73 -1.89
C ASP A 7 -9.68 14.00 -0.39
N ALA A 8 -9.63 12.94 0.39
CA ALA A 8 -9.48 13.05 1.86
C ALA A 8 -8.03 13.36 2.17
N GLU A 9 -7.26 13.20 1.15
CA GLU A 9 -5.86 13.44 1.16
C GLU A 9 -5.54 14.91 1.34
N SER A 10 -6.42 15.75 0.85
CA SER A 10 -6.30 17.18 0.98
C SER A 10 -6.43 17.63 2.43
N ILE A 11 -7.30 16.99 3.13
CA ILE A 11 -7.61 17.31 4.47
C ILE A 11 -6.64 16.65 5.45
N ARG A 12 -6.41 15.37 5.30
CA ARG A 12 -5.56 14.67 6.24
C ARG A 12 -4.09 14.94 5.99
N LEU A 13 -3.71 15.05 4.71
CA LEU A 13 -2.33 15.24 4.26
C LEU A 13 -1.39 14.10 4.69
N ASN A 14 -0.99 13.29 3.72
CA ASN A 14 -0.09 12.17 3.97
C ASN A 14 1.30 12.66 4.30
N ASN A 15 2.05 11.85 5.00
CA ASN A 15 3.37 12.22 5.49
C ASN A 15 4.19 10.95 5.75
N GLU A 16 5.44 11.13 6.21
CA GLU A 16 6.40 10.03 6.42
C GLU A 16 5.92 9.02 7.47
N ASN A 17 5.21 9.48 8.50
CA ASN A 17 4.67 8.57 9.57
C ASN A 17 3.77 7.59 8.96
N LEU A 18 2.93 8.14 8.15
CA LEU A 18 1.87 7.49 7.50
C LEU A 18 2.42 6.45 6.49
N TRP A 19 3.49 6.80 5.79
CA TRP A 19 4.16 5.84 4.89
C TRP A 19 4.84 4.74 5.69
N ALA A 20 5.54 5.14 6.75
CA ALA A 20 6.26 4.22 7.61
C ALA A 20 5.33 3.18 8.21
N TRP A 21 4.19 3.63 8.69
CA TRP A 21 3.16 2.75 9.25
C TRP A 21 2.77 1.65 8.26
N LEU A 22 2.54 2.05 7.01
CA LEU A 22 2.15 1.12 5.97
C LEU A 22 3.26 0.07 5.77
N VAL A 23 4.48 0.55 5.62
CA VAL A 23 5.65 -0.30 5.41
C VAL A 23 5.85 -1.26 6.59
N ARG A 24 5.70 -0.77 7.80
CA ARG A 24 5.95 -1.55 8.98
C ARG A 24 4.88 -2.59 9.21
N LEU A 25 3.64 -2.22 9.02
CA LEU A 25 2.53 -3.13 9.26
C LEU A 25 2.56 -4.26 8.21
N LEU A 26 2.90 -3.92 6.99
CA LEU A 26 3.04 -4.88 5.93
C LEU A 26 4.27 -5.73 6.10
N SER A 27 5.26 -5.20 6.79
CA SER A 27 6.48 -5.93 7.09
C SER A 27 6.12 -7.04 8.09
N LYS A 28 4.99 -6.86 8.79
CA LYS A 28 4.51 -7.84 9.72
C LYS A 28 3.50 -8.75 9.05
N ASN A 29 3.23 -8.46 7.79
CA ASN A 29 2.28 -9.23 7.00
C ASN A 29 2.79 -9.45 5.59
N PRO A 30 4.02 -9.99 5.39
CA PRO A 30 4.54 -10.22 4.04
C PRO A 30 3.73 -11.32 3.39
N GLU A 31 3.12 -12.12 4.26
CA GLU A 31 2.28 -13.22 3.90
C GLU A 31 0.99 -12.72 3.25
N TRP A 32 0.39 -11.67 3.81
CA TRP A 32 -0.84 -11.15 3.21
C TRP A 32 -0.48 -10.39 1.96
N LEU A 33 0.55 -9.59 2.09
CA LEU A 33 0.99 -8.71 1.05
C LEU A 33 1.32 -9.45 -0.22
N SER A 34 2.16 -10.46 -0.11
CA SER A 34 2.57 -11.28 -1.25
C SER A 34 1.36 -11.79 -2.04
N ALA A 35 0.40 -12.34 -1.33
CA ALA A 35 -0.83 -12.85 -1.91
C ALA A 35 -1.58 -11.78 -2.70
N LYS A 36 -1.70 -10.58 -2.14
CA LYS A 36 -2.35 -9.50 -2.85
C LYS A 36 -1.53 -9.03 -4.04
N LEU A 37 -0.22 -9.00 -3.86
CA LEU A 37 0.71 -8.59 -4.91
C LEU A 37 0.59 -9.48 -6.14
N ARG A 38 0.22 -10.75 -5.92
CA ARG A 38 0.08 -11.73 -7.00
C ARG A 38 -0.98 -11.32 -8.02
N SER A 39 -1.99 -10.62 -7.54
CA SER A 39 -3.11 -10.22 -8.37
C SER A 39 -2.77 -8.92 -9.11
N PHE A 40 -1.90 -8.14 -8.52
CA PHE A 40 -1.48 -6.88 -9.10
C PHE A 40 -0.27 -7.03 -10.02
N LEU A 41 0.80 -7.60 -9.53
CA LEU A 41 2.00 -7.80 -10.29
C LEU A 41 1.99 -9.09 -11.07
N PRO A 42 2.13 -8.99 -12.37
CA PRO A 42 2.25 -10.16 -13.23
C PRO A 42 3.73 -10.62 -13.28
N THR A 43 4.62 -9.74 -12.85
CA THR A 43 6.04 -9.98 -12.86
C THR A 43 6.57 -10.01 -11.40
N MET A 44 5.70 -10.40 -10.47
CA MET A 44 5.96 -10.37 -9.06
C MET A 44 7.17 -11.20 -8.65
N ASP A 45 8.18 -10.52 -8.24
CA ASP A 45 9.38 -11.12 -7.69
C ASP A 45 9.27 -11.04 -6.17
N LEU A 46 8.34 -11.81 -5.63
CA LEU A 46 8.05 -11.78 -4.21
C LEU A 46 8.80 -12.85 -3.47
N ASP A 47 9.22 -13.85 -4.22
CA ASP A 47 9.85 -15.04 -3.65
C ASP A 47 11.30 -14.77 -3.36
N CYS A 48 11.80 -13.75 -3.96
CA CYS A 48 13.20 -13.43 -3.86
C CYS A 48 13.48 -12.45 -2.74
N SER A 49 13.42 -12.95 -1.54
CA SER A 49 13.75 -12.17 -0.41
C SER A 49 15.22 -12.29 -0.10
N TYR A 50 16.01 -11.46 -0.78
CA TYR A 50 17.45 -11.40 -0.59
C TYR A 50 17.81 -10.88 0.77
N GLU A 51 16.94 -10.09 1.23
CA GLU A 51 16.95 -9.51 2.46
C GLU A 51 15.65 -9.92 3.12
N PRO A 52 15.52 -9.76 4.44
CA PRO A 52 14.26 -10.07 5.14
C PRO A 52 13.10 -9.12 4.73
N SER A 53 12.13 -8.95 5.60
CA SER A 53 10.96 -8.10 5.37
C SER A 53 11.35 -6.60 5.51
N ASN A 54 12.54 -6.26 5.05
CA ASN A 54 13.12 -4.95 5.13
C ASN A 54 12.31 -3.89 4.43
N PRO A 55 12.34 -2.65 4.96
CA PRO A 55 11.61 -1.50 4.41
C PRO A 55 11.70 -1.38 2.89
N GLU A 56 12.92 -1.44 2.36
CA GLU A 56 13.14 -1.31 0.96
C GLU A 56 12.74 -2.54 0.17
N VAL A 57 12.63 -3.65 0.86
CA VAL A 57 12.19 -4.87 0.24
C VAL A 57 10.68 -4.76 0.06
N ILE A 58 10.03 -4.24 1.07
CA ILE A 58 8.62 -3.98 1.03
C ILE A 58 8.33 -2.87 -0.01
N HIS A 59 9.19 -1.88 0.01
CA HIS A 59 9.09 -0.68 -0.82
C HIS A 59 8.98 -1.00 -2.31
N ARG A 60 9.82 -1.92 -2.84
CA ARG A 60 9.79 -2.26 -4.22
C ARG A 60 8.46 -2.93 -4.61
N GLN A 61 7.87 -3.65 -3.67
CA GLN A 61 6.65 -4.38 -3.90
C GLN A 61 5.49 -3.41 -4.01
N LEU A 62 5.49 -2.45 -3.11
CA LEU A 62 4.42 -1.44 -3.06
C LEU A 62 4.55 -0.46 -4.22
N ASN A 63 5.79 -0.21 -4.60
CA ASN A 63 6.14 0.62 -5.74
C ASN A 63 5.50 0.06 -6.98
N ARG A 64 5.72 -1.20 -7.19
CA ARG A 64 5.16 -1.92 -8.29
C ARG A 64 3.63 -1.88 -8.34
N LEU A 65 2.99 -1.74 -7.18
CA LEU A 65 1.54 -1.62 -7.14
C LEU A 65 1.10 -0.31 -7.71
N PHE A 66 1.78 0.76 -7.31
CA PHE A 66 1.41 2.06 -7.81
C PHE A 66 1.76 2.17 -9.29
N ALA A 67 2.74 1.37 -9.70
CA ALA A 67 3.14 1.29 -11.09
C ALA A 67 2.07 0.57 -11.92
N GLN A 68 1.32 -0.36 -11.29
CA GLN A 68 0.24 -1.04 -11.96
C GLN A 68 -0.85 -0.04 -12.27
N GLY A 69 -1.05 0.85 -11.35
CA GLY A 69 -2.07 1.81 -11.45
C GLY A 69 -2.10 2.70 -10.30
N MET A 70 -2.33 3.97 -10.53
CA MET A 70 -2.55 4.89 -9.46
C MET A 70 -3.87 4.48 -8.82
N ALA A 71 -4.73 3.95 -9.67
CA ALA A 71 -6.01 3.45 -9.27
C ALA A 71 -5.83 2.11 -8.59
N THR A 72 -4.94 1.26 -9.16
CA THR A 72 -4.60 -0.02 -8.56
C THR A 72 -4.16 0.16 -7.11
N TRP A 73 -3.39 1.20 -6.88
CA TRP A 73 -2.94 1.55 -5.57
C TRP A 73 -4.14 1.89 -4.66
N LYS A 74 -5.02 2.79 -5.12
CA LYS A 74 -6.24 3.17 -4.39
C LYS A 74 -7.09 1.93 -4.07
N SER A 75 -7.23 1.03 -5.03
CA SER A 75 -7.98 -0.15 -4.89
C SER A 75 -7.32 -1.08 -3.86
N PHE A 76 -6.01 -1.26 -3.98
CA PHE A 76 -5.21 -2.07 -3.07
C PHE A 76 -5.37 -1.57 -1.66
N ILE A 77 -5.17 -0.29 -1.49
CA ILE A 77 -5.21 0.36 -0.20
C ILE A 77 -6.58 0.18 0.47
N ASN A 78 -7.62 0.14 -0.34
CA ASN A 78 -8.96 -0.09 0.16
C ASN A 78 -9.05 -1.49 0.78
N ASP A 79 -8.47 -2.47 0.09
CA ASP A 79 -8.47 -3.84 0.62
C ASP A 79 -7.53 -3.96 1.77
N LEU A 80 -6.42 -3.28 1.67
CA LEU A 80 -5.35 -3.25 2.67
C LEU A 80 -5.92 -2.98 4.06
N CYS A 81 -6.66 -1.91 4.17
CA CYS A 81 -7.23 -1.51 5.44
C CYS A 81 -8.31 -2.52 5.90
N PHE A 82 -9.05 -3.05 4.94
CA PHE A 82 -10.16 -3.95 5.20
C PHE A 82 -9.67 -5.35 5.60
N GLU A 83 -8.76 -5.88 4.81
CA GLU A 83 -8.26 -7.24 5.00
C GLU A 83 -7.38 -7.35 6.22
N LEU A 84 -6.75 -6.26 6.60
CA LEU A 84 -5.93 -6.23 7.78
C LEU A 84 -6.76 -5.78 8.97
N ASP A 85 -8.03 -5.45 8.69
CA ASP A 85 -9.06 -5.10 9.68
C ASP A 85 -8.64 -3.89 10.53
N VAL A 86 -8.02 -2.94 9.88
CA VAL A 86 -7.54 -1.75 10.54
C VAL A 86 -8.17 -0.49 9.94
N PRO A 87 -9.13 0.13 10.66
CA PRO A 87 -9.73 1.38 10.22
C PRO A 87 -8.72 2.50 10.38
N LEU A 88 -8.13 2.90 9.28
CA LEU A 88 -7.05 3.86 9.33
C LEU A 88 -7.52 5.26 9.07
N ASP A 89 -8.75 5.40 8.55
CA ASP A 89 -9.39 6.69 8.20
C ASP A 89 -8.72 7.31 6.99
N MET A 90 -7.47 7.65 7.18
CA MET A 90 -6.63 8.34 6.22
C MET A 90 -6.12 7.41 5.11
N GLU A 91 -6.94 6.46 4.73
CA GLU A 91 -6.69 5.47 3.66
C GLU A 91 -6.42 6.20 2.31
N ILE A 92 -7.09 7.30 2.07
CA ILE A 92 -6.89 8.06 0.83
C ILE A 92 -5.51 8.76 0.87
N PRO A 93 -5.08 9.41 1.97
CA PRO A 93 -3.65 9.79 2.14
C PRO A 93 -2.70 8.60 1.82
N LEU A 94 -3.10 7.37 2.22
CA LEU A 94 -2.37 6.15 1.81
C LEU A 94 -2.38 6.06 0.27
N VAL A 95 -3.56 6.26 -0.33
CA VAL A 95 -3.75 6.18 -1.76
C VAL A 95 -2.97 7.29 -2.50
N SER A 96 -2.93 8.40 -1.88
CA SER A 96 -2.32 9.62 -2.36
C SER A 96 -0.81 9.65 -2.11
N ILE A 97 -0.27 8.54 -1.60
CA ILE A 97 1.17 8.41 -1.38
C ILE A 97 1.88 8.45 -2.76
N TRP A 98 1.09 8.19 -3.78
CA TRP A 98 1.46 8.24 -5.15
C TRP A 98 1.87 9.67 -5.48
N GLY A 99 3.13 9.87 -5.60
CA GLY A 99 3.66 11.16 -5.90
C GLY A 99 5.15 11.15 -5.79
N PRO A 100 5.82 12.30 -5.80
CA PRO A 100 7.27 12.40 -5.73
C PRO A 100 7.76 12.50 -4.29
N ARG A 101 7.13 11.77 -3.46
CA ARG A 101 7.40 11.74 -2.09
C ARG A 101 7.36 10.31 -1.62
N GLY A 1 -13.95 -1.13 11.22
CA GLY A 1 -12.58 -0.78 10.81
C GLY A 1 -12.55 0.55 10.15
N PRO A 2 -11.83 0.70 9.04
CA PRO A 2 -11.74 1.97 8.35
C PRO A 2 -12.98 2.26 7.51
N LEU A 3 -13.09 3.47 7.11
CA LEU A 3 -14.14 3.91 6.25
C LEU A 3 -13.62 3.78 4.84
N GLY A 4 -12.38 4.20 4.66
CA GLY A 4 -11.73 4.16 3.37
C GLY A 4 -12.37 5.13 2.43
N SER A 5 -13.36 4.63 1.68
CA SER A 5 -14.19 5.40 0.75
C SER A 5 -13.46 5.85 -0.50
N MET A 6 -12.15 5.66 -0.52
CA MET A 6 -11.26 6.16 -1.56
C MET A 6 -11.32 7.67 -1.51
N ASP A 7 -11.48 8.13 -0.30
CA ASP A 7 -11.59 9.54 0.05
C ASP A 7 -11.20 9.70 1.51
N ALA A 8 -10.37 8.76 1.99
CA ALA A 8 -9.90 8.74 3.38
C ALA A 8 -9.08 9.98 3.76
N GLU A 9 -8.69 10.73 2.76
CA GLU A 9 -7.93 11.97 2.92
C GLU A 9 -8.74 12.97 3.71
N SER A 10 -10.02 12.95 3.44
CA SER A 10 -10.98 13.86 3.96
C SER A 10 -11.29 13.53 5.42
N ILE A 11 -10.95 12.32 5.80
CA ILE A 11 -11.29 11.82 7.09
C ILE A 11 -10.22 12.19 8.09
N ARG A 12 -8.97 12.02 7.69
CA ARG A 12 -7.87 12.23 8.59
C ARG A 12 -7.12 13.53 8.36
N LEU A 13 -6.81 13.86 7.09
CA LEU A 13 -5.85 14.90 6.75
C LEU A 13 -4.53 14.61 7.45
N ASN A 14 -3.73 13.76 6.84
CA ASN A 14 -2.54 13.24 7.50
C ASN A 14 -1.27 13.63 6.69
N ASN A 15 -0.12 13.03 7.00
CA ASN A 15 1.13 13.40 6.35
C ASN A 15 2.06 12.15 6.30
N GLU A 16 3.31 12.34 5.86
CA GLU A 16 4.36 11.30 5.54
C GLU A 16 4.54 10.25 6.64
N ASN A 17 4.25 10.61 7.87
CA ASN A 17 4.39 9.71 9.03
C ASN A 17 3.54 8.44 8.84
N LEU A 18 2.46 8.59 8.10
CA LEU A 18 1.55 7.50 7.80
C LEU A 18 2.25 6.40 7.03
N TRP A 19 3.20 6.80 6.19
CA TRP A 19 3.94 5.88 5.38
C TRP A 19 4.85 5.03 6.27
N ALA A 20 5.34 5.60 7.36
CA ALA A 20 6.19 4.87 8.29
C ALA A 20 5.38 3.79 8.99
N TRP A 21 4.09 4.06 9.19
CA TRP A 21 3.17 3.07 9.72
C TRP A 21 3.09 1.91 8.75
N LEU A 22 2.87 2.26 7.48
CA LEU A 22 2.68 1.30 6.40
C LEU A 22 3.85 0.35 6.33
N VAL A 23 5.05 0.90 6.25
CA VAL A 23 6.27 0.13 6.12
C VAL A 23 6.40 -0.93 7.23
N ARG A 24 6.30 -0.52 8.46
CA ARG A 24 6.47 -1.45 9.56
C ARG A 24 5.29 -2.38 9.75
N LEU A 25 4.10 -1.93 9.46
CA LEU A 25 2.91 -2.76 9.65
C LEU A 25 2.93 -3.89 8.60
N LEU A 26 3.27 -3.54 7.39
CA LEU A 26 3.37 -4.48 6.31
C LEU A 26 4.56 -5.38 6.49
N SER A 27 5.57 -4.91 7.24
CA SER A 27 6.74 -5.73 7.51
C SER A 27 6.34 -6.87 8.47
N LYS A 28 5.13 -6.77 9.03
CA LYS A 28 4.61 -7.78 9.89
C LYS A 28 3.65 -8.66 9.11
N ASN A 29 3.33 -8.21 7.90
CA ASN A 29 2.35 -8.88 7.06
C ASN A 29 2.86 -9.03 5.61
N PRO A 30 4.06 -9.63 5.38
CA PRO A 30 4.56 -9.81 4.02
C PRO A 30 3.72 -10.86 3.31
N GLU A 31 3.09 -11.66 4.16
CA GLU A 31 2.22 -12.72 3.76
C GLU A 31 0.96 -12.14 3.13
N TRP A 32 0.41 -11.07 3.71
CA TRP A 32 -0.78 -10.48 3.13
C TRP A 32 -0.42 -9.74 1.85
N LEU A 33 0.68 -9.01 1.92
CA LEU A 33 1.10 -8.14 0.85
C LEU A 33 1.34 -8.95 -0.44
N SER A 34 1.99 -10.10 -0.29
CA SER A 34 2.25 -10.99 -1.43
C SER A 34 0.93 -11.52 -2.04
N ALA A 35 -0.06 -11.78 -1.18
CA ALA A 35 -1.36 -12.27 -1.61
C ALA A 35 -2.08 -11.23 -2.46
N LYS A 36 -1.87 -9.98 -2.13
CA LYS A 36 -2.40 -8.94 -2.95
C LYS A 36 -1.57 -8.73 -4.22
N LEU A 37 -0.24 -8.78 -4.10
CA LEU A 37 0.70 -8.61 -5.24
C LEU A 37 0.34 -9.50 -6.40
N ARG A 38 -0.02 -10.74 -6.10
CA ARG A 38 -0.34 -11.71 -7.14
C ARG A 38 -1.49 -11.31 -8.04
N SER A 39 -2.37 -10.54 -7.51
CA SER A 39 -3.51 -10.05 -8.25
C SER A 39 -3.07 -8.90 -9.19
N PHE A 40 -2.21 -8.04 -8.69
CA PHE A 40 -1.75 -6.85 -9.40
C PHE A 40 -0.63 -7.16 -10.38
N LEU A 41 0.34 -7.90 -9.94
CA LEU A 41 1.47 -8.29 -10.74
C LEU A 41 1.10 -9.47 -11.61
N PRO A 42 1.29 -9.34 -12.93
CA PRO A 42 0.92 -10.38 -13.91
C PRO A 42 1.82 -11.62 -13.87
N THR A 43 3.10 -11.41 -13.64
CA THR A 43 4.07 -12.50 -13.64
C THR A 43 4.50 -12.82 -12.21
N MET A 44 4.01 -11.98 -11.32
CA MET A 44 4.26 -11.95 -9.94
C MET A 44 5.70 -12.19 -9.53
N ASP A 45 6.45 -11.14 -9.41
CA ASP A 45 7.75 -11.22 -8.79
C ASP A 45 7.64 -10.72 -7.39
N LEU A 46 6.97 -11.51 -6.59
CA LEU A 46 6.66 -11.21 -5.23
C LEU A 46 7.69 -11.85 -4.30
N ASP A 47 8.57 -12.62 -4.90
CA ASP A 47 9.66 -13.36 -4.23
C ASP A 47 10.80 -12.38 -3.85
N CYS A 48 10.44 -11.28 -3.25
CA CYS A 48 11.36 -10.23 -2.90
C CYS A 48 12.02 -10.46 -1.52
N SER A 49 11.63 -11.51 -0.82
CA SER A 49 12.19 -11.74 0.50
C SER A 49 13.55 -12.47 0.44
N TYR A 50 14.54 -11.78 -0.11
CA TYR A 50 15.92 -12.23 -0.11
C TYR A 50 16.56 -11.92 1.20
N GLU A 51 16.06 -10.92 1.74
CA GLU A 51 16.36 -10.43 2.99
C GLU A 51 15.09 -10.57 3.80
N PRO A 52 15.09 -10.30 5.10
CA PRO A 52 13.85 -10.35 5.88
C PRO A 52 12.86 -9.21 5.46
N SER A 53 11.97 -8.85 6.35
CA SER A 53 10.90 -7.89 6.10
C SER A 53 11.42 -6.42 6.08
N ASN A 54 12.59 -6.24 5.53
CA ASN A 54 13.27 -4.97 5.41
C ASN A 54 12.47 -3.95 4.62
N PRO A 55 12.61 -2.66 4.95
CA PRO A 55 11.90 -1.58 4.28
C PRO A 55 12.20 -1.52 2.78
N GLU A 56 13.42 -1.89 2.40
CA GLU A 56 13.83 -1.88 0.99
C GLU A 56 13.08 -2.97 0.27
N VAL A 57 12.95 -4.09 0.96
CA VAL A 57 12.26 -5.25 0.47
C VAL A 57 10.79 -4.90 0.29
N ILE A 58 10.22 -4.29 1.31
CA ILE A 58 8.84 -3.85 1.29
C ILE A 58 8.61 -2.84 0.16
N HIS A 59 9.52 -1.87 0.04
CA HIS A 59 9.41 -0.83 -0.98
C HIS A 59 9.34 -1.42 -2.38
N ARG A 60 10.11 -2.48 -2.63
CA ARG A 60 10.12 -3.13 -3.94
C ARG A 60 8.75 -3.68 -4.30
N GLN A 61 8.12 -4.24 -3.32
CA GLN A 61 6.83 -4.87 -3.47
C GLN A 61 5.78 -3.83 -3.78
N LEU A 62 5.81 -2.78 -3.03
CA LEU A 62 4.87 -1.67 -3.19
C LEU A 62 5.17 -0.88 -4.48
N ASN A 63 6.44 -0.85 -4.85
CA ASN A 63 6.94 -0.21 -6.06
C ASN A 63 6.20 -0.76 -7.27
N ARG A 64 6.18 -2.08 -7.35
CA ARG A 64 5.49 -2.82 -8.41
C ARG A 64 4.01 -2.45 -8.53
N LEU A 65 3.39 -2.10 -7.43
CA LEU A 65 1.98 -1.74 -7.46
C LEU A 65 1.74 -0.40 -8.10
N PHE A 66 2.57 0.56 -7.77
CA PHE A 66 2.43 1.87 -8.36
C PHE A 66 2.85 1.79 -9.83
N ALA A 67 3.69 0.81 -10.14
CA ALA A 67 4.09 0.52 -11.49
C ALA A 67 2.93 -0.07 -12.29
N GLN A 68 2.02 -0.82 -11.62
CA GLN A 68 0.86 -1.34 -12.28
C GLN A 68 -0.06 -0.19 -12.64
N GLY A 69 -0.18 0.74 -11.72
CA GLY A 69 -1.05 1.84 -11.89
C GLY A 69 -1.04 2.75 -10.71
N MET A 70 -1.12 4.05 -10.96
CA MET A 70 -1.35 5.01 -9.89
C MET A 70 -2.77 4.78 -9.40
N ALA A 71 -3.58 4.29 -10.32
CA ALA A 71 -4.92 3.92 -10.06
C ALA A 71 -4.92 2.61 -9.30
N THR A 72 -4.12 1.65 -9.78
CA THR A 72 -3.95 0.37 -9.15
C THR A 72 -3.54 0.55 -7.69
N TRP A 73 -2.67 1.49 -7.46
CA TRP A 73 -2.18 1.82 -6.14
C TRP A 73 -3.33 2.26 -5.23
N LYS A 74 -4.16 3.20 -5.68
CA LYS A 74 -5.19 3.74 -4.85
C LYS A 74 -6.29 2.71 -4.55
N SER A 75 -6.56 1.88 -5.52
CA SER A 75 -7.47 0.83 -5.40
C SER A 75 -6.94 -0.24 -4.42
N PHE A 76 -5.65 -0.54 -4.53
CA PHE A 76 -4.95 -1.46 -3.65
C PHE A 76 -5.06 -1.03 -2.20
N ILE A 77 -4.75 0.24 -1.97
CA ILE A 77 -4.71 0.80 -0.64
C ILE A 77 -6.05 0.68 0.09
N ASN A 78 -7.13 0.77 -0.66
CA ASN A 78 -8.46 0.63 -0.10
C ASN A 78 -8.65 -0.78 0.46
N ASP A 79 -8.13 -1.77 -0.24
CA ASP A 79 -8.19 -3.15 0.23
C ASP A 79 -7.20 -3.37 1.36
N LEU A 80 -6.07 -2.71 1.24
CA LEU A 80 -5.00 -2.70 2.25
C LEU A 80 -5.55 -2.30 3.60
N CYS A 81 -6.19 -1.15 3.63
CA CYS A 81 -6.75 -0.63 4.85
C CYS A 81 -7.90 -1.51 5.35
N PHE A 82 -8.61 -2.08 4.42
CA PHE A 82 -9.79 -2.87 4.68
C PHE A 82 -9.44 -4.22 5.34
N GLU A 83 -8.55 -4.97 4.68
CA GLU A 83 -8.29 -6.35 5.09
C GLU A 83 -7.47 -6.41 6.36
N LEU A 84 -6.74 -5.36 6.66
CA LEU A 84 -5.92 -5.34 7.84
C LEU A 84 -6.71 -4.88 9.07
N ASP A 85 -8.00 -4.52 8.86
CA ASP A 85 -8.97 -4.15 9.93
C ASP A 85 -8.73 -2.78 10.57
N VAL A 86 -7.47 -2.39 10.63
CA VAL A 86 -7.02 -1.14 11.23
C VAL A 86 -7.84 0.07 10.73
N PRO A 87 -8.44 0.84 11.63
CA PRO A 87 -9.23 2.03 11.30
C PRO A 87 -8.31 3.25 11.04
N LEU A 88 -7.23 3.04 10.28
CA LEU A 88 -6.27 4.09 10.01
C LEU A 88 -6.91 5.23 9.23
N ASP A 89 -7.63 4.87 8.16
CA ASP A 89 -8.25 5.85 7.24
C ASP A 89 -7.22 6.81 6.66
N MET A 90 -6.02 6.32 6.50
CA MET A 90 -4.93 7.08 5.92
C MET A 90 -4.79 6.69 4.46
N GLU A 91 -5.80 5.99 3.97
CA GLU A 91 -5.85 5.38 2.62
C GLU A 91 -5.38 6.34 1.50
N ILE A 92 -6.05 7.46 1.31
CA ILE A 92 -5.68 8.39 0.23
C ILE A 92 -4.27 8.99 0.47
N PRO A 93 -3.90 9.43 1.70
CA PRO A 93 -2.50 9.80 2.00
C PRO A 93 -1.49 8.73 1.51
N LEU A 94 -1.90 7.44 1.61
CA LEU A 94 -1.11 6.36 0.98
C LEU A 94 -1.21 6.50 -0.54
N VAL A 95 -2.44 6.59 -1.04
CA VAL A 95 -2.73 6.56 -2.46
C VAL A 95 -2.07 7.68 -3.24
N SER A 96 -2.03 8.79 -2.63
CA SER A 96 -1.56 10.02 -3.20
C SER A 96 -0.07 10.26 -2.89
N ILE A 97 0.60 9.27 -2.28
CA ILE A 97 2.01 9.42 -1.88
C ILE A 97 2.94 9.81 -3.06
N TRP A 98 2.70 9.24 -4.22
CA TRP A 98 3.48 9.56 -5.36
C TRP A 98 2.59 10.29 -6.33
N GLY A 99 3.21 10.92 -7.26
CA GLY A 99 2.50 11.66 -8.24
C GLY A 99 3.27 11.74 -9.52
N PRO A 100 2.58 11.69 -10.68
CA PRO A 100 3.22 11.77 -12.02
C PRO A 100 3.69 13.19 -12.37
N ARG A 101 4.32 13.81 -11.42
CA ARG A 101 4.83 15.11 -11.51
C ARG A 101 5.93 15.23 -10.46
N GLY A 1 -13.17 2.26 2.95
CA GLY A 1 -13.64 3.62 3.22
C GLY A 1 -14.12 4.31 1.97
N PRO A 2 -13.85 5.62 1.82
CA PRO A 2 -14.32 6.43 0.68
C PRO A 2 -13.88 5.91 -0.69
N LEU A 3 -14.82 5.76 -1.58
CA LEU A 3 -14.55 5.30 -2.93
C LEU A 3 -15.11 6.29 -3.93
N GLY A 4 -14.81 6.08 -5.20
CA GLY A 4 -15.24 7.00 -6.25
C GLY A 4 -14.35 8.23 -6.28
N SER A 5 -14.49 9.04 -5.29
CA SER A 5 -13.71 10.21 -5.11
C SER A 5 -12.76 9.97 -3.93
N MET A 6 -11.48 10.08 -4.15
CA MET A 6 -10.50 9.79 -3.09
C MET A 6 -9.66 11.02 -2.76
N ASP A 7 -10.05 12.18 -3.23
CA ASP A 7 -9.23 13.40 -3.03
C ASP A 7 -9.52 14.10 -1.70
N ALA A 8 -10.00 13.34 -0.73
CA ALA A 8 -10.16 13.83 0.64
C ALA A 8 -8.80 13.83 1.33
N GLU A 9 -7.86 13.12 0.73
CA GLU A 9 -6.50 12.98 1.21
C GLU A 9 -5.76 14.29 1.43
N SER A 10 -5.96 15.19 0.50
CA SER A 10 -5.45 16.55 0.54
C SER A 10 -5.89 17.24 1.82
N ILE A 11 -7.08 16.94 2.22
CA ILE A 11 -7.76 17.52 3.32
C ILE A 11 -7.28 16.84 4.63
N ARG A 12 -6.90 15.57 4.52
CA ARG A 12 -6.50 14.79 5.66
C ARG A 12 -5.08 15.13 6.13
N LEU A 13 -4.07 14.86 5.29
CA LEU A 13 -2.67 15.08 5.69
C LEU A 13 -1.73 14.79 4.51
N ASN A 14 -1.51 13.49 4.19
CA ASN A 14 -0.60 13.02 3.10
C ASN A 14 0.86 13.37 3.39
N ASN A 15 1.68 12.37 3.70
CA ASN A 15 3.09 12.59 4.08
C ASN A 15 3.82 11.24 4.20
N GLU A 16 5.16 11.29 4.19
CA GLU A 16 6.07 10.13 4.34
C GLU A 16 5.74 9.33 5.62
N ASN A 17 5.19 10.00 6.64
CA ASN A 17 4.79 9.35 7.91
C ASN A 17 3.80 8.22 7.69
N LEU A 18 3.01 8.32 6.62
CA LEU A 18 2.07 7.27 6.27
C LEU A 18 2.82 6.05 5.75
N TRP A 19 3.92 6.31 5.06
CA TRP A 19 4.74 5.27 4.45
C TRP A 19 5.38 4.42 5.52
N ALA A 20 5.87 5.06 6.58
CA ALA A 20 6.48 4.37 7.69
C ALA A 20 5.47 3.42 8.33
N TRP A 21 4.24 3.90 8.51
CA TRP A 21 3.16 3.10 9.04
C TRP A 21 2.90 1.87 8.15
N LEU A 22 2.77 2.12 6.86
CA LEU A 22 2.51 1.08 5.87
C LEU A 22 3.63 0.03 5.94
N VAL A 23 4.85 0.49 5.84
CA VAL A 23 6.02 -0.38 5.83
C VAL A 23 6.16 -1.22 7.09
N ARG A 24 6.00 -0.60 8.24
CA ARG A 24 6.22 -1.29 9.50
C ARG A 24 5.11 -2.28 9.81
N LEU A 25 3.90 -1.94 9.47
CA LEU A 25 2.76 -2.79 9.74
C LEU A 25 2.79 -3.97 8.75
N LEU A 26 3.13 -3.69 7.52
CA LEU A 26 3.23 -4.70 6.50
C LEU A 26 4.43 -5.57 6.68
N SER A 27 5.43 -5.06 7.36
CA SER A 27 6.59 -5.82 7.73
C SER A 27 6.15 -6.98 8.66
N LYS A 28 4.97 -6.82 9.28
CA LYS A 28 4.41 -7.84 10.13
C LYS A 28 3.40 -8.68 9.35
N ASN A 29 3.20 -8.33 8.09
CA ASN A 29 2.23 -9.01 7.24
C ASN A 29 2.78 -9.21 5.83
N PRO A 30 3.95 -9.86 5.66
CA PRO A 30 4.52 -10.07 4.32
C PRO A 30 3.68 -11.10 3.59
N GLU A 31 2.99 -11.87 4.39
CA GLU A 31 2.12 -12.91 3.94
C GLU A 31 0.87 -12.33 3.28
N TRP A 32 0.38 -11.22 3.83
CA TRP A 32 -0.77 -10.59 3.22
C TRP A 32 -0.35 -9.86 1.95
N LEU A 33 0.72 -9.09 2.07
CA LEU A 33 1.19 -8.20 1.03
C LEU A 33 1.46 -8.97 -0.27
N SER A 34 2.14 -10.10 -0.14
CA SER A 34 2.45 -10.95 -1.27
C SER A 34 1.18 -11.41 -2.04
N ALA A 35 0.17 -11.82 -1.30
CA ALA A 35 -1.11 -12.24 -1.84
C ALA A 35 -1.75 -11.14 -2.70
N LYS A 36 -1.71 -9.91 -2.23
CA LYS A 36 -2.21 -8.79 -3.02
C LYS A 36 -1.30 -8.47 -4.18
N LEU A 37 -0.01 -8.74 -4.03
CA LEU A 37 0.92 -8.60 -5.13
C LEU A 37 0.57 -9.54 -6.26
N ARG A 38 0.09 -10.72 -5.91
CA ARG A 38 -0.27 -11.73 -6.90
C ARG A 38 -1.42 -11.21 -7.75
N SER A 39 -2.30 -10.47 -7.11
CA SER A 39 -3.42 -9.88 -7.69
C SER A 39 -3.04 -8.70 -8.61
N PHE A 40 -2.19 -7.83 -8.14
CA PHE A 40 -1.85 -6.62 -8.86
C PHE A 40 -0.75 -6.80 -9.88
N LEU A 41 0.30 -7.47 -9.51
CA LEU A 41 1.44 -7.62 -10.35
C LEU A 41 1.38 -8.94 -11.09
N PRO A 42 1.21 -8.91 -12.42
CA PRO A 42 1.17 -10.13 -13.23
C PRO A 42 2.51 -10.83 -13.24
N THR A 43 3.56 -10.05 -13.28
CA THR A 43 4.90 -10.55 -13.34
C THR A 43 5.61 -10.45 -11.97
N MET A 44 4.81 -10.55 -10.89
CA MET A 44 5.27 -10.51 -9.52
C MET A 44 6.51 -11.32 -9.24
N ASP A 45 7.41 -10.70 -8.59
CA ASP A 45 8.65 -11.33 -8.17
C ASP A 45 8.82 -11.18 -6.69
N LEU A 46 7.86 -11.72 -5.99
CA LEU A 46 7.81 -11.66 -4.55
C LEU A 46 8.64 -12.78 -3.96
N ASP A 47 8.95 -13.77 -4.79
CA ASP A 47 9.78 -14.90 -4.41
C ASP A 47 11.21 -14.46 -4.24
N CYS A 48 11.51 -13.34 -4.79
CA CYS A 48 12.80 -12.73 -4.69
C CYS A 48 12.89 -12.00 -3.35
N SER A 49 13.24 -12.75 -2.33
CA SER A 49 13.32 -12.21 -1.01
C SER A 49 14.74 -12.31 -0.51
N TYR A 50 15.52 -11.38 -0.98
CA TYR A 50 16.91 -11.22 -0.64
C TYR A 50 17.08 -11.01 0.83
N GLU A 51 16.57 -9.96 1.25
CA GLU A 51 16.61 -9.54 2.57
C GLU A 51 15.27 -9.89 3.25
N PRO A 52 15.25 -9.90 4.60
CA PRO A 52 14.03 -10.13 5.41
C PRO A 52 12.95 -9.02 5.21
N SER A 53 12.15 -8.77 6.23
CA SER A 53 11.02 -7.82 6.17
C SER A 53 11.49 -6.32 6.20
N ASN A 54 12.60 -6.06 5.54
CA ASN A 54 13.27 -4.78 5.45
C ASN A 54 12.43 -3.74 4.71
N PRO A 55 12.59 -2.44 5.07
CA PRO A 55 11.85 -1.33 4.47
C PRO A 55 11.93 -1.30 2.94
N GLU A 56 13.13 -1.43 2.38
CA GLU A 56 13.28 -1.40 0.97
C GLU A 56 12.75 -2.62 0.29
N VAL A 57 12.73 -3.71 1.02
CA VAL A 57 12.19 -4.94 0.52
C VAL A 57 10.70 -4.75 0.30
N ILE A 58 10.07 -4.11 1.26
CA ILE A 58 8.68 -3.78 1.17
C ILE A 58 8.47 -2.73 0.06
N HIS A 59 9.33 -1.72 0.06
CA HIS A 59 9.31 -0.61 -0.92
C HIS A 59 9.35 -1.14 -2.34
N ARG A 60 10.15 -2.16 -2.55
CA ARG A 60 10.24 -2.86 -3.83
C ARG A 60 8.86 -3.36 -4.28
N GLN A 61 8.25 -4.11 -3.41
CA GLN A 61 6.96 -4.74 -3.63
C GLN A 61 5.87 -3.71 -3.86
N LEU A 62 6.01 -2.63 -3.18
CA LEU A 62 5.08 -1.50 -3.29
C LEU A 62 5.32 -0.68 -4.57
N ASN A 63 6.59 -0.55 -4.97
CA ASN A 63 7.00 0.15 -6.18
C ASN A 63 6.30 -0.49 -7.38
N ARG A 64 6.16 -1.77 -7.28
CA ARG A 64 5.45 -2.58 -8.25
C ARG A 64 4.02 -2.06 -8.46
N LEU A 65 3.36 -1.72 -7.38
CA LEU A 65 1.98 -1.23 -7.44
C LEU A 65 1.95 0.16 -8.00
N PHE A 66 3.01 0.91 -7.70
CA PHE A 66 3.22 2.24 -8.24
C PHE A 66 3.26 2.17 -9.78
N ALA A 67 3.74 1.04 -10.27
CA ALA A 67 3.81 0.80 -11.70
C ALA A 67 2.44 0.41 -12.26
N GLN A 68 1.62 -0.30 -11.46
CA GLN A 68 0.34 -0.75 -11.92
C GLN A 68 -0.62 0.40 -12.14
N GLY A 69 -0.83 1.18 -11.10
CA GLY A 69 -1.84 2.19 -11.17
C GLY A 69 -1.96 2.97 -9.92
N MET A 70 -2.23 4.24 -10.05
CA MET A 70 -2.59 5.06 -8.92
C MET A 70 -3.97 4.65 -8.49
N ALA A 71 -4.73 4.16 -9.46
CA ALA A 71 -6.05 3.63 -9.26
C ALA A 71 -5.91 2.28 -8.58
N THR A 72 -4.88 1.57 -8.97
CA THR A 72 -4.53 0.32 -8.38
C THR A 72 -4.10 0.53 -6.92
N TRP A 73 -3.38 1.61 -6.66
CA TRP A 73 -2.95 1.97 -5.33
C TRP A 73 -4.19 2.27 -4.47
N LYS A 74 -5.17 3.00 -5.04
CA LYS A 74 -6.46 3.28 -4.36
C LYS A 74 -7.13 2.00 -3.93
N SER A 75 -7.27 1.09 -4.87
CA SER A 75 -7.85 -0.16 -4.66
C SER A 75 -7.06 -0.98 -3.62
N PHE A 76 -5.75 -0.87 -3.73
CA PHE A 76 -4.83 -1.54 -2.86
C PHE A 76 -4.99 -1.10 -1.43
N ILE A 77 -4.94 0.21 -1.19
CA ILE A 77 -4.97 0.68 0.17
C ILE A 77 -6.36 0.44 0.79
N ASN A 78 -7.36 0.50 -0.06
CA ASN A 78 -8.74 0.20 0.30
C ASN A 78 -8.81 -1.23 0.87
N ASP A 79 -8.26 -2.16 0.10
CA ASP A 79 -8.19 -3.59 0.49
C ASP A 79 -7.27 -3.80 1.67
N LEU A 80 -6.18 -3.08 1.68
CA LEU A 80 -5.16 -3.13 2.73
C LEU A 80 -5.80 -2.97 4.10
N CYS A 81 -6.52 -1.90 4.27
CA CYS A 81 -7.17 -1.62 5.54
C CYS A 81 -8.29 -2.62 5.82
N PHE A 82 -8.94 -3.06 4.76
CA PHE A 82 -10.08 -3.95 4.84
C PHE A 82 -9.69 -5.36 5.28
N GLU A 83 -8.65 -5.89 4.68
CA GLU A 83 -8.29 -7.28 4.93
C GLU A 83 -7.45 -7.47 6.18
N LEU A 84 -6.81 -6.41 6.65
CA LEU A 84 -5.93 -6.51 7.82
C LEU A 84 -6.69 -6.52 9.16
N ASP A 85 -7.89 -7.13 9.13
CA ASP A 85 -8.73 -7.43 10.31
C ASP A 85 -9.47 -6.23 10.87
N VAL A 86 -8.93 -5.07 10.69
CA VAL A 86 -9.53 -3.87 11.19
C VAL A 86 -9.48 -2.74 10.16
N PRO A 87 -10.63 -2.41 9.53
CA PRO A 87 -10.71 -1.28 8.63
C PRO A 87 -10.69 0.02 9.44
N LEU A 88 -9.50 0.44 9.75
CA LEU A 88 -9.25 1.60 10.59
C LEU A 88 -9.44 2.96 9.88
N ASP A 89 -9.66 2.91 8.57
CA ASP A 89 -9.91 4.09 7.73
C ASP A 89 -8.86 5.20 7.83
N MET A 90 -7.81 4.99 7.10
CA MET A 90 -6.73 5.95 6.90
C MET A 90 -6.12 5.62 5.56
N GLU A 91 -6.95 4.95 4.78
CA GLU A 91 -6.58 4.40 3.51
C GLU A 91 -6.36 5.47 2.49
N ILE A 92 -7.13 6.48 2.56
CA ILE A 92 -7.05 7.56 1.62
C ILE A 92 -5.73 8.38 1.82
N PRO A 93 -5.35 8.80 3.07
CA PRO A 93 -4.02 9.37 3.35
C PRO A 93 -2.90 8.47 2.81
N LEU A 94 -3.03 7.17 3.05
CA LEU A 94 -2.09 6.16 2.53
C LEU A 94 -2.07 6.10 1.01
N VAL A 95 -3.22 6.24 0.37
CA VAL A 95 -3.24 6.14 -1.07
C VAL A 95 -2.72 7.37 -1.75
N SER A 96 -2.95 8.44 -1.13
CA SER A 96 -2.47 9.73 -1.58
C SER A 96 -0.94 9.76 -1.71
N ILE A 97 -0.28 8.84 -1.05
CA ILE A 97 1.15 8.79 -1.00
C ILE A 97 1.75 8.43 -2.38
N TRP A 98 0.90 7.90 -3.27
CA TRP A 98 1.31 7.52 -4.60
C TRP A 98 1.83 8.73 -5.35
N GLY A 99 3.10 8.79 -5.49
CA GLY A 99 3.69 9.87 -6.19
C GLY A 99 4.75 10.52 -5.35
N PRO A 100 5.99 10.05 -5.45
CA PRO A 100 7.09 10.61 -4.70
C PRO A 100 7.53 11.92 -5.33
N ARG A 101 6.87 12.97 -4.94
CA ARG A 101 7.12 14.29 -5.41
C ARG A 101 6.67 15.31 -4.38
N GLY A 1 -15.00 1.54 -1.13
CA GLY A 1 -14.83 2.92 -0.68
C GLY A 1 -15.49 3.86 -1.65
N PRO A 2 -15.10 5.15 -1.67
CA PRO A 2 -15.64 6.15 -2.62
C PRO A 2 -15.21 5.83 -4.06
N LEU A 3 -16.03 6.23 -5.01
CA LEU A 3 -15.79 5.92 -6.40
C LEU A 3 -14.87 6.95 -7.05
N GLY A 4 -13.62 6.60 -7.19
CA GLY A 4 -12.67 7.48 -7.81
C GLY A 4 -12.17 8.53 -6.86
N SER A 5 -12.91 9.61 -6.75
CA SER A 5 -12.54 10.71 -5.91
C SER A 5 -12.80 10.36 -4.44
N MET A 6 -11.77 9.88 -3.80
CA MET A 6 -11.81 9.51 -2.40
C MET A 6 -10.81 10.34 -1.63
N ASP A 7 -10.07 11.08 -2.39
CA ASP A 7 -8.91 11.84 -1.97
C ASP A 7 -9.28 13.09 -1.18
N ALA A 8 -9.72 12.84 0.02
CA ALA A 8 -10.07 13.87 0.98
C ALA A 8 -8.82 14.45 1.61
N GLU A 9 -7.82 13.58 1.80
CA GLU A 9 -6.54 13.92 2.43
C GLU A 9 -5.85 15.05 1.71
N SER A 10 -6.08 15.09 0.43
CA SER A 10 -5.52 16.05 -0.48
C SER A 10 -5.92 17.46 -0.09
N ILE A 11 -7.08 17.56 0.48
CA ILE A 11 -7.68 18.78 0.87
C ILE A 11 -7.20 19.17 2.29
N ARG A 12 -6.70 18.20 3.06
CA ARG A 12 -6.30 18.47 4.40
C ARG A 12 -4.77 18.48 4.58
N LEU A 13 -4.13 17.30 4.41
CA LEU A 13 -2.68 17.07 4.58
C LEU A 13 -2.37 15.58 4.53
N ASN A 14 -1.09 15.28 4.55
CA ASN A 14 -0.55 13.93 4.67
C ASN A 14 0.89 14.05 5.13
N ASN A 15 1.52 12.95 5.50
CA ASN A 15 2.89 13.01 6.04
C ASN A 15 3.57 11.63 5.94
N GLU A 16 4.88 11.62 6.16
CA GLU A 16 5.76 10.42 6.16
C GLU A 16 5.24 9.31 7.06
N ASN A 17 4.50 9.69 8.09
CA ASN A 17 3.96 8.75 9.09
C ASN A 17 3.08 7.68 8.42
N LEU A 18 2.45 8.04 7.31
CA LEU A 18 1.64 7.09 6.54
C LEU A 18 2.51 6.00 5.97
N TRP A 19 3.64 6.40 5.45
CA TRP A 19 4.53 5.48 4.78
C TRP A 19 5.15 4.52 5.77
N ALA A 20 5.64 5.06 6.88
CA ALA A 20 6.27 4.24 7.91
C ALA A 20 5.30 3.23 8.51
N TRP A 21 4.07 3.69 8.78
CA TRP A 21 3.02 2.82 9.28
C TRP A 21 2.77 1.67 8.32
N LEU A 22 2.63 1.99 7.05
CA LEU A 22 2.36 1.02 6.01
C LEU A 22 3.51 0.00 5.94
N VAL A 23 4.72 0.52 5.80
CA VAL A 23 5.90 -0.31 5.64
C VAL A 23 6.10 -1.28 6.79
N ARG A 24 6.05 -0.78 8.00
CA ARG A 24 6.34 -1.60 9.16
C ARG A 24 5.18 -2.58 9.43
N LEU A 25 3.96 -2.18 9.14
CA LEU A 25 2.79 -3.04 9.37
C LEU A 25 2.83 -4.20 8.37
N LEU A 26 3.10 -3.87 7.16
CA LEU A 26 3.19 -4.83 6.09
C LEU A 26 4.40 -5.69 6.20
N SER A 27 5.44 -5.18 6.88
CA SER A 27 6.64 -5.94 7.10
C SER A 27 6.31 -7.11 8.06
N LYS A 28 5.16 -7.01 8.74
CA LYS A 28 4.70 -8.02 9.66
C LYS A 28 3.71 -8.94 8.95
N ASN A 29 3.41 -8.59 7.71
CA ASN A 29 2.43 -9.29 6.90
C ASN A 29 2.93 -9.44 5.47
N PRO A 30 4.13 -10.03 5.25
CA PRO A 30 4.67 -10.17 3.90
C PRO A 30 3.87 -11.23 3.17
N GLU A 31 3.23 -12.07 3.96
CA GLU A 31 2.42 -13.13 3.50
C GLU A 31 1.13 -12.59 2.89
N TRP A 32 0.55 -11.56 3.52
CA TRP A 32 -0.65 -10.98 2.96
C TRP A 32 -0.29 -10.15 1.73
N LEU A 33 0.78 -9.40 1.85
CA LEU A 33 1.20 -8.47 0.82
C LEU A 33 1.54 -9.20 -0.47
N SER A 34 2.28 -10.30 -0.35
CA SER A 34 2.64 -11.11 -1.51
C SER A 34 1.38 -11.61 -2.26
N ALA A 35 0.42 -12.14 -1.53
CA ALA A 35 -0.88 -12.57 -2.05
C ALA A 35 -1.57 -11.45 -2.82
N LYS A 36 -1.51 -10.25 -2.29
CA LYS A 36 -2.11 -9.11 -2.97
C LYS A 36 -1.29 -8.73 -4.19
N LEU A 37 0.02 -8.92 -4.12
CA LEU A 37 0.88 -8.70 -5.27
C LEU A 37 0.50 -9.65 -6.38
N ARG A 38 0.05 -10.83 -6.03
CA ARG A 38 -0.34 -11.84 -7.01
C ARG A 38 -1.55 -11.37 -7.83
N SER A 39 -2.35 -10.54 -7.22
CA SER A 39 -3.54 -10.02 -7.84
C SER A 39 -3.20 -8.77 -8.69
N PHE A 40 -2.34 -7.91 -8.16
CA PHE A 40 -1.97 -6.67 -8.84
C PHE A 40 -0.89 -6.87 -9.89
N LEU A 41 0.13 -7.60 -9.54
CA LEU A 41 1.25 -7.88 -10.40
C LEU A 41 0.98 -9.11 -11.21
N PRO A 42 0.98 -8.98 -12.52
CA PRO A 42 0.80 -10.12 -13.41
C PRO A 42 2.06 -11.01 -13.46
N THR A 43 3.19 -10.39 -13.17
CA THR A 43 4.49 -11.02 -13.21
C THR A 43 5.10 -11.09 -11.82
N MET A 44 4.23 -11.15 -10.83
CA MET A 44 4.57 -11.11 -9.39
C MET A 44 5.80 -11.94 -8.99
N ASP A 45 6.92 -11.26 -8.87
CA ASP A 45 8.17 -11.85 -8.45
C ASP A 45 8.39 -11.47 -7.00
N LEU A 46 7.61 -12.09 -6.18
CA LEU A 46 7.53 -11.79 -4.77
C LEU A 46 8.40 -12.69 -3.91
N ASP A 47 8.90 -13.76 -4.49
CA ASP A 47 9.65 -14.73 -3.70
C ASP A 47 11.09 -14.31 -3.54
N CYS A 48 11.46 -13.32 -4.30
CA CYS A 48 12.80 -12.77 -4.27
C CYS A 48 13.00 -11.98 -2.98
N SER A 49 13.76 -12.54 -2.07
CA SER A 49 13.98 -11.94 -0.80
C SER A 49 15.44 -12.08 -0.35
N TYR A 50 16.23 -11.12 -0.78
CA TYR A 50 17.65 -11.04 -0.42
C TYR A 50 17.87 -10.62 1.01
N GLU A 51 16.92 -9.92 1.47
CA GLU A 51 16.87 -9.41 2.75
C GLU A 51 15.53 -9.79 3.34
N PRO A 52 15.39 -9.73 4.67
CA PRO A 52 14.11 -9.94 5.35
C PRO A 52 13.11 -8.80 5.04
N SER A 53 12.24 -8.52 5.99
CA SER A 53 11.16 -7.55 5.85
C SER A 53 11.67 -6.07 5.93
N ASN A 54 12.82 -5.82 5.34
CA ASN A 54 13.46 -4.55 5.27
C ASN A 54 12.57 -3.51 4.59
N PRO A 55 12.66 -2.26 5.03
CA PRO A 55 11.90 -1.13 4.46
C PRO A 55 12.07 -1.02 2.93
N GLU A 56 13.26 -1.35 2.47
CA GLU A 56 13.60 -1.27 1.06
C GLU A 56 12.91 -2.38 0.30
N VAL A 57 12.89 -3.54 0.94
CA VAL A 57 12.32 -4.74 0.38
C VAL A 57 10.82 -4.56 0.27
N ILE A 58 10.24 -4.04 1.33
CA ILE A 58 8.82 -3.74 1.36
C ILE A 58 8.50 -2.68 0.30
N HIS A 59 9.33 -1.65 0.22
CA HIS A 59 9.16 -0.59 -0.76
C HIS A 59 9.15 -1.13 -2.19
N ARG A 60 9.98 -2.13 -2.45
CA ARG A 60 10.05 -2.77 -3.76
C ARG A 60 8.70 -3.39 -4.13
N GLN A 61 8.11 -4.07 -3.18
CA GLN A 61 6.84 -4.77 -3.36
C GLN A 61 5.74 -3.77 -3.64
N LEU A 62 5.73 -2.76 -2.84
CA LEU A 62 4.74 -1.69 -2.94
C LEU A 62 4.95 -0.85 -4.21
N ASN A 63 6.19 -0.74 -4.65
CA ASN A 63 6.56 0.01 -5.83
C ASN A 63 5.88 -0.59 -7.05
N ARG A 64 5.78 -1.90 -7.04
CA ARG A 64 5.15 -2.67 -8.10
C ARG A 64 3.69 -2.27 -8.29
N LEU A 65 3.05 -1.88 -7.21
CA LEU A 65 1.65 -1.47 -7.23
C LEU A 65 1.53 -0.14 -7.92
N PHE A 66 2.44 0.76 -7.56
CA PHE A 66 2.51 2.07 -8.18
C PHE A 66 2.78 1.90 -9.66
N ALA A 67 3.64 0.93 -9.96
CA ALA A 67 3.99 0.58 -11.32
C ALA A 67 2.80 -0.02 -12.08
N GLN A 68 1.81 -0.54 -11.36
CA GLN A 68 0.62 -0.99 -11.99
C GLN A 68 -0.28 0.21 -12.25
N GLY A 69 -0.48 1.00 -11.22
CA GLY A 69 -1.38 2.11 -11.29
C GLY A 69 -1.43 2.88 -10.03
N MET A 70 -1.55 4.18 -10.15
CA MET A 70 -1.83 5.00 -9.00
C MET A 70 -3.26 4.72 -8.58
N ALA A 71 -4.05 4.30 -9.59
CA ALA A 71 -5.41 3.86 -9.40
C ALA A 71 -5.39 2.51 -8.71
N THR A 72 -4.41 1.70 -9.09
CA THR A 72 -4.18 0.40 -8.52
C THR A 72 -3.86 0.51 -7.02
N TRP A 73 -3.18 1.59 -6.65
CA TRP A 73 -2.84 1.84 -5.26
C TRP A 73 -4.13 2.11 -4.46
N LYS A 74 -5.08 2.83 -5.06
CA LYS A 74 -6.37 3.09 -4.45
C LYS A 74 -7.23 1.86 -4.31
N SER A 75 -7.11 0.96 -5.22
CA SER A 75 -7.72 -0.29 -5.12
C SER A 75 -7.06 -1.09 -3.98
N PHE A 76 -5.77 -0.91 -3.88
CA PHE A 76 -4.95 -1.57 -2.89
C PHE A 76 -5.27 -1.13 -1.48
N ILE A 77 -5.24 0.18 -1.20
CA ILE A 77 -5.43 0.63 0.18
C ILE A 77 -6.82 0.27 0.70
N ASN A 78 -7.79 0.27 -0.20
CA ASN A 78 -9.15 -0.11 0.11
C ASN A 78 -9.18 -1.56 0.58
N ASP A 79 -8.43 -2.41 -0.09
CA ASP A 79 -8.30 -3.83 0.28
C ASP A 79 -7.43 -4.00 1.50
N LEU A 80 -6.36 -3.26 1.53
CA LEU A 80 -5.35 -3.27 2.62
C LEU A 80 -6.02 -3.13 3.98
N CYS A 81 -6.82 -2.10 4.10
CA CYS A 81 -7.53 -1.82 5.34
C CYS A 81 -8.58 -2.91 5.62
N PHE A 82 -9.17 -3.43 4.55
CA PHE A 82 -10.25 -4.40 4.62
C PHE A 82 -9.76 -5.80 4.98
N GLU A 83 -8.74 -6.27 4.29
CA GLU A 83 -8.27 -7.62 4.42
C GLU A 83 -7.47 -7.83 5.70
N LEU A 84 -6.84 -6.79 6.18
CA LEU A 84 -6.12 -6.87 7.43
C LEU A 84 -7.09 -6.61 8.59
N ASP A 85 -8.27 -6.11 8.21
CA ASP A 85 -9.37 -5.77 9.13
C ASP A 85 -8.89 -4.83 10.22
N VAL A 86 -8.37 -3.73 9.78
CA VAL A 86 -7.86 -2.70 10.65
C VAL A 86 -8.35 -1.35 10.17
N PRO A 87 -9.27 -0.74 10.91
CA PRO A 87 -9.78 0.60 10.58
C PRO A 87 -8.65 1.60 10.67
N LEU A 88 -8.24 2.12 9.55
CA LEU A 88 -7.14 3.05 9.56
C LEU A 88 -7.65 4.42 9.91
N ASP A 89 -8.84 4.74 9.35
CA ASP A 89 -9.49 6.07 9.48
C ASP A 89 -8.62 7.15 8.87
N MET A 90 -7.64 6.71 8.14
CA MET A 90 -6.67 7.54 7.53
C MET A 90 -6.08 6.76 6.35
N GLU A 91 -6.94 5.97 5.74
CA GLU A 91 -6.58 5.13 4.61
C GLU A 91 -6.34 5.99 3.40
N ILE A 92 -7.08 7.03 3.30
CA ILE A 92 -7.01 7.92 2.19
C ILE A 92 -5.62 8.60 2.06
N PRO A 93 -5.06 9.22 3.13
CA PRO A 93 -3.67 9.73 3.09
C PRO A 93 -2.66 8.62 2.79
N LEU A 94 -3.04 7.39 3.10
CA LEU A 94 -2.23 6.24 2.83
C LEU A 94 -2.29 5.96 1.30
N VAL A 95 -3.42 6.27 0.70
CA VAL A 95 -3.55 6.01 -0.69
C VAL A 95 -3.07 7.13 -1.58
N SER A 96 -3.47 8.29 -1.24
CA SER A 96 -3.17 9.43 -2.05
C SER A 96 -1.72 9.92 -1.81
N ILE A 97 -0.99 9.17 -0.98
CA ILE A 97 0.41 9.44 -0.69
C ILE A 97 1.23 9.44 -2.00
N TRP A 98 0.91 8.52 -2.90
CA TRP A 98 1.57 8.43 -4.19
C TRP A 98 0.51 8.41 -5.29
N GLY A 99 -0.70 8.77 -4.92
CA GLY A 99 -1.80 8.73 -5.84
C GLY A 99 -2.01 10.06 -6.55
N PRO A 100 -3.25 10.53 -6.65
CA PRO A 100 -3.57 11.81 -7.26
C PRO A 100 -3.12 12.98 -6.39
N ARG A 101 -2.85 14.10 -7.01
CA ARG A 101 -2.48 15.27 -6.29
C ARG A 101 -3.69 16.15 -6.15
N GLY A 1 -17.15 2.90 3.99
CA GLY A 1 -18.08 3.21 2.90
C GLY A 1 -17.51 2.75 1.57
N PRO A 2 -18.13 3.10 0.45
CA PRO A 2 -17.66 2.68 -0.87
C PRO A 2 -16.58 3.60 -1.46
N LEU A 3 -16.20 4.63 -0.69
CA LEU A 3 -15.22 5.64 -1.09
C LEU A 3 -15.71 6.47 -2.27
N GLY A 4 -16.33 7.58 -1.95
CA GLY A 4 -16.86 8.45 -2.98
C GLY A 4 -15.82 9.42 -3.43
N SER A 5 -15.16 10.02 -2.49
CA SER A 5 -14.14 10.97 -2.78
C SER A 5 -12.82 10.22 -3.02
N MET A 6 -12.56 9.87 -4.26
CA MET A 6 -11.41 9.07 -4.58
C MET A 6 -10.19 9.95 -4.86
N ASP A 7 -10.45 11.23 -5.04
CA ASP A 7 -9.38 12.22 -5.25
C ASP A 7 -9.26 13.09 -4.04
N ALA A 8 -9.67 12.54 -2.90
CA ALA A 8 -9.50 13.18 -1.59
C ALA A 8 -8.06 13.00 -1.11
N GLU A 9 -7.34 12.16 -1.81
CA GLU A 9 -5.96 11.84 -1.52
C GLU A 9 -5.06 13.05 -1.57
N SER A 10 -5.26 13.84 -2.58
CA SER A 10 -4.61 15.11 -2.77
C SER A 10 -4.79 16.04 -1.56
N ILE A 11 -5.91 15.87 -0.92
CA ILE A 11 -6.36 16.68 0.18
C ILE A 11 -5.76 16.17 1.51
N ARG A 12 -5.66 14.85 1.63
CA ARG A 12 -5.18 14.23 2.87
C ARG A 12 -3.67 14.23 2.99
N LEU A 13 -2.99 14.00 1.85
CA LEU A 13 -1.54 13.90 1.77
C LEU A 13 -0.96 12.75 2.60
N ASN A 14 0.35 12.64 2.66
CA ASN A 14 0.97 11.53 3.39
C ASN A 14 1.95 12.04 4.44
N ASN A 15 2.60 11.12 5.12
CA ASN A 15 3.50 11.41 6.23
C ASN A 15 4.52 10.26 6.35
N GLU A 16 5.70 10.54 6.88
CA GLU A 16 6.74 9.50 7.01
C GLU A 16 6.38 8.45 8.05
N ASN A 17 5.71 8.89 9.12
CA ASN A 17 5.23 7.96 10.19
C ASN A 17 4.25 6.98 9.59
N LEU A 18 3.50 7.50 8.66
CA LEU A 18 2.49 6.80 7.94
C LEU A 18 3.12 5.70 7.06
N TRP A 19 4.27 6.01 6.46
CA TRP A 19 5.01 5.02 5.69
C TRP A 19 5.65 3.98 6.63
N ALA A 20 6.28 4.48 7.70
CA ALA A 20 6.95 3.63 8.70
C ALA A 20 5.97 2.63 9.29
N TRP A 21 4.74 3.10 9.54
CA TRP A 21 3.64 2.27 10.01
C TRP A 21 3.44 1.07 9.10
N LEU A 22 3.35 1.31 7.80
CA LEU A 22 3.17 0.23 6.86
C LEU A 22 4.34 -0.68 6.80
N VAL A 23 5.54 -0.11 6.73
CA VAL A 23 6.75 -0.91 6.59
C VAL A 23 6.83 -2.01 7.63
N ARG A 24 6.71 -1.62 8.88
CA ARG A 24 6.85 -2.59 9.95
C ARG A 24 5.65 -3.51 10.05
N LEU A 25 4.47 -3.01 9.74
CA LEU A 25 3.23 -3.79 9.85
C LEU A 25 3.18 -4.83 8.71
N LEU A 26 3.46 -4.39 7.52
CA LEU A 26 3.46 -5.23 6.34
C LEU A 26 4.57 -6.27 6.42
N SER A 27 5.61 -5.96 7.19
CA SER A 27 6.71 -6.89 7.40
C SER A 27 6.27 -8.03 8.32
N LYS A 28 5.10 -7.89 8.92
CA LYS A 28 4.56 -8.91 9.78
C LYS A 28 3.57 -9.70 8.97
N ASN A 29 3.25 -9.16 7.81
CA ASN A 29 2.25 -9.71 6.95
C ASN A 29 2.76 -9.79 5.52
N PRO A 30 3.95 -10.39 5.26
CA PRO A 30 4.47 -10.45 3.90
C PRO A 30 3.66 -11.46 3.11
N GLU A 31 2.99 -12.31 3.86
CA GLU A 31 2.16 -13.32 3.34
C GLU A 31 0.86 -12.70 2.81
N TRP A 32 0.34 -11.68 3.51
CA TRP A 32 -0.83 -11.02 3.02
C TRP A 32 -0.46 -10.16 1.83
N LEU A 33 0.66 -9.48 1.98
CA LEU A 33 1.15 -8.55 1.00
C LEU A 33 1.38 -9.27 -0.34
N SER A 34 2.03 -10.42 -0.29
CA SER A 34 2.27 -11.20 -1.49
C SER A 34 0.94 -11.67 -2.13
N ALA A 35 -0.02 -12.03 -1.30
CA ALA A 35 -1.33 -12.49 -1.73
C ALA A 35 -2.06 -11.41 -2.53
N LYS A 36 -1.96 -10.18 -2.06
CA LYS A 36 -2.55 -9.07 -2.76
C LYS A 36 -1.76 -8.68 -4.00
N LEU A 37 -0.46 -8.46 -3.83
CA LEU A 37 0.42 -8.07 -4.94
C LEU A 37 0.34 -8.98 -6.13
N ARG A 38 0.08 -10.27 -5.92
CA ARG A 38 -0.01 -11.18 -7.04
C ARG A 38 -1.18 -10.90 -7.93
N SER A 39 -2.22 -10.41 -7.35
CA SER A 39 -3.41 -10.08 -8.11
C SER A 39 -3.15 -8.82 -8.96
N PHE A 40 -2.34 -7.94 -8.44
CA PHE A 40 -1.98 -6.70 -9.11
C PHE A 40 -0.85 -6.91 -10.12
N LEU A 41 0.28 -7.40 -9.65
CA LEU A 41 1.47 -7.65 -10.45
C LEU A 41 1.26 -8.84 -11.35
N PRO A 42 1.38 -8.66 -12.67
CA PRO A 42 1.16 -9.74 -13.63
C PRO A 42 2.25 -10.82 -13.56
N THR A 43 3.46 -10.41 -13.26
CA THR A 43 4.60 -11.30 -13.20
C THR A 43 4.81 -11.79 -11.78
N MET A 44 4.00 -11.22 -10.88
CA MET A 44 4.01 -11.40 -9.45
C MET A 44 5.40 -11.54 -8.90
N ASP A 45 5.98 -10.45 -8.53
CA ASP A 45 7.30 -10.49 -7.97
C ASP A 45 7.20 -10.35 -6.49
N LEU A 46 6.74 -11.44 -5.92
CA LEU A 46 6.46 -11.54 -4.49
C LEU A 46 7.69 -12.07 -3.84
N ASP A 47 8.27 -13.00 -4.52
CA ASP A 47 9.44 -13.76 -4.08
C ASP A 47 10.71 -12.93 -4.21
N CYS A 48 10.53 -11.70 -4.60
CA CYS A 48 11.56 -10.70 -4.77
C CYS A 48 12.20 -10.31 -3.42
N SER A 49 11.54 -10.65 -2.33
CA SER A 49 12.02 -10.34 -1.01
C SER A 49 13.17 -11.26 -0.58
N TYR A 50 14.31 -11.09 -1.23
CA TYR A 50 15.52 -11.82 -0.91
C TYR A 50 16.30 -11.15 0.20
N GLU A 51 15.88 -9.99 0.52
CA GLU A 51 16.41 -9.21 1.58
C GLU A 51 15.37 -9.11 2.68
N PRO A 52 15.80 -8.78 3.92
CA PRO A 52 14.89 -8.70 5.07
C PRO A 52 13.81 -7.65 4.93
N SER A 53 13.12 -7.43 6.01
CA SER A 53 11.97 -6.54 6.05
C SER A 53 12.39 -5.05 6.07
N ASN A 54 13.44 -4.71 5.33
CA ASN A 54 13.92 -3.37 5.29
C ASN A 54 12.93 -2.45 4.57
N PRO A 55 12.86 -1.17 4.97
CA PRO A 55 11.90 -0.20 4.41
C PRO A 55 12.00 -0.06 2.89
N GLU A 56 13.21 -0.05 2.39
CA GLU A 56 13.46 0.11 0.97
C GLU A 56 13.12 -1.17 0.21
N VAL A 57 13.17 -2.29 0.92
CA VAL A 57 12.79 -3.59 0.37
C VAL A 57 11.29 -3.58 0.15
N ILE A 58 10.60 -3.15 1.18
CA ILE A 58 9.16 -3.00 1.19
C ILE A 58 8.75 -1.99 0.10
N HIS A 59 9.45 -0.88 0.05
CA HIS A 59 9.20 0.22 -0.90
C HIS A 59 9.21 -0.28 -2.35
N ARG A 60 10.13 -1.18 -2.66
CA ARG A 60 10.27 -1.78 -3.98
C ARG A 60 9.01 -2.56 -4.37
N GLN A 61 8.48 -3.27 -3.42
CA GLN A 61 7.32 -4.13 -3.63
C GLN A 61 6.08 -3.29 -3.82
N LEU A 62 5.96 -2.30 -2.99
CA LEU A 62 4.80 -1.43 -3.00
C LEU A 62 4.80 -0.51 -4.23
N ASN A 63 6.01 -0.18 -4.69
CA ASN A 63 6.24 0.61 -5.90
C ASN A 63 5.51 -0.02 -7.08
N ARG A 64 5.60 -1.33 -7.14
CA ARG A 64 4.98 -2.14 -8.17
C ARG A 64 3.48 -1.89 -8.30
N LEU A 65 2.83 -1.59 -7.20
CA LEU A 65 1.43 -1.33 -7.19
C LEU A 65 1.13 0.01 -7.82
N PHE A 66 1.98 0.98 -7.54
CA PHE A 66 1.89 2.30 -8.17
C PHE A 66 2.14 2.15 -9.65
N ALA A 67 3.06 1.27 -9.97
CA ALA A 67 3.41 0.94 -11.34
C ALA A 67 2.24 0.31 -12.09
N GLN A 68 1.35 -0.38 -11.36
CA GLN A 68 0.19 -0.89 -11.95
C GLN A 68 -0.76 0.26 -12.20
N GLY A 69 -1.07 0.95 -11.13
CA GLY A 69 -2.03 1.99 -11.18
C GLY A 69 -2.07 2.77 -9.95
N MET A 70 -2.25 4.04 -10.08
CA MET A 70 -2.57 4.87 -8.94
C MET A 70 -3.95 4.45 -8.48
N ALA A 71 -4.77 4.07 -9.46
CA ALA A 71 -6.10 3.56 -9.20
C ALA A 71 -5.97 2.21 -8.49
N THR A 72 -4.97 1.46 -8.89
CA THR A 72 -4.63 0.20 -8.29
C THR A 72 -4.23 0.41 -6.81
N TRP A 73 -3.46 1.44 -6.53
CA TRP A 73 -3.03 1.74 -5.16
C TRP A 73 -4.26 2.18 -4.31
N LYS A 74 -5.15 3.00 -4.89
CA LYS A 74 -6.40 3.42 -4.22
C LYS A 74 -7.24 2.22 -3.82
N SER A 75 -7.27 1.24 -4.67
CA SER A 75 -7.95 0.04 -4.43
C SER A 75 -7.22 -0.77 -3.35
N PHE A 76 -5.91 -0.83 -3.49
CA PHE A 76 -5.04 -1.58 -2.59
C PHE A 76 -5.15 -1.12 -1.18
N ILE A 77 -5.12 0.18 -0.94
CA ILE A 77 -5.14 0.65 0.41
C ILE A 77 -6.47 0.32 1.11
N ASN A 78 -7.54 0.30 0.34
CA ASN A 78 -8.83 -0.11 0.89
C ASN A 78 -8.76 -1.58 1.31
N ASP A 79 -8.11 -2.40 0.50
CA ASP A 79 -7.89 -3.81 0.85
C ASP A 79 -7.00 -3.92 2.06
N LEU A 80 -5.96 -3.10 2.08
CA LEU A 80 -4.97 -3.01 3.16
C LEU A 80 -5.69 -2.83 4.49
N CYS A 81 -6.53 -1.81 4.58
CA CYS A 81 -7.23 -1.53 5.79
C CYS A 81 -8.27 -2.61 6.11
N PHE A 82 -8.96 -3.07 5.09
CA PHE A 82 -10.03 -4.06 5.24
C PHE A 82 -9.48 -5.38 5.78
N GLU A 83 -8.49 -5.89 5.09
CA GLU A 83 -7.91 -7.17 5.36
C GLU A 83 -7.07 -7.22 6.62
N LEU A 84 -6.35 -6.16 6.89
CA LEU A 84 -5.49 -6.15 8.05
C LEU A 84 -6.23 -5.74 9.29
N ASP A 85 -7.23 -4.88 9.17
CA ASP A 85 -7.93 -4.44 10.34
C ASP A 85 -9.41 -4.18 10.06
N VAL A 86 -9.78 -2.94 9.89
CA VAL A 86 -11.15 -2.51 9.62
C VAL A 86 -11.06 -1.37 8.60
N PRO A 87 -12.09 -1.15 7.73
CA PRO A 87 -12.17 0.08 6.92
C PRO A 87 -12.01 1.30 7.84
N LEU A 88 -10.88 1.95 7.75
CA LEU A 88 -10.50 2.97 8.72
C LEU A 88 -10.94 4.36 8.36
N ASP A 89 -11.17 4.61 7.07
CA ASP A 89 -11.44 5.97 6.53
C ASP A 89 -10.17 6.82 6.65
N MET A 90 -9.08 6.11 6.84
CA MET A 90 -7.76 6.66 6.89
C MET A 90 -6.96 6.02 5.79
N GLU A 91 -7.67 5.36 4.90
CA GLU A 91 -7.05 4.66 3.77
C GLU A 91 -6.53 5.66 2.75
N ILE A 92 -7.24 6.72 2.58
CA ILE A 92 -6.90 7.75 1.63
C ILE A 92 -5.50 8.40 1.93
N PRO A 93 -5.19 8.79 3.19
CA PRO A 93 -3.81 9.23 3.57
C PRO A 93 -2.75 8.20 3.15
N LEU A 94 -3.07 6.92 3.28
CA LEU A 94 -2.17 5.83 2.90
C LEU A 94 -2.05 5.71 1.39
N VAL A 95 -3.10 6.01 0.67
CA VAL A 95 -3.02 5.97 -0.77
C VAL A 95 -2.33 7.18 -1.35
N SER A 96 -2.47 8.22 -0.65
CA SER A 96 -1.85 9.49 -0.98
C SER A 96 -0.31 9.45 -0.71
N ILE A 97 0.19 8.30 -0.31
CA ILE A 97 1.59 8.14 0.01
C ILE A 97 2.47 8.36 -1.22
N TRP A 98 1.94 8.07 -2.38
CA TRP A 98 2.60 8.41 -3.59
C TRP A 98 2.08 9.77 -3.97
N GLY A 99 2.84 10.78 -3.56
CA GLY A 99 2.46 12.18 -3.64
C GLY A 99 1.69 12.60 -4.88
N PRO A 100 0.38 12.89 -4.72
CA PRO A 100 -0.45 13.40 -5.79
C PRO A 100 -0.63 14.90 -5.64
N ARG A 101 0.43 15.53 -5.22
CA ARG A 101 0.49 16.92 -4.97
C ARG A 101 1.64 17.51 -5.77
N GLY A 1 -13.84 -2.20 0.33
CA GLY A 1 -14.99 -1.63 1.02
C GLY A 1 -15.72 -0.66 0.12
N PRO A 2 -17.03 -0.48 0.30
CA PRO A 2 -17.87 0.38 -0.57
C PRO A 2 -17.49 1.87 -0.53
N LEU A 3 -17.14 2.38 0.64
CA LEU A 3 -16.86 3.79 0.75
C LEU A 3 -15.42 4.15 0.46
N GLY A 4 -15.24 5.24 -0.24
CA GLY A 4 -13.92 5.67 -0.62
C GLY A 4 -13.73 7.15 -0.41
N SER A 5 -14.26 7.93 -1.35
CA SER A 5 -14.12 9.39 -1.36
C SER A 5 -12.64 9.78 -1.46
N MET A 6 -12.17 9.82 -2.68
CA MET A 6 -10.76 9.97 -2.95
C MET A 6 -10.26 11.39 -2.82
N ASP A 7 -11.09 12.31 -2.42
CA ASP A 7 -10.62 13.67 -2.25
C ASP A 7 -10.58 14.05 -0.80
N ALA A 8 -10.49 13.04 0.06
CA ALA A 8 -10.35 13.26 1.50
C ALA A 8 -8.91 13.64 1.83
N GLU A 9 -8.05 13.43 0.88
CA GLU A 9 -6.64 13.69 1.01
C GLU A 9 -6.33 15.16 1.16
N SER A 10 -7.12 15.99 0.54
CA SER A 10 -6.95 17.43 0.60
C SER A 10 -7.09 17.91 2.05
N ILE A 11 -8.00 17.29 2.74
CA ILE A 11 -8.33 17.60 4.08
C ILE A 11 -7.45 16.86 5.10
N ARG A 12 -7.21 15.59 4.86
CA ARG A 12 -6.47 14.78 5.80
C ARG A 12 -4.93 14.92 5.64
N LEU A 13 -4.49 15.20 4.41
CA LEU A 13 -3.07 15.34 4.01
C LEU A 13 -2.21 14.08 4.16
N ASN A 14 -1.44 13.80 3.10
CA ASN A 14 -0.49 12.69 3.11
C ASN A 14 0.68 13.06 4.01
N ASN A 15 1.35 12.05 4.53
CA ASN A 15 2.41 12.24 5.49
C ASN A 15 3.31 11.02 5.45
N GLU A 16 4.61 11.23 5.62
CA GLU A 16 5.62 10.17 5.68
C GLU A 16 5.27 9.10 6.72
N ASN A 17 4.54 9.53 7.75
CA ASN A 17 4.07 8.66 8.86
C ASN A 17 3.27 7.52 8.31
N LEU A 18 2.48 7.83 7.32
CA LEU A 18 1.57 6.89 6.73
C LEU A 18 2.32 5.84 5.94
N TRP A 19 3.40 6.25 5.28
CA TRP A 19 4.22 5.32 4.54
C TRP A 19 4.97 4.42 5.51
N ALA A 20 5.47 4.99 6.60
CA ALA A 20 6.16 4.22 7.64
C ALA A 20 5.21 3.19 8.24
N TRP A 21 4.03 3.65 8.60
CA TRP A 21 2.96 2.80 9.11
C TRP A 21 2.67 1.66 8.13
N LEU A 22 2.47 2.02 6.87
CA LEU A 22 2.14 1.08 5.82
C LEU A 22 3.25 0.04 5.70
N VAL A 23 4.47 0.52 5.55
CA VAL A 23 5.63 -0.34 5.42
C VAL A 23 5.77 -1.30 6.60
N ARG A 24 5.72 -0.78 7.80
CA ARG A 24 5.97 -1.56 8.99
C ARG A 24 4.87 -2.57 9.25
N LEU A 25 3.63 -2.16 9.07
CA LEU A 25 2.49 -3.03 9.34
C LEU A 25 2.49 -4.18 8.33
N LEU A 26 2.76 -3.86 7.09
CA LEU A 26 2.79 -4.82 6.02
C LEU A 26 3.98 -5.74 6.15
N SER A 27 5.02 -5.26 6.83
CA SER A 27 6.20 -6.07 7.10
C SER A 27 5.85 -7.12 8.15
N LYS A 28 4.77 -6.87 8.88
CA LYS A 28 4.31 -7.80 9.87
C LYS A 28 3.31 -8.75 9.25
N ASN A 29 3.09 -8.57 7.96
CA ASN A 29 2.16 -9.33 7.18
C ASN A 29 2.73 -9.62 5.80
N PRO A 30 3.94 -10.25 5.69
CA PRO A 30 4.57 -10.47 4.39
C PRO A 30 3.75 -11.49 3.62
N GLU A 31 3.06 -12.30 4.39
CA GLU A 31 2.20 -13.33 3.92
C GLU A 31 0.99 -12.73 3.21
N TRP A 32 0.43 -11.65 3.77
CA TRP A 32 -0.71 -11.03 3.14
C TRP A 32 -0.26 -10.25 1.92
N LEU A 33 0.80 -9.51 2.12
CA LEU A 33 1.33 -8.59 1.14
C LEU A 33 1.66 -9.34 -0.16
N SER A 34 2.43 -10.41 -0.06
CA SER A 34 2.81 -11.20 -1.23
C SER A 34 1.56 -11.69 -2.04
N ALA A 35 0.54 -12.13 -1.32
CA ALA A 35 -0.72 -12.58 -1.90
C ALA A 35 -1.41 -11.49 -2.76
N LYS A 36 -1.44 -10.27 -2.26
CA LYS A 36 -2.04 -9.15 -3.01
C LYS A 36 -1.16 -8.75 -4.17
N LEU A 37 0.12 -8.91 -4.00
CA LEU A 37 1.07 -8.71 -5.05
C LEU A 37 0.84 -9.67 -6.21
N ARG A 38 0.33 -10.85 -5.92
CA ARG A 38 0.04 -11.84 -6.95
C ARG A 38 -1.10 -11.32 -7.84
N SER A 39 -2.01 -10.62 -7.20
CA SER A 39 -3.16 -10.07 -7.78
C SER A 39 -2.86 -8.80 -8.62
N PHE A 40 -1.91 -8.00 -8.17
CA PHE A 40 -1.55 -6.76 -8.85
C PHE A 40 -0.38 -6.92 -9.82
N LEU A 41 0.67 -7.57 -9.39
CA LEU A 41 1.87 -7.71 -10.18
C LEU A 41 1.92 -9.08 -10.82
N PRO A 42 1.87 -9.17 -12.14
CA PRO A 42 1.98 -10.45 -12.83
C PRO A 42 3.44 -10.96 -12.86
N THR A 43 4.36 -10.02 -12.77
CA THR A 43 5.76 -10.27 -12.90
C THR A 43 6.44 -10.36 -11.49
N MET A 44 5.65 -10.67 -10.52
CA MET A 44 6.07 -10.74 -9.17
C MET A 44 6.91 -11.96 -8.84
N ASP A 45 8.20 -11.75 -8.70
CA ASP A 45 9.09 -12.78 -8.21
C ASP A 45 9.21 -12.56 -6.72
N LEU A 46 8.19 -12.96 -6.03
CA LEU A 46 8.06 -12.72 -4.60
C LEU A 46 8.67 -13.83 -3.78
N ASP A 47 8.90 -14.96 -4.41
CA ASP A 47 9.41 -16.15 -3.72
C ASP A 47 10.85 -16.00 -3.34
N CYS A 48 11.50 -15.09 -3.97
CA CYS A 48 12.90 -14.89 -3.75
C CYS A 48 13.14 -13.73 -2.83
N SER A 49 13.29 -14.00 -1.57
CA SER A 49 13.54 -12.98 -0.60
C SER A 49 15.04 -12.82 -0.42
N TYR A 50 15.58 -11.86 -1.14
CA TYR A 50 16.98 -11.50 -1.04
C TYR A 50 17.32 -11.03 0.34
N GLU A 51 16.53 -10.19 0.79
CA GLU A 51 16.56 -9.63 2.06
C GLU A 51 15.27 -10.04 2.76
N PRO A 52 15.18 -9.90 4.08
CA PRO A 52 13.94 -10.16 4.82
C PRO A 52 12.93 -9.00 4.61
N SER A 53 12.08 -8.76 5.58
CA SER A 53 11.01 -7.76 5.52
C SER A 53 11.55 -6.30 5.69
N ASN A 54 12.71 -6.04 5.11
CA ASN A 54 13.35 -4.74 5.13
C ASN A 54 12.48 -3.71 4.44
N PRO A 55 12.53 -2.45 4.91
CA PRO A 55 11.73 -1.37 4.34
C PRO A 55 12.09 -1.10 2.88
N GLU A 56 13.34 -1.39 2.53
CA GLU A 56 13.83 -1.22 1.18
C GLU A 56 13.16 -2.22 0.29
N VAL A 57 13.01 -3.42 0.82
CA VAL A 57 12.39 -4.52 0.12
C VAL A 57 10.93 -4.22 -0.09
N ILE A 58 10.29 -3.83 0.99
CA ILE A 58 8.89 -3.45 0.97
C ILE A 58 8.66 -2.33 -0.06
N HIS A 59 9.61 -1.42 -0.13
CA HIS A 59 9.56 -0.29 -1.05
C HIS A 59 9.54 -0.75 -2.52
N ARG A 60 10.15 -1.91 -2.81
CA ARG A 60 10.18 -2.43 -4.20
C ARG A 60 8.82 -2.95 -4.55
N GLN A 61 8.25 -3.61 -3.58
CA GLN A 61 7.01 -4.31 -3.70
C GLN A 61 5.87 -3.34 -3.85
N LEU A 62 5.91 -2.32 -3.05
CA LEU A 62 4.90 -1.29 -3.08
C LEU A 62 5.05 -0.39 -4.33
N ASN A 63 6.31 -0.23 -4.79
CA ASN A 63 6.65 0.51 -6.01
C ASN A 63 5.88 -0.10 -7.19
N ARG A 64 5.86 -1.41 -7.21
CA ARG A 64 5.20 -2.19 -8.24
C ARG A 64 3.71 -1.87 -8.33
N LEU A 65 3.08 -1.63 -7.21
CA LEU A 65 1.65 -1.37 -7.16
C LEU A 65 1.30 -0.03 -7.72
N PHE A 66 2.08 0.96 -7.33
CA PHE A 66 1.85 2.31 -7.80
C PHE A 66 2.15 2.38 -9.31
N ALA A 67 3.03 1.49 -9.74
CA ALA A 67 3.36 1.36 -11.14
C ALA A 67 2.18 0.79 -11.92
N GLN A 68 1.45 -0.18 -11.32
CA GLN A 68 0.27 -0.73 -11.93
C GLN A 68 -0.73 0.37 -12.13
N GLY A 69 -0.93 1.12 -11.09
CA GLY A 69 -1.87 2.17 -11.09
C GLY A 69 -1.83 2.92 -9.84
N MET A 70 -1.97 4.23 -9.93
CA MET A 70 -2.17 5.00 -8.74
C MET A 70 -3.55 4.66 -8.23
N ALA A 71 -4.40 4.26 -9.19
CA ALA A 71 -5.72 3.76 -8.90
C ALA A 71 -5.58 2.38 -8.25
N THR A 72 -4.69 1.56 -8.81
CA THR A 72 -4.34 0.25 -8.24
C THR A 72 -3.89 0.40 -6.79
N TRP A 73 -3.11 1.44 -6.54
CA TRP A 73 -2.64 1.76 -5.22
C TRP A 73 -3.85 2.06 -4.30
N LYS A 74 -4.76 2.92 -4.76
CA LYS A 74 -5.99 3.25 -4.02
C LYS A 74 -6.78 1.98 -3.71
N SER A 75 -6.86 1.10 -4.68
CA SER A 75 -7.55 -0.12 -4.55
C SER A 75 -6.85 -1.04 -3.53
N PHE A 76 -5.53 -1.11 -3.63
CA PHE A 76 -4.72 -1.90 -2.74
C PHE A 76 -4.91 -1.47 -1.30
N ILE A 77 -4.83 -0.18 -1.04
CA ILE A 77 -4.96 0.37 0.31
C ILE A 77 -6.38 0.12 0.86
N ASN A 78 -7.37 0.24 -0.01
CA ASN A 78 -8.77 0.02 0.37
C ASN A 78 -9.02 -1.47 0.66
N ASP A 79 -8.33 -2.34 -0.05
CA ASP A 79 -8.39 -3.76 0.30
C ASP A 79 -7.60 -4.02 1.55
N LEU A 80 -6.47 -3.36 1.67
CA LEU A 80 -5.54 -3.48 2.80
C LEU A 80 -6.28 -3.30 4.13
N CYS A 81 -6.99 -2.20 4.24
CA CYS A 81 -7.71 -1.86 5.43
C CYS A 81 -8.81 -2.89 5.73
N PHE A 82 -9.39 -3.42 4.67
CA PHE A 82 -10.44 -4.41 4.75
C PHE A 82 -9.87 -5.78 5.16
N GLU A 83 -8.88 -6.23 4.42
CA GLU A 83 -8.33 -7.56 4.56
C GLU A 83 -7.59 -7.76 5.86
N LEU A 84 -6.89 -6.75 6.31
CA LEU A 84 -6.20 -6.85 7.58
C LEU A 84 -7.09 -6.38 8.70
N ASP A 85 -8.21 -5.78 8.31
CA ASP A 85 -9.20 -5.20 9.23
C ASP A 85 -8.53 -4.17 10.14
N VAL A 86 -8.13 -3.08 9.54
CA VAL A 86 -7.43 -2.03 10.24
C VAL A 86 -8.04 -0.67 9.91
N PRO A 87 -8.36 0.13 10.93
CA PRO A 87 -8.87 1.47 10.73
C PRO A 87 -7.74 2.40 10.33
N LEU A 88 -7.75 2.82 9.11
CA LEU A 88 -6.71 3.70 8.65
C LEU A 88 -7.07 5.12 8.96
N ASP A 89 -8.38 5.38 8.96
CA ASP A 89 -8.97 6.69 9.28
C ASP A 89 -8.71 7.72 8.18
N MET A 90 -7.49 7.83 7.80
CA MET A 90 -7.08 8.68 6.73
C MET A 90 -6.51 7.79 5.61
N GLU A 91 -7.40 7.04 4.99
CA GLU A 91 -7.09 6.02 3.99
C GLU A 91 -6.60 6.62 2.68
N ILE A 92 -7.29 7.62 2.22
CA ILE A 92 -6.99 8.29 0.96
C ILE A 92 -5.61 8.99 1.01
N PRO A 93 -5.22 9.68 2.08
CA PRO A 93 -3.80 10.11 2.25
C PRO A 93 -2.78 8.98 2.01
N LEU A 94 -3.14 7.73 2.35
CA LEU A 94 -2.30 6.58 2.01
C LEU A 94 -2.32 6.39 0.50
N VAL A 95 -3.50 6.49 -0.08
CA VAL A 95 -3.70 6.33 -1.50
C VAL A 95 -2.95 7.45 -2.28
N SER A 96 -2.93 8.57 -1.67
CA SER A 96 -2.35 9.80 -2.11
C SER A 96 -0.88 9.96 -1.72
N ILE A 97 -0.29 8.91 -1.16
CA ILE A 97 1.07 8.93 -0.64
C ILE A 97 2.10 9.25 -1.77
N TRP A 98 1.70 8.94 -3.02
CA TRP A 98 2.53 9.04 -4.18
C TRP A 98 3.85 8.30 -4.02
N GLY A 99 3.81 7.03 -4.31
CA GLY A 99 4.98 6.21 -4.18
C GLY A 99 5.84 6.28 -5.43
N PRO A 100 6.89 5.50 -5.51
CA PRO A 100 7.77 5.48 -6.67
C PRO A 100 7.17 4.65 -7.81
N ARG A 101 7.63 4.90 -9.01
CA ARG A 101 7.19 4.19 -10.15
C ARG A 101 8.40 3.79 -10.99
N GLY A 1 -15.66 7.36 1.57
CA GLY A 1 -16.97 7.99 1.56
C GLY A 1 -16.98 9.19 0.64
N PRO A 2 -18.17 9.73 0.33
CA PRO A 2 -18.30 10.88 -0.58
C PRO A 2 -17.80 12.20 0.05
N LEU A 3 -16.72 12.72 -0.49
CA LEU A 3 -16.13 13.97 -0.04
C LEU A 3 -16.18 14.99 -1.16
N GLY A 4 -16.62 14.56 -2.32
CA GLY A 4 -16.61 15.40 -3.47
C GLY A 4 -15.36 15.15 -4.24
N SER A 5 -15.41 14.13 -5.09
CA SER A 5 -14.31 13.61 -5.89
C SER A 5 -13.22 12.95 -5.05
N MET A 6 -12.96 11.71 -5.35
CA MET A 6 -11.97 10.94 -4.67
C MET A 6 -10.60 11.29 -5.20
N ASP A 7 -10.15 12.39 -4.67
CA ASP A 7 -8.89 13.01 -5.03
C ASP A 7 -8.51 13.97 -3.91
N ALA A 8 -9.01 13.70 -2.72
CA ALA A 8 -8.73 14.51 -1.54
C ALA A 8 -7.32 14.22 -1.12
N GLU A 9 -6.95 13.01 -1.38
CA GLU A 9 -5.65 12.46 -1.18
C GLU A 9 -4.56 13.25 -1.91
N SER A 10 -4.88 13.70 -3.09
CA SER A 10 -3.96 14.44 -3.92
C SER A 10 -3.63 15.79 -3.31
N ILE A 11 -4.55 16.29 -2.54
CA ILE A 11 -4.45 17.59 -1.96
C ILE A 11 -3.60 17.54 -0.69
N ARG A 12 -3.54 16.39 -0.06
CA ARG A 12 -2.78 16.23 1.16
C ARG A 12 -1.31 15.95 0.82
N LEU A 13 -1.09 14.78 0.20
CA LEU A 13 0.21 14.26 -0.21
C LEU A 13 1.33 14.23 0.85
N ASN A 14 2.39 13.49 0.51
CA ASN A 14 3.62 13.32 1.30
C ASN A 14 3.36 12.91 2.76
N ASN A 15 3.26 11.64 2.97
CA ASN A 15 2.98 11.12 4.29
C ASN A 15 4.03 10.11 4.71
N GLU A 16 5.09 10.59 5.33
CA GLU A 16 6.20 9.73 5.76
C GLU A 16 5.82 8.84 6.92
N ASN A 17 5.05 9.39 7.85
CA ASN A 17 4.60 8.62 9.03
C ASN A 17 3.72 7.47 8.59
N LEU A 18 2.98 7.71 7.53
CA LEU A 18 2.12 6.70 6.95
C LEU A 18 2.94 5.57 6.33
N TRP A 19 4.06 5.94 5.72
CA TRP A 19 4.93 4.97 5.10
C TRP A 19 5.55 4.08 6.16
N ALA A 20 6.05 4.70 7.22
CA ALA A 20 6.68 3.97 8.30
C ALA A 20 5.67 3.07 9.00
N TRP A 21 4.42 3.51 9.07
CA TRP A 21 3.38 2.67 9.63
C TRP A 21 3.14 1.47 8.71
N LEU A 22 2.97 1.77 7.43
CA LEU A 22 2.69 0.77 6.40
C LEU A 22 3.78 -0.30 6.40
N VAL A 23 5.02 0.14 6.30
CA VAL A 23 6.17 -0.75 6.27
C VAL A 23 6.22 -1.64 7.50
N ARG A 24 6.08 -1.04 8.65
CA ARG A 24 6.21 -1.75 9.90
C ARG A 24 5.01 -2.68 10.14
N LEU A 25 3.86 -2.31 9.67
CA LEU A 25 2.68 -3.14 9.83
C LEU A 25 2.81 -4.35 8.88
N LEU A 26 3.23 -4.07 7.68
CA LEU A 26 3.41 -5.08 6.67
C LEU A 26 4.61 -5.94 6.89
N SER A 27 5.58 -5.42 7.63
CA SER A 27 6.77 -6.18 8.01
C SER A 27 6.35 -7.43 8.82
N LYS A 28 5.15 -7.37 9.40
CA LYS A 28 4.63 -8.42 10.22
C LYS A 28 3.80 -9.35 9.36
N ASN A 29 3.46 -8.87 8.19
CA ASN A 29 2.52 -9.52 7.30
C ASN A 29 3.03 -9.57 5.86
N PRO A 30 4.27 -10.08 5.60
CA PRO A 30 4.79 -10.08 4.23
C PRO A 30 4.02 -11.10 3.42
N GLU A 31 3.44 -12.02 4.15
CA GLU A 31 2.65 -13.10 3.65
C GLU A 31 1.37 -12.57 3.04
N TRP A 32 0.76 -11.55 3.68
CA TRP A 32 -0.44 -10.98 3.13
C TRP A 32 -0.08 -10.12 1.92
N LEU A 33 0.95 -9.32 2.10
CA LEU A 33 1.37 -8.35 1.12
C LEU A 33 1.72 -9.02 -0.20
N SER A 34 2.52 -10.06 -0.14
CA SER A 34 2.93 -10.78 -1.33
C SER A 34 1.72 -11.36 -2.09
N ALA A 35 0.79 -11.98 -1.36
CA ALA A 35 -0.46 -12.52 -1.90
C ALA A 35 -1.24 -11.46 -2.68
N LYS A 36 -1.27 -10.25 -2.15
CA LYS A 36 -1.97 -9.16 -2.82
C LYS A 36 -1.20 -8.70 -4.03
N LEU A 37 0.12 -8.73 -3.93
CA LEU A 37 0.99 -8.38 -5.04
C LEU A 37 0.76 -9.28 -6.22
N ARG A 38 0.37 -10.51 -5.94
CA ARG A 38 0.17 -11.50 -6.97
C ARG A 38 -0.92 -11.10 -7.95
N SER A 39 -1.92 -10.43 -7.45
CA SER A 39 -3.02 -10.01 -8.29
C SER A 39 -2.71 -8.66 -8.92
N PHE A 40 -2.10 -7.77 -8.16
CA PHE A 40 -1.81 -6.44 -8.68
C PHE A 40 -0.66 -6.43 -9.67
N LEU A 41 0.44 -7.07 -9.34
CA LEU A 41 1.61 -7.07 -10.18
C LEU A 41 1.72 -8.37 -10.95
N PRO A 42 1.55 -8.34 -12.26
CA PRO A 42 1.67 -9.53 -13.12
C PRO A 42 3.14 -9.85 -13.42
N THR A 43 4.02 -9.07 -12.85
CA THR A 43 5.44 -9.17 -13.06
C THR A 43 6.15 -9.65 -11.80
N MET A 44 5.37 -9.85 -10.77
CA MET A 44 5.84 -10.18 -9.48
C MET A 44 6.51 -11.53 -9.35
N ASP A 45 7.79 -11.47 -9.15
CA ASP A 45 8.54 -12.61 -8.71
C ASP A 45 8.91 -12.30 -7.27
N LEU A 46 7.99 -12.58 -6.42
CA LEU A 46 8.10 -12.23 -5.01
C LEU A 46 8.93 -13.25 -4.24
N ASP A 47 9.49 -14.18 -4.98
CA ASP A 47 10.32 -15.24 -4.44
C ASP A 47 11.74 -14.74 -4.18
N CYS A 48 12.04 -13.57 -4.65
CA CYS A 48 13.35 -13.00 -4.45
C CYS A 48 13.43 -12.21 -3.16
N SER A 49 13.54 -12.91 -2.08
CA SER A 49 13.66 -12.30 -0.80
C SER A 49 15.14 -12.19 -0.44
N TYR A 50 15.77 -11.14 -0.95
CA TYR A 50 17.18 -10.86 -0.69
C TYR A 50 17.39 -10.31 0.70
N GLU A 51 16.35 -9.78 1.18
CA GLU A 51 16.24 -9.22 2.43
C GLU A 51 14.89 -9.70 2.96
N PRO A 52 14.66 -9.63 4.27
CA PRO A 52 13.35 -9.96 4.88
C PRO A 52 12.29 -8.92 4.52
N SER A 53 11.43 -8.62 5.44
CA SER A 53 10.35 -7.67 5.24
C SER A 53 10.87 -6.21 5.43
N ASN A 54 12.08 -6.01 4.93
CA ASN A 54 12.82 -4.77 4.99
C ASN A 54 12.13 -3.62 4.25
N PRO A 55 12.37 -2.36 4.69
CA PRO A 55 11.69 -1.16 4.16
C PRO A 55 11.81 -1.00 2.64
N GLU A 56 13.00 -1.24 2.12
CA GLU A 56 13.23 -1.07 0.70
C GLU A 56 12.59 -2.19 -0.08
N VAL A 57 12.54 -3.35 0.55
CA VAL A 57 11.89 -4.52 -0.03
C VAL A 57 10.42 -4.22 -0.19
N ILE A 58 9.83 -3.77 0.90
CA ILE A 58 8.44 -3.37 0.93
C ILE A 58 8.21 -2.26 -0.11
N HIS A 59 9.17 -1.34 -0.20
CA HIS A 59 9.10 -0.22 -1.11
C HIS A 59 8.98 -0.68 -2.56
N ARG A 60 9.67 -1.77 -2.94
CA ARG A 60 9.63 -2.24 -4.34
C ARG A 60 8.21 -2.66 -4.66
N GLN A 61 7.64 -3.37 -3.71
CA GLN A 61 6.36 -4.02 -3.83
C GLN A 61 5.26 -3.02 -3.92
N LEU A 62 5.32 -2.07 -3.04
CA LEU A 62 4.31 -1.05 -2.95
C LEU A 62 4.43 -0.03 -4.10
N ASN A 63 5.66 0.20 -4.57
CA ASN A 63 5.92 1.13 -5.64
C ASN A 63 5.25 0.64 -6.92
N ARG A 64 5.40 -0.65 -7.15
CA ARG A 64 4.82 -1.35 -8.28
C ARG A 64 3.30 -1.22 -8.35
N LEU A 65 2.66 -1.09 -7.20
CA LEU A 65 1.22 -0.96 -7.13
C LEU A 65 0.75 0.34 -7.73
N PHE A 66 1.51 1.39 -7.50
CA PHE A 66 1.16 2.68 -8.06
C PHE A 66 1.42 2.63 -9.56
N ALA A 67 2.40 1.82 -9.96
CA ALA A 67 2.72 1.62 -11.36
C ALA A 67 1.59 0.88 -12.07
N GLN A 68 0.74 0.19 -11.30
CA GLN A 68 -0.43 -0.42 -11.82
C GLN A 68 -1.50 0.64 -12.00
N GLY A 69 -1.70 1.40 -10.95
CA GLY A 69 -2.73 2.39 -10.91
C GLY A 69 -2.61 3.24 -9.72
N MET A 70 -2.89 4.51 -9.89
CA MET A 70 -3.01 5.43 -8.78
C MET A 70 -4.25 5.01 -8.01
N ALA A 71 -5.17 4.45 -8.76
CA ALA A 71 -6.41 3.92 -8.24
C ALA A 71 -6.16 2.54 -7.68
N THR A 72 -5.22 1.82 -8.28
CA THR A 72 -4.82 0.52 -7.80
C THR A 72 -4.27 0.65 -6.39
N TRP A 73 -3.53 1.74 -6.14
CA TRP A 73 -3.02 2.05 -4.82
C TRP A 73 -4.19 2.25 -3.84
N LYS A 74 -5.11 3.15 -4.20
CA LYS A 74 -6.30 3.44 -3.39
C LYS A 74 -7.09 2.17 -3.06
N SER A 75 -7.31 1.33 -4.07
CA SER A 75 -8.01 0.12 -3.93
C SER A 75 -7.25 -0.85 -3.02
N PHE A 76 -5.95 -0.97 -3.24
CA PHE A 76 -5.08 -1.82 -2.48
C PHE A 76 -5.13 -1.46 -1.02
N ILE A 77 -5.07 -0.17 -0.73
CA ILE A 77 -5.09 0.31 0.63
C ILE A 77 -6.41 -0.03 1.33
N ASN A 78 -7.50 -0.05 0.58
CA ASN A 78 -8.77 -0.47 1.17
C ASN A 78 -8.69 -1.95 1.53
N ASP A 79 -8.11 -2.75 0.65
CA ASP A 79 -7.91 -4.18 0.95
C ASP A 79 -6.95 -4.35 2.10
N LEU A 80 -5.96 -3.50 2.14
CA LEU A 80 -4.95 -3.45 3.20
C LEU A 80 -5.62 -3.34 4.55
N CYS A 81 -6.44 -2.33 4.70
CA CYS A 81 -7.13 -2.14 5.93
C CYS A 81 -8.18 -3.24 6.17
N PHE A 82 -8.86 -3.62 5.11
CA PHE A 82 -9.97 -4.58 5.18
C PHE A 82 -9.51 -5.98 5.58
N GLU A 83 -8.47 -6.48 4.96
CA GLU A 83 -8.05 -7.84 5.21
C GLU A 83 -7.24 -7.98 6.48
N LEU A 84 -6.57 -6.92 6.86
CA LEU A 84 -5.75 -6.96 8.05
C LEU A 84 -6.57 -6.64 9.29
N ASP A 85 -7.52 -5.71 9.17
CA ASP A 85 -8.38 -5.36 10.27
C ASP A 85 -9.76 -4.94 9.77
N VAL A 86 -10.01 -3.65 9.71
CA VAL A 86 -11.26 -3.09 9.21
C VAL A 86 -10.94 -1.85 8.39
N PRO A 87 -11.88 -1.33 7.56
CA PRO A 87 -11.71 -0.03 6.91
C PRO A 87 -11.51 1.03 7.99
N LEU A 88 -10.35 1.60 8.01
CA LEU A 88 -9.95 2.46 9.12
C LEU A 88 -10.40 3.89 8.96
N ASP A 89 -10.72 4.29 7.71
CA ASP A 89 -11.04 5.71 7.32
C ASP A 89 -9.74 6.48 7.18
N MET A 90 -8.69 5.76 7.43
CA MET A 90 -7.35 6.25 7.38
C MET A 90 -6.69 5.70 6.11
N GLU A 91 -7.49 5.04 5.29
CA GLU A 91 -6.98 4.45 4.06
C GLU A 91 -6.52 5.51 3.07
N ILE A 92 -7.33 6.53 2.86
CA ILE A 92 -7.01 7.65 1.95
C ILE A 92 -5.69 8.35 2.39
N PRO A 93 -5.46 8.65 3.70
CA PRO A 93 -4.13 9.12 4.19
C PRO A 93 -2.97 8.22 3.66
N LEU A 94 -3.17 6.89 3.67
CA LEU A 94 -2.23 5.94 3.05
C LEU A 94 -2.20 6.12 1.52
N VAL A 95 -3.35 6.33 0.92
CA VAL A 95 -3.46 6.49 -0.50
C VAL A 95 -2.80 7.80 -0.98
N SER A 96 -2.83 8.72 -0.09
CA SER A 96 -2.26 10.07 -0.20
C SER A 96 -0.76 10.09 0.13
N ILE A 97 -0.20 8.93 0.34
CA ILE A 97 1.18 8.77 0.78
C ILE A 97 2.20 9.60 -0.06
N TRP A 98 2.10 9.49 -1.37
CA TRP A 98 2.85 10.25 -2.35
C TRP A 98 2.48 9.71 -3.70
N GLY A 99 2.95 10.33 -4.72
CA GLY A 99 2.63 9.89 -6.03
C GLY A 99 3.85 9.73 -6.89
N PRO A 100 4.32 8.49 -7.11
CA PRO A 100 5.45 8.20 -8.05
C PRO A 100 5.04 8.43 -9.53
N ARG A 101 4.49 9.58 -9.78
CA ARG A 101 4.04 9.99 -11.06
C ARG A 101 4.98 11.08 -11.55
N GLY A 1 -14.65 12.33 6.75
CA GLY A 1 -14.82 10.93 7.11
C GLY A 1 -15.14 10.12 5.88
N PRO A 2 -16.00 9.12 5.96
CA PRO A 2 -16.43 8.34 4.79
C PRO A 2 -17.22 9.23 3.84
N LEU A 3 -16.85 9.24 2.59
CA LEU A 3 -17.49 10.08 1.60
C LEU A 3 -17.58 9.30 0.30
N GLY A 4 -18.37 9.78 -0.64
CA GLY A 4 -18.52 9.09 -1.90
C GLY A 4 -17.52 9.59 -2.92
N SER A 5 -16.35 9.94 -2.46
CA SER A 5 -15.30 10.46 -3.29
C SER A 5 -13.97 10.07 -2.67
N MET A 6 -12.91 10.19 -3.43
CA MET A 6 -11.56 9.86 -2.99
C MET A 6 -10.75 11.16 -2.90
N ASP A 7 -11.40 12.21 -2.46
CA ASP A 7 -10.82 13.54 -2.42
C ASP A 7 -10.43 13.99 -1.02
N ALA A 8 -10.14 13.06 -0.14
CA ALA A 8 -9.65 13.41 1.22
C ALA A 8 -8.17 13.81 1.14
N GLU A 9 -7.62 13.58 -0.01
CA GLU A 9 -6.25 13.87 -0.35
C GLU A 9 -5.98 15.35 -0.44
N SER A 10 -6.98 16.07 -0.82
CA SER A 10 -6.92 17.50 -0.91
C SER A 10 -6.76 18.10 0.48
N ILE A 11 -7.35 17.42 1.41
CA ILE A 11 -7.46 17.83 2.77
C ILE A 11 -6.20 17.46 3.56
N ARG A 12 -5.78 16.21 3.49
CA ARG A 12 -4.68 15.76 4.33
C ARG A 12 -3.42 15.40 3.57
N LEU A 13 -3.49 15.38 2.24
CA LEU A 13 -2.38 14.98 1.37
C LEU A 13 -1.82 13.60 1.72
N ASN A 14 -0.79 13.57 2.55
CA ASN A 14 -0.11 12.38 2.99
C ASN A 14 0.84 12.75 4.10
N ASN A 15 1.41 11.76 4.77
CA ASN A 15 2.34 11.98 5.87
C ASN A 15 3.29 10.81 5.96
N GLU A 16 4.48 11.07 6.48
CA GLU A 16 5.53 10.08 6.58
C GLU A 16 5.13 8.92 7.50
N ASN A 17 4.43 9.24 8.57
CA ASN A 17 3.99 8.24 9.56
C ASN A 17 3.06 7.21 8.94
N LEU A 18 2.33 7.62 7.92
CA LEU A 18 1.42 6.73 7.21
C LEU A 18 2.22 5.64 6.50
N TRP A 19 3.29 6.08 5.84
CA TRP A 19 4.17 5.17 5.11
C TRP A 19 4.94 4.30 6.10
N ALA A 20 5.32 4.88 7.23
CA ALA A 20 6.03 4.14 8.26
C ALA A 20 5.15 3.05 8.86
N TRP A 21 3.88 3.38 9.14
CA TRP A 21 2.93 2.41 9.67
C TRP A 21 2.75 1.31 8.64
N LEU A 22 2.55 1.72 7.39
CA LEU A 22 2.36 0.82 6.27
C LEU A 22 3.53 -0.16 6.20
N VAL A 23 4.73 0.37 6.19
CA VAL A 23 5.94 -0.43 6.10
C VAL A 23 6.07 -1.40 7.28
N ARG A 24 5.81 -0.94 8.49
CA ARG A 24 5.99 -1.78 9.67
C ARG A 24 4.93 -2.87 9.72
N LEU A 25 3.71 -2.51 9.47
CA LEU A 25 2.59 -3.44 9.58
C LEU A 25 2.70 -4.50 8.47
N LEU A 26 3.07 -4.09 7.29
CA LEU A 26 3.27 -5.01 6.19
C LEU A 26 4.49 -5.85 6.38
N SER A 27 5.44 -5.34 7.15
CA SER A 27 6.64 -6.06 7.49
C SER A 27 6.25 -7.23 8.43
N LYS A 28 5.05 -7.14 9.02
CA LYS A 28 4.54 -8.17 9.88
C LYS A 28 3.52 -9.03 9.13
N ASN A 29 3.26 -8.66 7.89
CA ASN A 29 2.29 -9.36 7.05
C ASN A 29 2.84 -9.58 5.65
N PRO A 30 3.99 -10.26 5.49
CA PRO A 30 4.56 -10.49 4.16
C PRO A 30 3.66 -11.44 3.39
N GLU A 31 3.00 -12.26 4.17
CA GLU A 31 2.10 -13.27 3.73
C GLU A 31 0.91 -12.65 3.01
N TRP A 32 0.35 -11.58 3.57
CA TRP A 32 -0.78 -10.96 2.96
C TRP A 32 -0.35 -10.16 1.74
N LEU A 33 0.71 -9.41 1.93
CA LEU A 33 1.22 -8.49 0.94
C LEU A 33 1.60 -9.22 -0.35
N SER A 34 2.33 -10.31 -0.21
CA SER A 34 2.74 -11.11 -1.37
C SER A 34 1.51 -11.59 -2.18
N ALA A 35 0.53 -12.14 -1.49
CA ALA A 35 -0.75 -12.57 -2.07
C ALA A 35 -1.44 -11.42 -2.82
N LYS A 36 -1.38 -10.24 -2.27
CA LYS A 36 -1.98 -9.09 -2.93
C LYS A 36 -1.15 -8.66 -4.14
N LEU A 37 0.16 -8.83 -4.05
CA LEU A 37 1.05 -8.58 -5.18
C LEU A 37 0.71 -9.51 -6.33
N ARG A 38 0.26 -10.71 -6.00
CA ARG A 38 -0.07 -11.73 -7.01
C ARG A 38 -1.22 -11.29 -7.91
N SER A 39 -2.09 -10.49 -7.35
CA SER A 39 -3.25 -10.01 -8.04
C SER A 39 -2.93 -8.73 -8.82
N PHE A 40 -2.08 -7.91 -8.25
CA PHE A 40 -1.72 -6.66 -8.88
C PHE A 40 -0.56 -6.80 -9.86
N LEU A 41 0.49 -7.44 -9.42
CA LEU A 41 1.65 -7.68 -10.21
C LEU A 41 1.49 -8.97 -10.96
N PRO A 42 1.41 -8.91 -12.27
CA PRO A 42 1.30 -10.11 -13.09
C PRO A 42 2.61 -10.89 -13.09
N THR A 43 3.68 -10.16 -12.99
CA THR A 43 5.00 -10.68 -13.03
C THR A 43 5.61 -10.66 -11.60
N MET A 44 4.73 -10.77 -10.63
CA MET A 44 5.03 -10.64 -9.19
C MET A 44 6.27 -11.41 -8.75
N ASP A 45 7.34 -10.68 -8.59
CA ASP A 45 8.60 -11.24 -8.12
C ASP A 45 8.65 -11.14 -6.62
N LEU A 46 7.87 -11.96 -6.01
CA LEU A 46 7.74 -11.99 -4.57
C LEU A 46 8.62 -13.05 -3.94
N ASP A 47 9.09 -13.97 -4.76
CA ASP A 47 9.82 -15.12 -4.26
C ASP A 47 11.31 -14.83 -4.13
N CYS A 48 11.70 -13.65 -4.51
CA CYS A 48 13.08 -13.25 -4.40
C CYS A 48 13.29 -12.34 -3.20
N SER A 49 13.24 -12.91 -2.03
CA SER A 49 13.47 -12.14 -0.85
C SER A 49 14.89 -12.39 -0.35
N TYR A 50 15.82 -11.64 -0.93
CA TYR A 50 17.24 -11.69 -0.58
C TYR A 50 17.49 -11.17 0.81
N GLU A 51 16.69 -10.30 1.18
CA GLU A 51 16.67 -9.69 2.42
C GLU A 51 15.31 -9.99 3.02
N PRO A 52 15.09 -9.71 4.30
CA PRO A 52 13.81 -9.93 4.92
C PRO A 52 12.84 -8.79 4.60
N SER A 53 11.93 -8.56 5.51
CA SER A 53 10.87 -7.58 5.36
C SER A 53 11.38 -6.13 5.60
N ASN A 54 12.59 -5.84 5.11
CA ASN A 54 13.23 -4.54 5.24
C ASN A 54 12.47 -3.46 4.46
N PRO A 55 12.55 -2.19 4.93
CA PRO A 55 11.82 -1.05 4.32
C PRO A 55 12.02 -0.90 2.80
N GLU A 56 13.25 -1.08 2.33
CA GLU A 56 13.53 -0.94 0.90
C GLU A 56 13.00 -2.11 0.12
N VAL A 57 12.93 -3.25 0.79
CA VAL A 57 12.41 -4.45 0.21
C VAL A 57 10.91 -4.27 0.03
N ILE A 58 10.28 -3.78 1.09
CA ILE A 58 8.86 -3.45 1.11
C ILE A 58 8.58 -2.40 0.03
N HIS A 59 9.40 -1.38 0.01
CA HIS A 59 9.28 -0.28 -0.96
C HIS A 59 9.26 -0.78 -2.39
N ARG A 60 10.05 -1.81 -2.68
CA ARG A 60 10.10 -2.43 -4.00
C ARG A 60 8.73 -3.02 -4.38
N GLN A 61 8.17 -3.73 -3.45
CA GLN A 61 6.91 -4.44 -3.64
C GLN A 61 5.77 -3.47 -3.82
N LEU A 62 5.77 -2.47 -2.99
CA LEU A 62 4.72 -1.48 -2.97
C LEU A 62 4.83 -0.52 -4.17
N ASN A 63 6.05 -0.28 -4.61
CA ASN A 63 6.33 0.56 -5.77
C ASN A 63 5.67 -0.02 -7.00
N ARG A 64 5.76 -1.32 -7.12
CA ARG A 64 5.18 -2.08 -8.21
C ARG A 64 3.67 -1.93 -8.29
N LEU A 65 3.03 -1.74 -7.15
CA LEU A 65 1.58 -1.57 -7.12
C LEU A 65 1.21 -0.25 -7.74
N PHE A 66 1.95 0.79 -7.38
CA PHE A 66 1.74 2.10 -7.95
C PHE A 66 2.06 2.06 -9.44
N ALA A 67 3.04 1.25 -9.79
CA ALA A 67 3.44 1.06 -11.17
C ALA A 67 2.34 0.36 -11.98
N GLN A 68 1.52 -0.48 -11.33
CA GLN A 68 0.44 -1.14 -11.99
C GLN A 68 -0.62 -0.13 -12.35
N GLY A 69 -0.92 0.71 -11.41
CA GLY A 69 -1.96 1.66 -11.58
C GLY A 69 -2.03 2.58 -10.44
N MET A 70 -2.32 3.83 -10.73
CA MET A 70 -2.63 4.77 -9.69
C MET A 70 -3.95 4.32 -9.09
N ALA A 71 -4.75 3.71 -9.94
CA ALA A 71 -6.02 3.15 -9.58
C ALA A 71 -5.79 1.88 -8.78
N THR A 72 -4.74 1.16 -9.16
CA THR A 72 -4.33 -0.02 -8.46
C THR A 72 -3.99 0.31 -7.00
N TRP A 73 -3.24 1.39 -6.78
CA TRP A 73 -2.86 1.77 -5.42
C TRP A 73 -4.11 2.21 -4.61
N LYS A 74 -5.07 2.93 -5.26
CA LYS A 74 -6.36 3.29 -4.61
C LYS A 74 -7.08 2.05 -4.11
N SER A 75 -7.18 1.08 -5.01
CA SER A 75 -7.80 -0.14 -4.75
C SER A 75 -7.08 -0.89 -3.64
N PHE A 76 -5.76 -0.86 -3.71
CA PHE A 76 -4.91 -1.53 -2.77
C PHE A 76 -5.10 -1.00 -1.37
N ILE A 77 -5.10 0.33 -1.20
CA ILE A 77 -5.22 0.86 0.13
C ILE A 77 -6.58 0.54 0.74
N ASN A 78 -7.60 0.52 -0.10
CA ASN A 78 -8.94 0.17 0.35
C ASN A 78 -8.97 -1.28 0.84
N ASP A 79 -8.23 -2.16 0.16
CA ASP A 79 -8.15 -3.56 0.57
C ASP A 79 -7.28 -3.71 1.79
N LEU A 80 -6.18 -3.00 1.79
CA LEU A 80 -5.18 -2.99 2.87
C LEU A 80 -5.87 -2.76 4.22
N CYS A 81 -6.64 -1.69 4.30
CA CYS A 81 -7.36 -1.32 5.51
C CYS A 81 -8.44 -2.36 5.85
N PHE A 82 -9.01 -2.95 4.83
CA PHE A 82 -10.08 -3.91 4.98
C PHE A 82 -9.55 -5.28 5.46
N GLU A 83 -8.60 -5.82 4.71
CA GLU A 83 -8.12 -7.18 4.87
C GLU A 83 -7.22 -7.37 6.08
N LEU A 84 -6.58 -6.31 6.50
CA LEU A 84 -5.64 -6.42 7.61
C LEU A 84 -6.30 -6.24 8.95
N ASP A 85 -7.64 -6.27 8.95
CA ASP A 85 -8.49 -6.23 10.17
C ASP A 85 -8.52 -4.87 10.85
N VAL A 86 -7.35 -4.35 11.17
CA VAL A 86 -7.21 -3.07 11.82
C VAL A 86 -7.63 -1.92 10.90
N PRO A 87 -8.69 -1.18 11.26
CA PRO A 87 -9.12 -0.06 10.47
C PRO A 87 -8.31 1.18 10.81
N LEU A 88 -7.13 1.27 10.23
CA LEU A 88 -6.27 2.38 10.43
C LEU A 88 -6.84 3.65 9.81
N ASP A 89 -7.69 3.45 8.79
CA ASP A 89 -8.43 4.54 8.13
C ASP A 89 -7.42 5.51 7.46
N MET A 90 -7.86 6.72 7.09
CA MET A 90 -7.01 7.73 6.43
C MET A 90 -6.50 7.13 5.09
N GLU A 91 -7.39 6.32 4.53
CA GLU A 91 -7.21 5.51 3.33
C GLU A 91 -6.72 6.32 2.13
N ILE A 92 -7.31 7.45 1.90
CA ILE A 92 -6.97 8.28 0.77
C ILE A 92 -5.57 8.92 0.94
N PRO A 93 -5.26 9.59 2.07
CA PRO A 93 -3.85 10.01 2.34
C PRO A 93 -2.84 8.84 2.21
N LEU A 94 -3.28 7.63 2.57
CA LEU A 94 -2.45 6.42 2.36
C LEU A 94 -2.26 6.14 0.87
N VAL A 95 -3.31 6.29 0.08
CA VAL A 95 -3.16 6.13 -1.35
C VAL A 95 -2.38 7.28 -1.95
N SER A 96 -2.61 8.38 -1.43
CA SER A 96 -1.96 9.60 -1.80
C SER A 96 -0.48 9.66 -1.34
N ILE A 97 0.02 8.54 -0.78
CA ILE A 97 1.40 8.41 -0.34
C ILE A 97 2.34 8.43 -1.55
N TRP A 98 1.76 8.17 -2.72
CA TRP A 98 2.46 8.07 -4.00
C TRP A 98 3.28 9.32 -4.35
N GLY A 99 2.97 10.41 -3.72
CA GLY A 99 3.72 11.62 -3.89
C GLY A 99 3.96 12.27 -2.55
N PRO A 100 4.97 11.79 -1.79
CA PRO A 100 5.26 12.30 -0.43
C PRO A 100 6.17 13.53 -0.52
N ARG A 101 5.86 14.34 -1.47
CA ARG A 101 6.60 15.53 -1.79
C ARG A 101 5.63 16.57 -2.30
N GLY A 1 -13.35 6.81 7.56
CA GLY A 1 -13.58 8.21 7.90
C GLY A 1 -13.65 9.05 6.66
N PRO A 2 -14.85 9.34 6.15
CA PRO A 2 -15.03 10.16 4.95
C PRO A 2 -14.64 11.62 5.19
N LEU A 3 -13.57 12.06 4.58
CA LEU A 3 -13.15 13.44 4.72
C LEU A 3 -13.76 14.28 3.60
N GLY A 4 -14.06 13.63 2.50
CA GLY A 4 -14.63 14.30 1.37
C GLY A 4 -13.75 14.16 0.16
N SER A 5 -14.12 13.23 -0.72
CA SER A 5 -13.41 12.92 -1.96
C SER A 5 -12.05 12.24 -1.69
N MET A 6 -11.34 11.90 -2.76
CA MET A 6 -10.06 11.24 -2.65
C MET A 6 -8.98 12.28 -2.46
N ASP A 7 -9.31 13.52 -2.75
CA ASP A 7 -8.36 14.62 -2.67
C ASP A 7 -8.32 15.23 -1.29
N ALA A 8 -8.70 14.45 -0.31
CA ALA A 8 -8.63 14.86 1.08
C ALA A 8 -7.19 14.69 1.57
N GLU A 9 -6.48 13.84 0.86
CA GLU A 9 -5.10 13.49 1.13
C GLU A 9 -4.16 14.68 1.06
N SER A 10 -4.50 15.63 0.23
CA SER A 10 -3.75 16.88 0.09
C SER A 10 -3.67 17.60 1.43
N ILE A 11 -4.77 17.53 2.12
CA ILE A 11 -5.01 18.19 3.36
C ILE A 11 -4.36 17.41 4.50
N ARG A 12 -4.39 16.09 4.41
CA ARG A 12 -3.86 15.21 5.44
C ARG A 12 -2.38 14.89 5.20
N LEU A 13 -1.88 15.38 4.04
CA LEU A 13 -0.52 15.24 3.57
C LEU A 13 -0.11 13.81 3.21
N ASN A 14 0.64 13.69 2.12
CA ASN A 14 1.25 12.43 1.78
C ASN A 14 2.53 12.39 2.59
N ASN A 15 2.40 12.01 3.83
CA ASN A 15 3.49 12.10 4.76
C ASN A 15 4.11 10.75 5.03
N GLU A 16 5.38 10.78 5.43
CA GLU A 16 6.21 9.62 5.77
C GLU A 16 5.53 8.72 6.81
N ASN A 17 4.69 9.34 7.65
CA ASN A 17 3.96 8.64 8.71
C ASN A 17 3.10 7.53 8.13
N LEU A 18 2.44 7.84 7.02
CA LEU A 18 1.56 6.89 6.35
C LEU A 18 2.37 5.74 5.80
N TRP A 19 3.52 6.08 5.25
CA TRP A 19 4.40 5.11 4.66
C TRP A 19 4.94 4.19 5.74
N ALA A 20 5.42 4.78 6.83
CA ALA A 20 5.98 4.02 7.93
C ALA A 20 4.92 3.14 8.60
N TRP A 21 3.70 3.64 8.70
CA TRP A 21 2.61 2.84 9.22
C TRP A 21 2.33 1.65 8.31
N LEU A 22 2.19 1.93 7.03
CA LEU A 22 1.89 0.91 6.04
C LEU A 22 3.00 -0.14 6.02
N VAL A 23 4.23 0.32 5.87
CA VAL A 23 5.40 -0.54 5.78
C VAL A 23 5.58 -1.40 7.03
N ARG A 24 5.37 -0.84 8.21
CA ARG A 24 5.58 -1.60 9.42
C ARG A 24 4.51 -2.66 9.59
N LEU A 25 3.26 -2.28 9.37
CA LEU A 25 2.13 -3.19 9.54
C LEU A 25 2.23 -4.31 8.48
N LEU A 26 2.61 -3.95 7.28
CA LEU A 26 2.79 -4.89 6.20
C LEU A 26 4.01 -5.76 6.38
N SER A 27 4.99 -5.26 7.12
CA SER A 27 6.17 -6.02 7.45
C SER A 27 5.77 -7.15 8.41
N LYS A 28 4.62 -6.97 9.06
CA LYS A 28 4.10 -7.96 9.96
C LYS A 28 3.15 -8.88 9.22
N ASN A 29 2.89 -8.54 7.97
CA ASN A 29 1.96 -9.26 7.12
C ASN A 29 2.51 -9.48 5.72
N PRO A 30 3.72 -10.08 5.56
CA PRO A 30 4.28 -10.31 4.22
C PRO A 30 3.45 -11.38 3.52
N GLU A 31 2.79 -12.16 4.34
CA GLU A 31 1.95 -13.24 3.94
C GLU A 31 0.73 -12.70 3.21
N TRP A 32 0.10 -11.65 3.75
CA TRP A 32 -1.06 -11.08 3.09
C TRP A 32 -0.61 -10.27 1.88
N LEU A 33 0.42 -9.49 2.10
CA LEU A 33 0.91 -8.54 1.13
C LEU A 33 1.30 -9.21 -0.17
N SER A 34 2.05 -10.29 -0.07
CA SER A 34 2.49 -11.05 -1.25
C SER A 34 1.30 -11.48 -2.12
N ALA A 35 0.33 -12.14 -1.51
CA ALA A 35 -0.92 -12.56 -2.17
C ALA A 35 -1.63 -11.42 -2.88
N LYS A 36 -1.67 -10.25 -2.27
CA LYS A 36 -2.31 -9.10 -2.92
C LYS A 36 -1.46 -8.56 -4.03
N LEU A 37 -0.17 -8.69 -3.90
CA LEU A 37 0.72 -8.35 -4.98
C LEU A 37 0.43 -9.26 -6.16
N ARG A 38 0.12 -10.51 -5.88
CA ARG A 38 -0.16 -11.50 -6.91
C ARG A 38 -1.41 -11.10 -7.71
N SER A 39 -2.33 -10.43 -7.03
CA SER A 39 -3.54 -9.97 -7.56
C SER A 39 -3.33 -8.76 -8.50
N PHE A 40 -2.36 -7.95 -8.18
CA PHE A 40 -2.07 -6.73 -8.90
C PHE A 40 -0.98 -6.93 -9.94
N LEU A 41 0.14 -7.48 -9.53
CA LEU A 41 1.25 -7.72 -10.38
C LEU A 41 1.19 -9.16 -10.87
N PRO A 42 0.93 -9.37 -12.14
CA PRO A 42 0.79 -10.72 -12.71
C PRO A 42 2.15 -11.43 -12.93
N THR A 43 3.19 -10.65 -12.83
CA THR A 43 4.54 -11.11 -13.08
C THR A 43 5.38 -11.09 -11.82
N MET A 44 4.71 -11.27 -10.70
CA MET A 44 5.27 -11.20 -9.37
C MET A 44 6.55 -11.96 -9.18
N ASP A 45 7.59 -11.22 -8.99
CA ASP A 45 8.87 -11.71 -8.60
C ASP A 45 9.12 -11.12 -7.22
N LEU A 46 8.29 -11.56 -6.31
CA LEU A 46 8.19 -11.01 -4.98
C LEU A 46 9.10 -11.75 -4.01
N ASP A 47 9.51 -12.93 -4.41
CA ASP A 47 10.30 -13.86 -3.58
C ASP A 47 11.72 -13.34 -3.33
N CYS A 48 12.07 -12.31 -4.02
CA CYS A 48 13.39 -11.73 -3.94
C CYS A 48 13.55 -10.83 -2.72
N SER A 49 13.95 -11.42 -1.64
CA SER A 49 14.20 -10.71 -0.43
C SER A 49 15.70 -10.73 -0.16
N TYR A 50 16.40 -9.83 -0.79
CA TYR A 50 17.84 -9.70 -0.63
C TYR A 50 18.21 -9.36 0.78
N GLU A 51 17.51 -8.46 1.27
CA GLU A 51 17.58 -8.01 2.58
C GLU A 51 16.38 -8.67 3.28
N PRO A 52 16.30 -8.61 4.62
CA PRO A 52 15.15 -9.17 5.37
C PRO A 52 13.84 -8.38 5.11
N SER A 53 13.02 -8.27 6.15
CA SER A 53 11.71 -7.61 6.10
C SER A 53 11.85 -6.05 6.10
N ASN A 54 12.88 -5.62 5.40
CA ASN A 54 13.32 -4.26 5.30
C ASN A 54 12.33 -3.40 4.55
N PRO A 55 12.25 -2.11 4.90
CA PRO A 55 11.39 -1.15 4.21
C PRO A 55 11.79 -1.00 2.74
N GLU A 56 13.07 -1.22 2.44
CA GLU A 56 13.58 -1.16 1.08
C GLU A 56 12.99 -2.32 0.29
N VAL A 57 12.88 -3.43 0.98
CA VAL A 57 12.37 -4.64 0.41
C VAL A 57 10.86 -4.53 0.25
N ILE A 58 10.22 -3.87 1.20
CA ILE A 58 8.81 -3.59 1.12
C ILE A 58 8.56 -2.65 -0.07
N HIS A 59 9.40 -1.61 -0.20
CA HIS A 59 9.31 -0.62 -1.28
C HIS A 59 9.37 -1.31 -2.64
N ARG A 60 10.24 -2.29 -2.74
CA ARG A 60 10.44 -3.12 -3.92
C ARG A 60 9.12 -3.75 -4.39
N GLN A 61 8.43 -4.30 -3.44
CA GLN A 61 7.16 -4.97 -3.68
C GLN A 61 6.06 -3.97 -4.03
N LEU A 62 5.96 -2.97 -3.18
CA LEU A 62 4.92 -1.95 -3.26
C LEU A 62 5.06 -1.05 -4.50
N ASN A 63 6.29 -0.86 -4.95
CA ASN A 63 6.65 -0.06 -6.10
C ASN A 63 5.84 -0.49 -7.33
N ARG A 64 5.70 -1.79 -7.44
CA ARG A 64 5.00 -2.43 -8.53
C ARG A 64 3.53 -2.01 -8.63
N LEU A 65 2.92 -1.70 -7.51
CA LEU A 65 1.50 -1.35 -7.49
C LEU A 65 1.25 -0.01 -8.13
N PHE A 66 2.16 0.92 -7.89
CA PHE A 66 2.05 2.23 -8.50
C PHE A 66 2.36 2.11 -9.99
N ALA A 67 3.18 1.12 -10.33
CA ALA A 67 3.51 0.82 -11.70
C ALA A 67 2.27 0.29 -12.42
N GLN A 68 1.39 -0.41 -11.68
CA GLN A 68 0.14 -0.83 -12.20
C GLN A 68 -0.76 0.37 -12.37
N GLY A 69 -0.93 1.11 -11.29
CA GLY A 69 -1.83 2.20 -11.30
C GLY A 69 -1.86 2.94 -10.03
N MET A 70 -2.06 4.24 -10.12
CA MET A 70 -2.33 5.04 -8.94
C MET A 70 -3.71 4.63 -8.45
N ALA A 71 -4.51 4.17 -9.42
CA ALA A 71 -5.84 3.63 -9.20
C ALA A 71 -5.69 2.25 -8.58
N THR A 72 -4.62 1.58 -8.94
CA THR A 72 -4.30 0.29 -8.40
C THR A 72 -3.87 0.39 -6.94
N TRP A 73 -3.08 1.43 -6.61
CA TRP A 73 -2.72 1.68 -5.22
C TRP A 73 -4.00 2.01 -4.46
N LYS A 74 -4.92 2.69 -5.14
CA LYS A 74 -6.16 2.95 -4.66
C LYS A 74 -7.03 1.71 -4.38
N SER A 75 -7.04 0.77 -5.30
CA SER A 75 -7.73 -0.45 -5.11
C SER A 75 -7.09 -1.21 -3.93
N PHE A 76 -5.80 -1.05 -3.84
CA PHE A 76 -4.98 -1.67 -2.84
C PHE A 76 -5.36 -1.25 -1.42
N ILE A 77 -5.43 0.06 -1.14
CA ILE A 77 -5.69 0.47 0.24
C ILE A 77 -7.11 0.09 0.66
N ASN A 78 -8.01 0.05 -0.30
CA ASN A 78 -9.38 -0.38 -0.04
C ASN A 78 -9.42 -1.83 0.42
N ASP A 79 -8.61 -2.68 -0.22
CA ASP A 79 -8.55 -4.08 0.19
C ASP A 79 -7.74 -4.23 1.44
N LEU A 80 -6.68 -3.43 1.54
CA LEU A 80 -5.76 -3.37 2.70
C LEU A 80 -6.57 -3.24 3.99
N CYS A 81 -7.42 -2.24 4.02
CA CYS A 81 -8.24 -1.94 5.19
C CYS A 81 -9.23 -3.07 5.48
N PHE A 82 -9.78 -3.65 4.44
CA PHE A 82 -10.81 -4.67 4.57
C PHE A 82 -10.20 -6.01 4.99
N GLU A 83 -9.16 -6.40 4.32
CA GLU A 83 -8.54 -7.68 4.52
C GLU A 83 -7.69 -7.79 5.76
N LEU A 84 -7.03 -6.72 6.15
CA LEU A 84 -6.20 -6.77 7.34
C LEU A 84 -7.03 -6.57 8.59
N ASP A 85 -8.20 -5.96 8.43
CA ASP A 85 -9.17 -5.68 9.52
C ASP A 85 -8.69 -4.60 10.49
N VAL A 86 -7.44 -4.21 10.33
CA VAL A 86 -6.87 -3.16 11.14
C VAL A 86 -7.56 -1.83 10.82
N PRO A 87 -7.88 -1.04 11.82
CA PRO A 87 -8.58 0.20 11.61
C PRO A 87 -7.65 1.36 11.25
N LEU A 88 -7.62 1.71 9.98
CA LEU A 88 -6.88 2.87 9.54
C LEU A 88 -7.81 4.05 9.57
N ASP A 89 -9.04 3.79 9.12
CA ASP A 89 -10.15 4.76 9.07
C ASP A 89 -9.94 5.86 8.03
N MET A 90 -8.84 6.55 8.10
CA MET A 90 -8.53 7.53 7.11
C MET A 90 -7.60 6.90 6.08
N GLU A 91 -8.22 6.20 5.18
CA GLU A 91 -7.59 5.42 4.12
C GLU A 91 -6.96 6.30 3.05
N ILE A 92 -7.59 7.40 2.81
CA ILE A 92 -7.26 8.34 1.74
C ILE A 92 -5.74 8.73 1.70
N PRO A 93 -5.11 9.18 2.82
CA PRO A 93 -3.67 9.49 2.83
C PRO A 93 -2.83 8.25 2.45
N LEU A 94 -3.25 7.09 2.91
CA LEU A 94 -2.61 5.80 2.60
C LEU A 94 -2.71 5.48 1.11
N VAL A 95 -3.81 5.83 0.54
CA VAL A 95 -4.12 5.42 -0.80
C VAL A 95 -3.56 6.36 -1.83
N SER A 96 -3.39 7.55 -1.45
CA SER A 96 -2.91 8.50 -2.37
C SER A 96 -1.41 8.79 -2.15
N ILE A 97 -0.80 8.05 -1.24
CA ILE A 97 0.60 8.29 -0.93
C ILE A 97 1.54 7.73 -2.00
N TRP A 98 1.35 6.45 -2.39
CA TRP A 98 2.17 5.69 -3.33
C TRP A 98 3.61 5.42 -2.80
N GLY A 99 4.14 6.33 -2.02
CA GLY A 99 5.44 6.19 -1.44
C GLY A 99 6.43 7.08 -2.12
N PRO A 100 7.71 6.98 -1.77
CA PRO A 100 8.77 7.75 -2.44
C PRO A 100 8.84 7.39 -3.93
N ARG A 101 8.44 8.31 -4.76
CA ARG A 101 8.43 8.13 -6.17
C ARG A 101 9.69 8.75 -6.73
N GLY A 1 -18.42 5.86 7.51
CA GLY A 1 -18.86 5.04 6.37
C GLY A 1 -17.67 4.58 5.57
N PRO A 2 -17.67 3.30 5.11
CA PRO A 2 -16.54 2.73 4.36
C PRO A 2 -16.29 3.39 2.99
N LEU A 3 -17.31 4.00 2.42
CA LEU A 3 -17.18 4.67 1.15
C LEU A 3 -17.24 6.17 1.34
N GLY A 4 -16.66 6.90 0.42
CA GLY A 4 -16.66 8.34 0.47
C GLY A 4 -16.17 8.93 -0.82
N SER A 5 -14.91 9.24 -0.86
CA SER A 5 -14.28 9.80 -2.02
C SER A 5 -12.91 9.18 -2.20
N MET A 6 -12.70 8.53 -3.31
CA MET A 6 -11.45 7.84 -3.54
C MET A 6 -10.38 8.83 -4.01
N ASP A 7 -10.80 10.01 -4.36
CA ASP A 7 -9.89 11.09 -4.76
C ASP A 7 -9.82 12.16 -3.70
N ALA A 8 -10.13 11.79 -2.46
CA ALA A 8 -9.95 12.71 -1.31
C ALA A 8 -8.48 12.73 -0.88
N GLU A 9 -7.71 11.87 -1.50
CA GLU A 9 -6.28 11.70 -1.26
C GLU A 9 -5.48 12.89 -1.77
N SER A 10 -6.01 13.49 -2.78
CA SER A 10 -5.51 14.71 -3.39
C SER A 10 -5.46 15.83 -2.33
N ILE A 11 -6.34 15.72 -1.39
CA ILE A 11 -6.57 16.68 -0.38
C ILE A 11 -5.66 16.41 0.86
N ARG A 12 -5.39 15.14 1.15
CA ARG A 12 -4.80 14.79 2.43
C ARG A 12 -3.30 15.11 2.57
N LEU A 13 -2.46 14.43 1.79
CA LEU A 13 -1.00 14.56 1.80
C LEU A 13 -0.32 14.37 3.18
N ASN A 14 1.03 14.44 3.18
CA ASN A 14 1.91 14.20 4.36
C ASN A 14 1.87 12.74 4.78
N ASN A 15 3.02 12.11 4.90
CA ASN A 15 3.02 10.68 5.16
C ASN A 15 4.23 10.18 5.94
N GLU A 16 4.84 10.99 6.77
CA GLU A 16 6.05 10.54 7.47
C GLU A 16 5.78 9.40 8.46
N ASN A 17 4.80 9.55 9.31
CA ASN A 17 4.48 8.51 10.29
C ASN A 17 3.77 7.40 9.58
N LEU A 18 3.02 7.79 8.57
CA LEU A 18 2.26 6.93 7.71
C LEU A 18 3.14 5.88 7.06
N TRP A 19 4.27 6.34 6.54
CA TRP A 19 5.25 5.48 5.90
C TRP A 19 5.75 4.41 6.86
N ALA A 20 6.13 4.84 8.05
CA ALA A 20 6.66 3.93 9.04
C ALA A 20 5.60 2.98 9.56
N TRP A 21 4.34 3.42 9.53
CA TRP A 21 3.26 2.56 9.91
C TRP A 21 3.04 1.49 8.85
N LEU A 22 2.92 1.92 7.60
CA LEU A 22 2.63 1.03 6.49
C LEU A 22 3.74 0.01 6.32
N VAL A 23 4.96 0.51 6.24
CA VAL A 23 6.13 -0.31 6.04
C VAL A 23 6.32 -1.35 7.15
N ARG A 24 6.17 -0.93 8.39
CA ARG A 24 6.39 -1.84 9.49
C ARG A 24 5.27 -2.86 9.59
N LEU A 25 4.05 -2.42 9.40
CA LEU A 25 2.88 -3.29 9.52
C LEU A 25 2.90 -4.35 8.42
N LEU A 26 3.26 -3.94 7.23
CA LEU A 26 3.36 -4.84 6.10
C LEU A 26 4.55 -5.75 6.20
N SER A 27 5.56 -5.31 6.93
CA SER A 27 6.74 -6.10 7.15
C SER A 27 6.37 -7.32 8.01
N LYS A 28 5.27 -7.17 8.77
CA LYS A 28 4.78 -8.24 9.60
C LYS A 28 3.84 -9.12 8.79
N ASN A 29 3.45 -8.62 7.64
CA ASN A 29 2.47 -9.26 6.79
C ASN A 29 2.91 -9.43 5.35
N PRO A 30 4.09 -10.06 5.06
CA PRO A 30 4.50 -10.28 3.68
C PRO A 30 3.57 -11.31 3.07
N GLU A 31 2.96 -12.10 3.97
CA GLU A 31 2.01 -13.12 3.66
C GLU A 31 0.76 -12.52 3.06
N TRP A 32 0.30 -11.39 3.63
CA TRP A 32 -0.87 -10.75 3.08
C TRP A 32 -0.50 -10.02 1.80
N LEU A 33 0.61 -9.34 1.86
CA LEU A 33 1.09 -8.46 0.80
C LEU A 33 1.29 -9.24 -0.51
N SER A 34 1.84 -10.45 -0.41
CA SER A 34 2.04 -11.32 -1.57
C SER A 34 0.73 -11.51 -2.36
N ALA A 35 -0.30 -11.93 -1.64
CA ALA A 35 -1.65 -12.16 -2.16
C ALA A 35 -2.18 -10.97 -2.92
N LYS A 36 -2.07 -9.80 -2.34
CA LYS A 36 -2.53 -8.60 -3.02
C LYS A 36 -1.67 -8.26 -4.21
N LEU A 37 -0.37 -8.56 -4.14
CA LEU A 37 0.49 -8.39 -5.29
C LEU A 37 0.10 -9.35 -6.39
N ARG A 38 -0.40 -10.53 -6.02
CA ARG A 38 -0.86 -11.51 -7.02
C ARG A 38 -2.03 -10.92 -7.84
N SER A 39 -2.81 -10.10 -7.17
CA SER A 39 -3.94 -9.46 -7.69
C SER A 39 -3.58 -8.23 -8.56
N PHE A 40 -2.49 -7.57 -8.26
CA PHE A 40 -2.07 -6.37 -8.97
C PHE A 40 -0.95 -6.64 -9.97
N LEU A 41 0.03 -7.35 -9.54
CA LEU A 41 1.18 -7.70 -10.32
C LEU A 41 0.97 -9.01 -11.02
N PRO A 42 1.33 -9.07 -12.28
CA PRO A 42 1.40 -10.32 -13.00
C PRO A 42 2.81 -10.94 -12.89
N THR A 43 3.75 -10.13 -12.43
CA THR A 43 5.15 -10.48 -12.33
C THR A 43 5.61 -10.53 -10.89
N MET A 44 4.67 -10.83 -10.04
CA MET A 44 4.90 -10.87 -8.61
C MET A 44 5.81 -12.01 -8.18
N ASP A 45 6.95 -11.64 -7.71
CA ASP A 45 7.90 -12.55 -7.13
C ASP A 45 8.65 -11.85 -6.03
N LEU A 46 7.97 -11.70 -4.94
CA LEU A 46 8.50 -11.04 -3.76
C LEU A 46 9.12 -12.07 -2.85
N ASP A 47 8.81 -13.32 -3.17
CA ASP A 47 9.26 -14.47 -2.42
C ASP A 47 10.77 -14.67 -2.55
N CYS A 48 11.32 -14.05 -3.53
CA CYS A 48 12.74 -14.03 -3.71
C CYS A 48 13.29 -13.01 -2.74
N SER A 49 13.66 -13.46 -1.59
CA SER A 49 14.12 -12.59 -0.59
C SER A 49 15.63 -12.40 -0.64
N TYR A 50 16.03 -11.44 -1.47
CA TYR A 50 17.42 -11.00 -1.58
C TYR A 50 17.88 -10.52 -0.22
N GLU A 51 16.99 -9.85 0.37
CA GLU A 51 17.02 -9.41 1.69
C GLU A 51 15.62 -9.64 2.29
N PRO A 52 15.46 -9.62 3.64
CA PRO A 52 14.17 -9.87 4.29
C PRO A 52 13.13 -8.74 4.07
N SER A 53 12.17 -8.64 4.96
CA SER A 53 11.05 -7.69 4.88
C SER A 53 11.49 -6.24 5.23
N ASN A 54 12.67 -5.88 4.78
CA ASN A 54 13.27 -4.59 4.94
C ASN A 54 12.39 -3.50 4.31
N PRO A 55 12.46 -2.26 4.83
CA PRO A 55 11.67 -1.12 4.32
C PRO A 55 11.86 -0.89 2.81
N GLU A 56 13.09 -1.05 2.36
CA GLU A 56 13.46 -0.87 0.97
C GLU A 56 12.92 -2.00 0.13
N VAL A 57 12.85 -3.16 0.74
CA VAL A 57 12.33 -4.35 0.09
C VAL A 57 10.84 -4.18 -0.11
N ILE A 58 10.18 -3.73 0.94
CA ILE A 58 8.77 -3.43 0.91
C ILE A 58 8.51 -2.35 -0.15
N HIS A 59 9.32 -1.30 -0.12
CA HIS A 59 9.22 -0.20 -1.09
C HIS A 59 9.32 -0.71 -2.54
N ARG A 60 10.19 -1.66 -2.76
CA ARG A 60 10.40 -2.27 -4.06
C ARG A 60 9.14 -3.01 -4.54
N GLN A 61 8.51 -3.67 -3.61
CA GLN A 61 7.29 -4.43 -3.87
C GLN A 61 6.14 -3.49 -4.14
N LEU A 62 6.05 -2.50 -3.30
CA LEU A 62 4.99 -1.49 -3.36
C LEU A 62 5.09 -0.64 -4.62
N ASN A 63 6.30 -0.45 -5.10
CA ASN A 63 6.62 0.29 -6.30
C ASN A 63 5.80 -0.24 -7.50
N ARG A 64 5.73 -1.53 -7.56
CA ARG A 64 4.98 -2.26 -8.58
C ARG A 64 3.49 -1.87 -8.64
N LEU A 65 2.93 -1.48 -7.52
CA LEU A 65 1.52 -1.13 -7.46
C LEU A 65 1.25 0.18 -8.14
N PHE A 66 2.12 1.14 -7.91
CA PHE A 66 1.97 2.44 -8.52
C PHE A 66 2.26 2.32 -10.00
N ALA A 67 3.09 1.34 -10.33
CA ALA A 67 3.40 1.00 -11.71
C ALA A 67 2.13 0.48 -12.39
N GLN A 68 1.34 -0.34 -11.69
CA GLN A 68 0.10 -0.82 -12.20
C GLN A 68 -0.84 0.33 -12.40
N GLY A 69 -0.92 1.17 -11.41
CA GLY A 69 -1.84 2.24 -11.45
C GLY A 69 -1.76 3.14 -10.29
N MET A 70 -1.95 4.41 -10.53
CA MET A 70 -2.13 5.37 -9.46
C MET A 70 -3.49 5.08 -8.84
N ALA A 71 -4.37 4.54 -9.67
CA ALA A 71 -5.69 4.10 -9.27
C ALA A 71 -5.55 2.79 -8.51
N THR A 72 -4.63 1.96 -8.97
CA THR A 72 -4.33 0.69 -8.36
C THR A 72 -3.85 0.89 -6.90
N TRP A 73 -3.13 1.97 -6.67
CA TRP A 73 -2.65 2.30 -5.33
C TRP A 73 -3.86 2.57 -4.39
N LYS A 74 -4.86 3.31 -4.89
CA LYS A 74 -6.09 3.61 -4.15
C LYS A 74 -6.86 2.34 -3.84
N SER A 75 -7.00 1.50 -4.85
CA SER A 75 -7.65 0.25 -4.72
C SER A 75 -6.92 -0.65 -3.71
N PHE A 76 -5.61 -0.61 -3.78
CA PHE A 76 -4.75 -1.37 -2.89
C PHE A 76 -4.98 -0.96 -1.46
N ILE A 77 -4.93 0.34 -1.19
CA ILE A 77 -5.04 0.81 0.16
C ILE A 77 -6.45 0.53 0.73
N ASN A 78 -7.45 0.59 -0.13
CA ASN A 78 -8.82 0.28 0.28
C ASN A 78 -8.90 -1.17 0.77
N ASP A 79 -8.25 -2.07 0.05
CA ASP A 79 -8.16 -3.50 0.43
C ASP A 79 -7.25 -3.69 1.64
N LEU A 80 -6.13 -3.00 1.63
CA LEU A 80 -5.12 -3.00 2.70
C LEU A 80 -5.78 -2.76 4.05
N CYS A 81 -6.51 -1.68 4.11
CA CYS A 81 -7.19 -1.26 5.32
C CYS A 81 -8.33 -2.24 5.67
N PHE A 82 -8.92 -2.82 4.67
CA PHE A 82 -10.06 -3.69 4.83
C PHE A 82 -9.65 -5.04 5.41
N GLU A 83 -8.58 -5.60 4.92
CA GLU A 83 -8.22 -6.96 5.28
C GLU A 83 -7.34 -7.04 6.52
N LEU A 84 -6.68 -5.97 6.87
CA LEU A 84 -5.71 -6.01 7.96
C LEU A 84 -6.31 -5.88 9.38
N ASP A 85 -7.34 -6.68 9.64
CA ASP A 85 -7.98 -6.84 10.97
C ASP A 85 -8.81 -5.65 11.42
N VAL A 86 -8.17 -4.58 11.79
CA VAL A 86 -8.87 -3.42 12.32
C VAL A 86 -9.03 -2.35 11.25
N PRO A 87 -10.28 -1.92 10.99
CA PRO A 87 -10.56 -0.86 10.03
C PRO A 87 -9.96 0.47 10.47
N LEU A 88 -8.91 0.86 9.78
CA LEU A 88 -8.22 2.10 10.05
C LEU A 88 -9.14 3.28 9.76
N ASP A 89 -9.94 3.13 8.68
CA ASP A 89 -10.91 4.14 8.21
C ASP A 89 -10.21 5.42 7.74
N MET A 90 -8.92 5.33 7.64
CA MET A 90 -8.07 6.40 7.17
C MET A 90 -7.26 5.87 6.01
N GLU A 91 -7.94 5.08 5.20
CA GLU A 91 -7.36 4.46 4.03
C GLU A 91 -6.94 5.51 3.00
N ILE A 92 -7.74 6.50 2.83
CA ILE A 92 -7.43 7.57 1.89
C ILE A 92 -6.14 8.35 2.31
N PRO A 93 -6.00 8.79 3.60
CA PRO A 93 -4.73 9.34 4.09
C PRO A 93 -3.57 8.39 3.78
N LEU A 94 -3.82 7.07 3.92
CA LEU A 94 -2.84 6.05 3.57
C LEU A 94 -2.51 6.06 2.09
N VAL A 95 -3.49 6.14 1.22
CA VAL A 95 -3.22 6.12 -0.21
C VAL A 95 -2.54 7.38 -0.68
N SER A 96 -2.87 8.41 -0.02
CA SER A 96 -2.31 9.73 -0.23
C SER A 96 -0.76 9.75 0.04
N ILE A 97 -0.22 8.63 0.55
CA ILE A 97 1.21 8.47 0.85
C ILE A 97 2.08 8.60 -0.40
N TRP A 98 1.53 8.27 -1.54
CA TRP A 98 2.31 8.25 -2.77
C TRP A 98 1.44 8.53 -3.99
N GLY A 99 0.15 8.32 -3.86
CA GLY A 99 -0.73 8.58 -4.97
C GLY A 99 -1.67 9.73 -4.70
N PRO A 100 -1.28 10.99 -5.00
CA PRO A 100 -2.14 12.13 -4.86
C PRO A 100 -2.77 12.55 -6.20
N ARG A 101 -4.05 12.25 -6.35
CA ARG A 101 -4.87 12.54 -7.47
C ARG A 101 -4.60 11.61 -8.64
N GLY A 1 -19.17 5.81 -0.10
CA GLY A 1 -18.55 4.54 0.29
C GLY A 1 -17.12 4.53 -0.15
N PRO A 2 -16.38 3.44 0.11
CA PRO A 2 -14.97 3.32 -0.26
C PRO A 2 -14.75 3.18 -1.76
N LEU A 3 -15.69 2.53 -2.43
CA LEU A 3 -15.56 2.31 -3.86
C LEU A 3 -16.25 3.41 -4.63
N GLY A 4 -15.51 4.12 -5.43
CA GLY A 4 -16.07 5.15 -6.23
C GLY A 4 -15.39 6.45 -6.00
N SER A 5 -14.71 6.92 -7.05
CA SER A 5 -14.00 8.19 -7.08
C SER A 5 -12.70 8.13 -6.26
N MET A 6 -12.83 7.93 -4.94
CA MET A 6 -11.71 7.91 -4.00
C MET A 6 -10.97 9.24 -3.96
N ASP A 7 -11.62 10.31 -4.45
CA ASP A 7 -10.98 11.64 -4.61
C ASP A 7 -10.93 12.43 -3.31
N ALA A 8 -10.97 11.72 -2.21
CA ALA A 8 -10.81 12.34 -0.90
C ALA A 8 -9.32 12.61 -0.66
N GLU A 9 -8.47 11.94 -1.44
CA GLU A 9 -7.00 12.09 -1.37
C GLU A 9 -6.58 13.53 -1.50
N SER A 10 -7.20 14.20 -2.44
CA SER A 10 -6.99 15.61 -2.73
C SER A 10 -7.22 16.48 -1.46
N ILE A 11 -8.11 16.01 -0.64
CA ILE A 11 -8.53 16.66 0.56
C ILE A 11 -7.63 16.29 1.76
N ARG A 12 -7.15 15.05 1.79
CA ARG A 12 -6.44 14.52 2.93
C ARG A 12 -4.92 14.69 2.91
N LEU A 13 -4.30 14.42 1.76
CA LEU A 13 -2.86 14.43 1.60
C LEU A 13 -2.15 13.32 2.43
N ASN A 14 -0.87 13.15 2.19
CA ASN A 14 -0.09 12.09 2.83
C ASN A 14 0.89 12.61 3.87
N ASN A 15 1.67 11.70 4.45
CA ASN A 15 2.62 12.02 5.52
C ASN A 15 3.75 10.97 5.51
N GLU A 16 4.97 11.40 5.79
CA GLU A 16 6.14 10.50 5.79
C GLU A 16 6.12 9.50 6.96
N ASN A 17 5.51 9.90 8.06
CA ASN A 17 5.38 9.01 9.25
C ASN A 17 4.44 7.90 8.93
N LEU A 18 3.51 8.25 8.11
CA LEU A 18 2.47 7.38 7.64
C LEU A 18 3.08 6.34 6.69
N TRP A 19 4.07 6.75 5.93
CA TRP A 19 4.80 5.82 5.07
C TRP A 19 5.51 4.78 5.91
N ALA A 20 6.16 5.23 6.99
CA ALA A 20 6.85 4.33 7.91
C ALA A 20 5.86 3.34 8.52
N TRP A 21 4.68 3.86 8.87
CA TRP A 21 3.61 3.02 9.39
C TRP A 21 3.24 1.91 8.40
N LEU A 22 3.01 2.30 7.16
CA LEU A 22 2.65 1.36 6.11
C LEU A 22 3.74 0.30 5.93
N VAL A 23 4.97 0.76 5.77
CA VAL A 23 6.11 -0.12 5.57
C VAL A 23 6.26 -1.14 6.71
N ARG A 24 6.25 -0.66 7.95
CA ARG A 24 6.51 -1.54 9.09
C ARG A 24 5.36 -2.49 9.34
N LEU A 25 4.14 -2.04 9.16
CA LEU A 25 2.96 -2.86 9.38
C LEU A 25 2.93 -3.98 8.33
N LEU A 26 3.27 -3.64 7.12
CA LEU A 26 3.34 -4.60 6.04
C LEU A 26 4.49 -5.53 6.18
N SER A 27 5.53 -5.10 6.88
CA SER A 27 6.67 -5.94 7.16
C SER A 27 6.24 -7.06 8.13
N LYS A 28 5.13 -6.81 8.84
CA LYS A 28 4.59 -7.79 9.75
C LYS A 28 3.57 -8.65 9.03
N ASN A 29 3.32 -8.30 7.77
CA ASN A 29 2.33 -8.98 6.97
C ASN A 29 2.83 -9.22 5.55
N PRO A 30 4.01 -9.88 5.35
CA PRO A 30 4.50 -10.15 4.00
C PRO A 30 3.62 -11.21 3.36
N GLU A 31 2.92 -11.91 4.23
CA GLU A 31 2.04 -12.96 3.86
C GLU A 31 0.82 -12.38 3.17
N TRP A 32 0.26 -11.29 3.71
CA TRP A 32 -0.85 -10.65 3.08
C TRP A 32 -0.40 -9.88 1.85
N LEU A 33 0.70 -9.18 2.01
CA LEU A 33 1.21 -8.29 0.98
C LEU A 33 1.50 -9.05 -0.31
N SER A 34 2.15 -10.18 -0.20
CA SER A 34 2.45 -11.00 -1.38
C SER A 34 1.16 -11.48 -2.10
N ALA A 35 0.13 -11.79 -1.31
CA ALA A 35 -1.17 -12.19 -1.83
C ALA A 35 -1.79 -11.08 -2.66
N LYS A 36 -1.69 -9.87 -2.18
CA LYS A 36 -2.17 -8.75 -2.93
C LYS A 36 -1.25 -8.45 -4.11
N LEU A 37 0.04 -8.71 -3.96
CA LEU A 37 0.98 -8.52 -5.06
C LEU A 37 0.61 -9.34 -6.26
N ARG A 38 0.36 -10.63 -6.05
CA ARG A 38 0.02 -11.50 -7.17
C ARG A 38 -1.23 -11.09 -7.89
N SER A 39 -2.10 -10.51 -7.15
CA SER A 39 -3.28 -9.98 -7.61
C SER A 39 -3.07 -8.67 -8.45
N PHE A 40 -2.32 -7.72 -7.89
CA PHE A 40 -2.12 -6.41 -8.53
C PHE A 40 -1.06 -6.43 -9.63
N LEU A 41 0.02 -7.07 -9.34
CA LEU A 41 1.14 -7.16 -10.20
C LEU A 41 0.94 -8.18 -11.29
N PRO A 42 1.08 -7.77 -12.55
CA PRO A 42 1.15 -8.72 -13.65
C PRO A 42 2.60 -9.24 -13.74
N THR A 43 3.43 -8.58 -12.98
CA THR A 43 4.83 -8.78 -12.86
C THR A 43 5.16 -9.34 -11.49
N MET A 44 4.20 -10.06 -10.95
CA MET A 44 4.32 -10.66 -9.63
C MET A 44 5.54 -11.53 -9.40
N ASP A 45 6.55 -10.89 -8.90
CA ASP A 45 7.76 -11.51 -8.50
C ASP A 45 7.90 -11.25 -7.03
N LEU A 46 7.21 -12.07 -6.28
CA LEU A 46 7.16 -11.94 -4.83
C LEU A 46 8.18 -12.84 -4.15
N ASP A 47 8.83 -13.66 -4.95
CA ASP A 47 9.84 -14.59 -4.46
C ASP A 47 11.21 -13.94 -4.44
N CYS A 48 11.24 -12.67 -4.76
CA CYS A 48 12.48 -11.91 -4.85
C CYS A 48 12.85 -11.28 -3.50
N SER A 49 12.49 -11.94 -2.43
CA SER A 49 12.82 -11.49 -1.13
C SER A 49 14.27 -11.90 -0.81
N TYR A 50 15.19 -11.01 -1.15
CA TYR A 50 16.63 -11.20 -0.90
C TYR A 50 16.97 -11.14 0.56
N GLU A 51 16.16 -10.48 1.26
CA GLU A 51 16.22 -10.31 2.62
C GLU A 51 14.83 -10.59 3.18
N PRO A 52 14.67 -10.73 4.51
CA PRO A 52 13.36 -10.92 5.16
C PRO A 52 12.41 -9.72 5.01
N SER A 53 11.69 -9.43 6.05
CA SER A 53 10.69 -8.35 6.08
C SER A 53 11.35 -6.94 6.18
N ASN A 54 12.45 -6.80 5.51
CA ASN A 54 13.21 -5.59 5.46
C ASN A 54 12.46 -4.48 4.72
N PRO A 55 12.62 -3.22 5.16
CA PRO A 55 11.91 -2.07 4.60
C PRO A 55 12.12 -1.89 3.10
N GLU A 56 13.33 -2.14 2.63
CA GLU A 56 13.66 -1.97 1.23
C GLU A 56 13.07 -3.11 0.41
N VAL A 57 12.93 -4.27 1.04
CA VAL A 57 12.31 -5.42 0.41
C VAL A 57 10.85 -5.09 0.16
N ILE A 58 10.21 -4.62 1.22
CA ILE A 58 8.83 -4.19 1.19
C ILE A 58 8.67 -3.04 0.18
N HIS A 59 9.62 -2.11 0.20
CA HIS A 59 9.60 -0.94 -0.67
C HIS A 59 9.56 -1.33 -2.15
N ARG A 60 10.26 -2.42 -2.53
CA ARG A 60 10.25 -2.91 -3.91
C ARG A 60 8.85 -3.36 -4.31
N GLN A 61 8.21 -4.02 -3.39
CA GLN A 61 6.89 -4.58 -3.59
C GLN A 61 5.86 -3.47 -3.76
N LEU A 62 6.03 -2.45 -2.98
CA LEU A 62 5.17 -1.27 -3.04
C LEU A 62 5.50 -0.44 -4.29
N ASN A 63 6.77 -0.47 -4.70
CA ASN A 63 7.27 0.23 -5.87
C ASN A 63 6.57 -0.29 -7.10
N ARG A 64 6.29 -1.58 -7.08
CA ARG A 64 5.55 -2.22 -8.13
C ARG A 64 4.19 -1.57 -8.28
N LEU A 65 3.44 -1.53 -7.20
CA LEU A 65 2.08 -0.96 -7.19
C LEU A 65 2.08 0.49 -7.66
N PHE A 66 3.15 1.21 -7.35
CA PHE A 66 3.35 2.59 -7.77
C PHE A 66 3.30 2.66 -9.32
N ALA A 67 3.99 1.74 -9.98
CA ALA A 67 4.02 1.68 -11.43
C ALA A 67 2.75 1.01 -11.98
N GLN A 68 2.16 0.13 -11.17
CA GLN A 68 0.92 -0.55 -11.48
C GLN A 68 -0.20 0.44 -11.70
N GLY A 69 -0.31 1.37 -10.80
CA GLY A 69 -1.36 2.30 -10.89
C GLY A 69 -1.56 3.08 -9.65
N MET A 70 -1.78 4.36 -9.80
CA MET A 70 -2.18 5.19 -8.67
C MET A 70 -3.61 4.76 -8.33
N ALA A 71 -4.30 4.27 -9.37
CA ALA A 71 -5.62 3.72 -9.25
C ALA A 71 -5.51 2.39 -8.55
N THR A 72 -4.46 1.64 -8.88
CA THR A 72 -4.18 0.37 -8.27
C THR A 72 -3.86 0.57 -6.77
N TRP A 73 -3.22 1.68 -6.45
CA TRP A 73 -2.88 2.01 -5.09
C TRP A 73 -4.17 2.24 -4.26
N LYS A 74 -5.17 2.91 -4.88
CA LYS A 74 -6.49 3.11 -4.27
C LYS A 74 -7.13 1.78 -3.91
N SER A 75 -7.17 0.90 -4.89
CA SER A 75 -7.70 -0.39 -4.72
C SER A 75 -6.94 -1.15 -3.62
N PHE A 76 -5.64 -0.97 -3.64
CA PHE A 76 -4.74 -1.58 -2.70
C PHE A 76 -5.04 -1.14 -1.28
N ILE A 77 -5.16 0.17 -1.06
CA ILE A 77 -5.36 0.64 0.28
C ILE A 77 -6.73 0.23 0.84
N ASN A 78 -7.73 0.13 -0.02
CA ASN A 78 -9.07 -0.35 0.40
C ASN A 78 -8.97 -1.78 0.94
N ASP A 79 -8.13 -2.58 0.31
CA ASP A 79 -7.91 -3.94 0.80
C ASP A 79 -7.00 -3.96 1.99
N LEU A 80 -6.02 -3.07 1.97
CA LEU A 80 -5.04 -2.90 3.04
C LEU A 80 -5.77 -2.71 4.36
N CYS A 81 -6.65 -1.75 4.40
CA CYS A 81 -7.39 -1.43 5.59
C CYS A 81 -8.40 -2.53 5.96
N PHE A 82 -8.99 -3.13 4.96
CA PHE A 82 -10.03 -4.12 5.16
C PHE A 82 -9.47 -5.47 5.65
N GLU A 83 -8.52 -5.99 4.90
CA GLU A 83 -8.00 -7.33 5.14
C GLU A 83 -7.05 -7.41 6.32
N LEU A 84 -6.46 -6.30 6.71
CA LEU A 84 -5.50 -6.29 7.82
C LEU A 84 -6.19 -6.15 9.17
N ASP A 85 -7.49 -6.46 9.19
CA ASP A 85 -8.34 -6.53 10.39
C ASP A 85 -8.66 -5.17 10.95
N VAL A 86 -7.64 -4.48 11.39
CA VAL A 86 -7.79 -3.19 12.03
C VAL A 86 -8.18 -2.09 11.04
N PRO A 87 -9.33 -1.45 11.25
CA PRO A 87 -9.78 -0.37 10.40
C PRO A 87 -8.92 0.85 10.66
N LEU A 88 -8.21 1.29 9.66
CA LEU A 88 -7.34 2.42 9.81
C LEU A 88 -8.13 3.71 9.72
N ASP A 89 -9.24 3.64 8.98
CA ASP A 89 -10.18 4.76 8.70
C ASP A 89 -9.56 5.78 7.76
N MET A 90 -8.33 6.10 8.04
CA MET A 90 -7.51 7.02 7.26
C MET A 90 -6.86 6.28 6.09
N GLU A 91 -7.64 5.54 5.38
CA GLU A 91 -7.15 4.77 4.25
C GLU A 91 -6.78 5.69 3.09
N ILE A 92 -7.53 6.73 2.92
CA ILE A 92 -7.27 7.69 1.87
C ILE A 92 -5.92 8.39 2.09
N PRO A 93 -5.58 8.90 3.29
CA PRO A 93 -4.20 9.40 3.58
C PRO A 93 -3.11 8.39 3.15
N LEU A 94 -3.41 7.10 3.35
CA LEU A 94 -2.53 6.00 2.92
C LEU A 94 -2.45 5.90 1.40
N VAL A 95 -3.54 6.17 0.73
CA VAL A 95 -3.53 6.12 -0.71
C VAL A 95 -3.05 7.40 -1.35
N SER A 96 -3.34 8.45 -0.68
CA SER A 96 -3.00 9.80 -1.08
C SER A 96 -1.48 10.03 -1.12
N ILE A 97 -0.72 9.05 -0.69
CA ILE A 97 0.73 9.11 -0.72
C ILE A 97 1.21 8.98 -2.17
N TRP A 98 0.32 8.50 -3.01
CA TRP A 98 0.52 8.37 -4.41
C TRP A 98 -0.71 9.05 -5.05
N GLY A 99 -1.21 10.02 -4.32
CA GLY A 99 -2.36 10.75 -4.72
C GLY A 99 -1.98 12.12 -5.23
N PRO A 100 -2.96 12.97 -5.47
CA PRO A 100 -2.75 14.28 -6.06
C PRO A 100 -2.15 15.26 -5.07
N ARG A 101 -0.96 15.70 -5.36
CA ARG A 101 -0.30 16.69 -4.58
C ARG A 101 -0.36 18.02 -5.31
N GLY A 1 -17.51 7.99 -5.82
CA GLY A 1 -18.30 8.64 -4.78
C GLY A 1 -18.44 10.11 -5.06
N PRO A 2 -19.10 10.86 -4.17
CA PRO A 2 -19.28 12.29 -4.35
C PRO A 2 -18.03 13.06 -3.92
N LEU A 3 -18.09 14.39 -4.00
CA LEU A 3 -16.96 15.25 -3.62
C LEU A 3 -16.64 15.05 -2.15
N GLY A 4 -15.55 14.39 -1.91
CA GLY A 4 -15.19 14.04 -0.56
C GLY A 4 -14.68 12.65 -0.50
N SER A 5 -15.37 11.74 -1.16
CA SER A 5 -14.92 10.37 -1.23
C SER A 5 -13.73 10.32 -2.15
N MET A 6 -12.65 9.73 -1.64
CA MET A 6 -11.37 9.64 -2.34
C MET A 6 -10.68 11.02 -2.37
N ASP A 7 -11.33 11.96 -1.71
CA ASP A 7 -10.85 13.35 -1.57
C ASP A 7 -10.65 13.62 -0.10
N ALA A 8 -10.43 12.58 0.66
CA ALA A 8 -10.13 12.73 2.06
C ALA A 8 -8.67 13.13 2.21
N GLU A 9 -7.92 12.87 1.17
CA GLU A 9 -6.49 13.11 1.11
C GLU A 9 -6.06 14.52 1.44
N SER A 10 -6.75 15.47 0.91
CA SER A 10 -6.48 16.87 1.13
C SER A 10 -6.73 17.26 2.59
N ILE A 11 -7.73 16.66 3.16
CA ILE A 11 -8.23 16.99 4.46
C ILE A 11 -7.49 16.23 5.59
N ARG A 12 -7.21 14.97 5.34
CA ARG A 12 -6.65 14.05 6.33
C ARG A 12 -5.16 13.81 6.11
N LEU A 13 -4.57 14.58 5.21
CA LEU A 13 -3.18 14.42 4.74
C LEU A 13 -2.15 14.18 5.87
N ASN A 14 -1.42 13.11 5.69
CA ASN A 14 -0.31 12.68 6.51
C ASN A 14 0.56 11.91 5.56
N ASN A 15 1.84 12.17 5.54
CA ASN A 15 2.69 11.53 4.55
C ASN A 15 3.78 10.66 5.17
N GLU A 16 4.65 11.27 5.95
CA GLU A 16 5.84 10.58 6.45
C GLU A 16 5.50 9.54 7.50
N ASN A 17 4.69 9.93 8.47
CA ASN A 17 4.29 9.04 9.56
C ASN A 17 3.47 7.91 9.02
N LEU A 18 2.68 8.25 8.04
CA LEU A 18 1.78 7.34 7.40
C LEU A 18 2.58 6.32 6.57
N TRP A 19 3.59 6.80 5.85
CA TRP A 19 4.49 5.93 5.10
C TRP A 19 5.18 4.97 6.05
N ALA A 20 5.77 5.52 7.11
CA ALA A 20 6.48 4.74 8.09
C ALA A 20 5.58 3.68 8.70
N TRP A 21 4.37 4.09 9.14
CA TRP A 21 3.41 3.15 9.68
C TRP A 21 3.11 2.02 8.67
N LEU A 22 2.78 2.38 7.44
CA LEU A 22 2.39 1.40 6.43
C LEU A 22 3.53 0.41 6.18
N VAL A 23 4.74 0.92 6.11
CA VAL A 23 5.92 0.10 5.93
C VAL A 23 6.09 -0.87 7.10
N ARG A 24 5.94 -0.37 8.33
CA ARG A 24 6.05 -1.20 9.52
C ARG A 24 4.95 -2.26 9.51
N LEU A 25 3.73 -1.82 9.26
CA LEU A 25 2.52 -2.66 9.20
C LEU A 25 2.69 -3.79 8.21
N LEU A 26 3.13 -3.46 7.06
CA LEU A 26 3.33 -4.40 6.01
C LEU A 26 4.52 -5.26 6.23
N SER A 27 5.47 -4.78 7.02
CA SER A 27 6.60 -5.58 7.38
C SER A 27 6.13 -6.60 8.44
N LYS A 28 4.95 -6.34 9.04
CA LYS A 28 4.34 -7.26 9.97
C LYS A 28 3.42 -8.19 9.22
N ASN A 29 3.13 -7.83 7.97
CA ASN A 29 2.20 -8.56 7.13
C ASN A 29 2.71 -8.72 5.70
N PRO A 30 3.97 -9.18 5.48
CA PRO A 30 4.50 -9.31 4.12
C PRO A 30 3.80 -10.46 3.44
N GLU A 31 3.26 -11.32 4.29
CA GLU A 31 2.53 -12.47 3.88
C GLU A 31 1.23 -12.05 3.26
N TRP A 32 0.58 -11.03 3.82
CA TRP A 32 -0.66 -10.58 3.22
C TRP A 32 -0.36 -9.82 1.94
N LEU A 33 0.69 -9.04 2.00
CA LEU A 33 1.06 -8.18 0.92
C LEU A 33 1.42 -9.02 -0.31
N SER A 34 2.11 -10.13 -0.08
CA SER A 34 2.44 -11.09 -1.15
C SER A 34 1.16 -11.51 -1.92
N ALA A 35 0.13 -11.91 -1.18
CA ALA A 35 -1.18 -12.30 -1.73
C ALA A 35 -1.77 -11.22 -2.63
N LYS A 36 -1.73 -9.98 -2.18
CA LYS A 36 -2.22 -8.87 -3.00
C LYS A 36 -1.32 -8.64 -4.19
N LEU A 37 -0.02 -8.82 -4.02
CA LEU A 37 0.93 -8.72 -5.14
C LEU A 37 0.59 -9.72 -6.23
N ARG A 38 0.11 -10.89 -5.83
CA ARG A 38 -0.27 -11.95 -6.77
C ARG A 38 -1.39 -11.46 -7.70
N SER A 39 -2.26 -10.68 -7.13
CA SER A 39 -3.40 -10.14 -7.75
C SER A 39 -3.07 -8.92 -8.65
N PHE A 40 -2.02 -8.19 -8.32
CA PHE A 40 -1.65 -6.99 -9.05
C PHE A 40 -0.47 -7.18 -10.01
N LEU A 41 0.56 -7.83 -9.55
CA LEU A 41 1.80 -8.00 -10.27
C LEU A 41 1.81 -9.16 -11.24
N PRO A 42 2.12 -8.89 -12.50
CA PRO A 42 2.44 -9.93 -13.47
C PRO A 42 3.95 -10.20 -13.41
N THR A 43 4.59 -9.44 -12.54
CA THR A 43 6.00 -9.45 -12.30
C THR A 43 6.28 -10.10 -10.96
N MET A 44 5.29 -10.84 -10.50
CA MET A 44 5.32 -11.55 -9.29
C MET A 44 6.42 -12.64 -9.31
N ASP A 45 7.55 -12.22 -8.83
CA ASP A 45 8.69 -13.06 -8.53
C ASP A 45 9.04 -12.66 -7.14
N LEU A 46 8.06 -12.79 -6.31
CA LEU A 46 8.12 -12.32 -4.97
C LEU A 46 8.67 -13.39 -4.05
N ASP A 47 8.61 -14.61 -4.55
CA ASP A 47 9.09 -15.79 -3.82
C ASP A 47 10.59 -15.74 -3.70
N CYS A 48 11.17 -14.98 -4.55
CA CYS A 48 12.58 -14.77 -4.56
C CYS A 48 12.85 -13.43 -3.89
N SER A 49 13.39 -13.48 -2.71
CA SER A 49 13.70 -12.28 -1.98
C SER A 49 15.11 -12.35 -1.40
N TYR A 50 15.94 -11.43 -1.86
CA TYR A 50 17.35 -11.33 -1.47
C TYR A 50 17.57 -10.86 -0.05
N GLU A 51 16.55 -10.36 0.50
CA GLU A 51 16.54 -9.85 1.78
C GLU A 51 15.26 -10.32 2.44
N PRO A 52 15.14 -10.21 3.77
CA PRO A 52 13.91 -10.55 4.46
C PRO A 52 12.87 -9.42 4.32
N SER A 53 12.04 -9.28 5.32
CA SER A 53 10.93 -8.31 5.33
C SER A 53 11.43 -6.85 5.59
N ASN A 54 12.58 -6.51 5.02
CA ASN A 54 13.21 -5.21 5.20
C ASN A 54 12.36 -4.07 4.62
N PRO A 55 12.51 -2.84 5.17
CA PRO A 55 11.76 -1.64 4.72
C PRO A 55 11.82 -1.41 3.21
N GLU A 56 13.01 -1.53 2.63
CA GLU A 56 13.19 -1.34 1.22
C GLU A 56 12.64 -2.48 0.42
N VAL A 57 12.55 -3.62 1.03
CA VAL A 57 11.99 -4.80 0.41
C VAL A 57 10.48 -4.63 0.36
N ILE A 58 9.95 -4.03 1.41
CA ILE A 58 8.55 -3.66 1.45
C ILE A 58 8.32 -2.57 0.37
N HIS A 59 9.23 -1.62 0.33
CA HIS A 59 9.23 -0.53 -0.66
C HIS A 59 9.20 -1.11 -2.09
N ARG A 60 9.98 -2.15 -2.30
CA ARG A 60 10.04 -2.93 -3.55
C ARG A 60 8.64 -3.46 -3.93
N GLN A 61 7.97 -4.04 -2.96
CA GLN A 61 6.65 -4.65 -3.14
C GLN A 61 5.62 -3.61 -3.49
N LEU A 62 5.62 -2.55 -2.73
CA LEU A 62 4.63 -1.50 -2.88
C LEU A 62 4.86 -0.69 -4.15
N ASN A 63 6.11 -0.56 -4.53
CA ASN A 63 6.54 0.09 -5.76
C ASN A 63 5.81 -0.48 -6.95
N ARG A 64 5.85 -1.79 -7.03
CA ARG A 64 5.23 -2.57 -8.08
C ARG A 64 3.74 -2.27 -8.25
N LEU A 65 3.08 -1.94 -7.17
CA LEU A 65 1.66 -1.64 -7.20
C LEU A 65 1.41 -0.31 -7.86
N PHE A 66 2.22 0.68 -7.51
CA PHE A 66 2.11 2.00 -8.12
C PHE A 66 2.52 1.90 -9.59
N ALA A 67 3.43 0.96 -9.86
CA ALA A 67 3.89 0.68 -11.20
C ALA A 67 2.77 0.06 -12.04
N GLN A 68 1.84 -0.65 -11.39
CA GLN A 68 0.70 -1.18 -12.06
C GLN A 68 -0.22 -0.04 -12.41
N GLY A 69 -0.59 0.71 -11.40
CA GLY A 69 -1.53 1.76 -11.56
C GLY A 69 -1.66 2.59 -10.34
N MET A 70 -1.89 3.86 -10.53
CA MET A 70 -2.24 4.74 -9.42
C MET A 70 -3.64 4.33 -8.99
N ALA A 71 -4.35 3.81 -9.98
CA ALA A 71 -5.68 3.27 -9.81
C ALA A 71 -5.57 1.95 -9.12
N THR A 72 -4.56 1.17 -9.49
CA THR A 72 -4.25 -0.06 -8.84
C THR A 72 -3.97 0.19 -7.37
N TRP A 73 -3.23 1.26 -7.08
CA TRP A 73 -2.89 1.64 -5.72
C TRP A 73 -4.15 2.04 -4.92
N LYS A 74 -5.09 2.79 -5.52
CA LYS A 74 -6.29 3.19 -4.80
C LYS A 74 -7.18 2.02 -4.49
N SER A 75 -7.32 1.16 -5.44
CA SER A 75 -8.02 -0.05 -5.28
C SER A 75 -7.33 -0.94 -4.24
N PHE A 76 -6.02 -0.89 -4.26
CA PHE A 76 -5.20 -1.59 -3.30
C PHE A 76 -5.46 -1.12 -1.91
N ILE A 77 -5.41 0.20 -1.68
CA ILE A 77 -5.57 0.72 -0.35
C ILE A 77 -6.95 0.37 0.23
N ASN A 78 -7.92 0.31 -0.66
CA ASN A 78 -9.28 -0.11 -0.33
C ASN A 78 -9.27 -1.53 0.29
N ASP A 79 -8.52 -2.42 -0.31
CA ASP A 79 -8.43 -3.80 0.18
C ASP A 79 -7.51 -3.89 1.38
N LEU A 80 -6.43 -3.14 1.33
CA LEU A 80 -5.37 -3.07 2.35
C LEU A 80 -5.97 -2.86 3.73
N CYS A 81 -6.75 -1.83 3.86
CA CYS A 81 -7.37 -1.48 5.13
C CYS A 81 -8.41 -2.52 5.55
N PHE A 82 -9.07 -3.09 4.57
CA PHE A 82 -10.12 -4.05 4.80
C PHE A 82 -9.55 -5.37 5.33
N GLU A 83 -8.57 -5.89 4.64
CA GLU A 83 -8.07 -7.22 4.91
C GLU A 83 -7.14 -7.25 6.10
N LEU A 84 -6.63 -6.11 6.49
CA LEU A 84 -5.75 -6.05 7.64
C LEU A 84 -6.52 -5.82 8.94
N ASP A 85 -7.85 -5.94 8.83
CA ASP A 85 -8.81 -5.91 9.95
C ASP A 85 -8.98 -4.56 10.63
N VAL A 86 -7.92 -4.03 11.17
CA VAL A 86 -7.98 -2.79 11.92
C VAL A 86 -8.27 -1.57 11.02
N PRO A 87 -9.23 -0.71 11.42
CA PRO A 87 -9.51 0.53 10.70
C PRO A 87 -8.34 1.49 10.86
N LEU A 88 -7.61 1.70 9.80
CA LEU A 88 -6.40 2.49 9.86
C LEU A 88 -6.70 3.97 9.86
N ASP A 89 -7.62 4.34 8.98
CA ASP A 89 -8.02 5.73 8.71
C ASP A 89 -6.90 6.45 7.96
N MET A 90 -7.21 7.58 7.32
CA MET A 90 -6.29 8.29 6.42
C MET A 90 -5.99 7.42 5.20
N GLU A 91 -6.91 6.52 4.91
CA GLU A 91 -6.83 5.53 3.81
C GLU A 91 -6.64 6.22 2.45
N ILE A 92 -7.25 7.32 2.25
CA ILE A 92 -7.08 8.03 1.02
C ILE A 92 -5.67 8.67 0.95
N PRO A 93 -5.20 9.39 1.99
CA PRO A 93 -3.78 9.76 2.09
C PRO A 93 -2.84 8.50 1.93
N LEU A 94 -3.33 7.32 2.33
CA LEU A 94 -2.64 6.04 2.06
C LEU A 94 -2.47 5.85 0.55
N VAL A 95 -3.46 6.26 -0.22
CA VAL A 95 -3.39 6.13 -1.66
C VAL A 95 -2.68 7.30 -2.32
N SER A 96 -2.98 8.42 -1.86
CA SER A 96 -2.41 9.67 -2.26
C SER A 96 -0.93 9.87 -1.80
N ILE A 97 -0.36 8.83 -1.24
CA ILE A 97 0.96 8.87 -0.59
C ILE A 97 2.15 8.97 -1.60
N TRP A 98 1.94 8.65 -2.86
CA TRP A 98 3.07 8.60 -3.79
C TRP A 98 3.37 9.91 -4.49
N GLY A 99 2.59 10.22 -5.48
CA GLY A 99 2.87 11.33 -6.35
C GLY A 99 1.80 12.36 -6.36
N PRO A 100 1.06 12.47 -7.47
CA PRO A 100 -0.01 13.44 -7.63
C PRO A 100 -1.09 13.34 -6.53
N ARG A 101 -1.22 14.41 -5.77
CA ARG A 101 -2.29 14.49 -4.81
C ARG A 101 -3.45 15.19 -5.49
N GLY A 1 -18.53 8.58 8.11
CA GLY A 1 -18.85 7.67 7.03
C GLY A 1 -17.60 7.03 6.46
N PRO A 2 -17.74 6.19 5.42
CA PRO A 2 -16.62 5.47 4.83
C PRO A 2 -15.99 6.23 3.65
N LEU A 3 -16.05 7.56 3.72
CA LEU A 3 -15.53 8.46 2.69
C LEU A 3 -16.30 8.35 1.39
N GLY A 4 -17.26 9.23 1.23
CA GLY A 4 -18.02 9.28 0.00
C GLY A 4 -17.14 9.77 -1.09
N SER A 5 -16.48 10.86 -0.82
CA SER A 5 -15.52 11.38 -1.72
C SER A 5 -14.23 10.61 -1.51
N MET A 6 -13.97 9.64 -2.37
CA MET A 6 -12.81 8.80 -2.19
C MET A 6 -11.57 9.52 -2.71
N ASP A 7 -11.81 10.52 -3.51
CA ASP A 7 -10.74 11.33 -4.07
C ASP A 7 -10.48 12.52 -3.17
N ALA A 8 -10.80 12.34 -1.89
CA ALA A 8 -10.50 13.31 -0.85
C ALA A 8 -9.03 13.21 -0.51
N GLU A 9 -8.38 12.17 -1.02
CA GLU A 9 -6.95 11.94 -0.87
C GLU A 9 -6.19 13.13 -1.45
N SER A 10 -6.70 13.64 -2.56
CA SER A 10 -6.17 14.76 -3.29
C SER A 10 -6.08 16.02 -2.39
N ILE A 11 -6.94 16.04 -1.43
CA ILE A 11 -7.09 17.12 -0.52
C ILE A 11 -6.13 16.96 0.68
N ARG A 12 -5.77 15.72 1.03
CA ARG A 12 -5.00 15.46 2.24
C ARG A 12 -3.49 15.67 2.08
N LEU A 13 -2.84 14.82 1.26
CA LEU A 13 -1.37 14.84 0.99
C LEU A 13 -0.46 15.04 2.24
N ASN A 14 0.84 15.22 1.95
CA ASN A 14 1.92 15.61 2.91
C ASN A 14 1.84 14.94 4.30
N ASN A 15 2.47 13.77 4.44
CA ASN A 15 2.59 13.07 5.73
C ASN A 15 3.37 11.75 5.56
N GLU A 16 4.58 11.74 6.08
CA GLU A 16 5.51 10.60 6.00
C GLU A 16 5.10 9.45 6.91
N ASN A 17 4.41 9.77 8.00
CA ASN A 17 4.06 8.76 9.02
C ASN A 17 3.24 7.62 8.46
N LEU A 18 2.49 7.88 7.40
CA LEU A 18 1.71 6.85 6.73
C LEU A 18 2.63 5.80 6.12
N TRP A 19 3.76 6.25 5.62
CA TRP A 19 4.71 5.38 4.95
C TRP A 19 5.35 4.46 5.96
N ALA A 20 5.85 5.03 7.04
CA ALA A 20 6.51 4.25 8.08
C ALA A 20 5.53 3.24 8.69
N TRP A 21 4.29 3.68 8.88
CA TRP A 21 3.23 2.80 9.38
C TRP A 21 3.01 1.64 8.42
N LEU A 22 2.85 1.97 7.15
CA LEU A 22 2.61 1.00 6.08
C LEU A 22 3.74 -0.01 6.06
N VAL A 23 4.96 0.48 5.98
CA VAL A 23 6.14 -0.34 5.89
C VAL A 23 6.27 -1.28 7.09
N ARG A 24 6.10 -0.76 8.28
CA ARG A 24 6.26 -1.55 9.49
C ARG A 24 5.18 -2.59 9.64
N LEU A 25 3.96 -2.20 9.41
CA LEU A 25 2.81 -3.07 9.60
C LEU A 25 2.85 -4.20 8.55
N LEU A 26 3.24 -3.86 7.34
CA LEU A 26 3.38 -4.81 6.27
C LEU A 26 4.59 -5.68 6.42
N SER A 27 5.58 -5.17 7.13
CA SER A 27 6.78 -5.92 7.45
C SER A 27 6.40 -7.07 8.40
N LYS A 28 5.26 -6.92 9.06
CA LYS A 28 4.75 -7.93 9.94
C LYS A 28 3.82 -8.86 9.16
N ASN A 29 3.41 -8.40 7.99
CA ASN A 29 2.44 -9.10 7.16
C ASN A 29 2.91 -9.26 5.72
N PRO A 30 4.14 -9.78 5.44
CA PRO A 30 4.60 -9.98 4.05
C PRO A 30 3.76 -11.08 3.42
N GLU A 31 3.19 -11.86 4.30
CA GLU A 31 2.33 -12.95 4.01
C GLU A 31 1.07 -12.46 3.30
N TRP A 32 0.52 -11.34 3.79
CA TRP A 32 -0.63 -10.75 3.15
C TRP A 32 -0.19 -10.00 1.89
N LEU A 33 0.84 -9.21 2.06
CA LEU A 33 1.33 -8.28 1.06
C LEU A 33 1.72 -8.98 -0.24
N SER A 34 2.42 -10.09 -0.12
CA SER A 34 2.84 -10.89 -1.27
C SER A 34 1.64 -11.25 -2.18
N ALA A 35 0.62 -11.84 -1.58
CA ALA A 35 -0.62 -12.25 -2.23
C ALA A 35 -1.29 -11.09 -2.94
N LYS A 36 -1.35 -9.95 -2.28
CA LYS A 36 -1.92 -8.77 -2.88
C LYS A 36 -1.11 -8.29 -4.05
N LEU A 37 0.20 -8.27 -3.90
CA LEU A 37 1.11 -7.87 -4.98
C LEU A 37 0.88 -8.70 -6.21
N ARG A 38 0.65 -9.99 -6.02
CA ARG A 38 0.44 -10.90 -7.12
C ARG A 38 -0.79 -10.54 -7.96
N SER A 39 -1.73 -9.88 -7.33
CA SER A 39 -2.96 -9.47 -7.96
C SER A 39 -2.76 -8.13 -8.72
N PHE A 40 -1.75 -7.38 -8.33
CA PHE A 40 -1.46 -6.10 -8.92
C PHE A 40 -0.38 -6.19 -9.96
N LEU A 41 0.77 -6.68 -9.57
CA LEU A 41 1.90 -6.80 -10.42
C LEU A 41 1.79 -8.10 -11.20
N PRO A 42 1.61 -8.01 -12.52
CA PRO A 42 1.30 -9.17 -13.37
C PRO A 42 2.39 -10.24 -13.45
N THR A 43 3.62 -9.84 -13.38
CA THR A 43 4.73 -10.77 -13.52
C THR A 43 5.53 -10.90 -12.26
N MET A 44 4.87 -10.70 -11.19
CA MET A 44 5.49 -10.71 -9.93
C MET A 44 5.56 -12.06 -9.25
N ASP A 45 6.76 -12.57 -9.25
CA ASP A 45 7.15 -13.73 -8.49
C ASP A 45 8.10 -13.22 -7.46
N LEU A 46 7.54 -12.65 -6.43
CA LEU A 46 8.32 -11.97 -5.40
C LEU A 46 8.80 -12.93 -4.33
N ASP A 47 8.43 -14.19 -4.45
CA ASP A 47 8.75 -15.19 -3.41
C ASP A 47 10.19 -15.68 -3.48
N CYS A 48 11.07 -14.76 -3.63
CA CYS A 48 12.48 -14.97 -3.60
C CYS A 48 13.01 -14.21 -2.42
N SER A 49 13.22 -14.89 -1.33
CA SER A 49 13.63 -14.24 -0.13
C SER A 49 15.13 -13.98 -0.11
N TYR A 50 15.52 -12.90 -0.72
CA TYR A 50 16.88 -12.43 -0.72
C TYR A 50 17.22 -11.78 0.60
N GLU A 51 16.24 -11.16 1.12
CA GLU A 51 16.23 -10.51 2.33
C GLU A 51 14.91 -10.86 3.01
N PRO A 52 14.74 -10.56 4.29
CA PRO A 52 13.47 -10.77 4.97
C PRO A 52 12.52 -9.61 4.69
N SER A 53 11.67 -9.32 5.64
CA SER A 53 10.63 -8.31 5.54
C SER A 53 11.22 -6.86 5.68
N ASN A 54 12.41 -6.66 5.12
CA ASN A 54 13.13 -5.41 5.22
C ASN A 54 12.41 -4.25 4.55
N PRO A 55 12.58 -3.02 5.08
CA PRO A 55 11.94 -1.80 4.56
C PRO A 55 12.30 -1.53 3.10
N GLU A 56 13.54 -1.86 2.71
CA GLU A 56 14.00 -1.65 1.35
C GLU A 56 13.35 -2.66 0.42
N VAL A 57 13.09 -3.82 0.96
CA VAL A 57 12.43 -4.88 0.24
C VAL A 57 10.99 -4.45 -0.03
N ILE A 58 10.33 -4.04 1.03
CA ILE A 58 8.97 -3.51 0.99
C ILE A 58 8.89 -2.35 0.00
N HIS A 59 9.89 -1.48 0.07
CA HIS A 59 9.99 -0.29 -0.76
C HIS A 59 9.99 -0.65 -2.26
N ARG A 60 10.69 -1.72 -2.62
CA ARG A 60 10.77 -2.19 -4.00
C ARG A 60 9.40 -2.66 -4.47
N GLN A 61 8.69 -3.27 -3.58
CA GLN A 61 7.39 -3.85 -3.84
C GLN A 61 6.33 -2.80 -4.01
N LEU A 62 6.31 -1.88 -3.09
CA LEU A 62 5.32 -0.81 -3.11
C LEU A 62 5.54 0.13 -4.30
N ASN A 63 6.79 0.24 -4.69
CA ASN A 63 7.23 0.98 -5.87
C ASN A 63 6.48 0.50 -7.11
N ARG A 64 6.40 -0.81 -7.23
CA ARG A 64 5.72 -1.50 -8.31
C ARG A 64 4.24 -1.08 -8.43
N LEU A 65 3.59 -0.85 -7.29
CA LEU A 65 2.17 -0.50 -7.27
C LEU A 65 1.93 0.89 -7.79
N PHE A 66 2.90 1.77 -7.59
CA PHE A 66 2.85 3.14 -8.11
C PHE A 66 2.73 3.10 -9.63
N ALA A 67 3.38 2.12 -10.21
CA ALA A 67 3.38 1.93 -11.64
C ALA A 67 2.07 1.35 -12.15
N GLN A 68 1.35 0.60 -11.30
CA GLN A 68 0.12 0.01 -11.70
C GLN A 68 -0.96 1.05 -11.86
N GLY A 69 -1.16 1.85 -10.85
CA GLY A 69 -2.26 2.75 -10.88
C GLY A 69 -2.42 3.59 -9.67
N MET A 70 -2.83 4.82 -9.89
CA MET A 70 -3.27 5.68 -8.81
C MET A 70 -4.56 5.09 -8.26
N ALA A 71 -5.29 4.44 -9.17
CA ALA A 71 -6.52 3.77 -8.85
C ALA A 71 -6.20 2.47 -8.14
N THR A 72 -5.13 1.84 -8.60
CA THR A 72 -4.64 0.61 -8.04
C THR A 72 -4.23 0.80 -6.56
N TRP A 73 -3.62 1.94 -6.25
CA TRP A 73 -3.19 2.22 -4.87
C TRP A 73 -4.44 2.40 -3.97
N LYS A 74 -5.51 3.00 -4.51
CA LYS A 74 -6.79 3.13 -3.81
C LYS A 74 -7.32 1.77 -3.44
N SER A 75 -7.39 0.90 -4.43
CA SER A 75 -7.83 -0.42 -4.28
C SER A 75 -6.95 -1.19 -3.30
N PHE A 76 -5.67 -0.92 -3.38
CA PHE A 76 -4.69 -1.51 -2.50
C PHE A 76 -4.97 -1.13 -1.06
N ILE A 77 -5.15 0.17 -0.79
CA ILE A 77 -5.37 0.58 0.58
C ILE A 77 -6.74 0.11 1.07
N ASN A 78 -7.68 0.04 0.15
CA ASN A 78 -9.02 -0.46 0.42
C ASN A 78 -8.95 -1.90 0.99
N ASP A 79 -8.16 -2.74 0.32
CA ASP A 79 -7.96 -4.12 0.77
C ASP A 79 -7.08 -4.18 2.00
N LEU A 80 -6.08 -3.29 2.02
CA LEU A 80 -5.12 -3.15 3.14
C LEU A 80 -5.89 -3.03 4.46
N CYS A 81 -6.79 -2.09 4.50
CA CYS A 81 -7.56 -1.84 5.71
C CYS A 81 -8.49 -3.02 6.02
N PHE A 82 -9.17 -3.53 4.99
CA PHE A 82 -10.16 -4.59 5.14
C PHE A 82 -9.53 -5.86 5.70
N GLU A 83 -8.50 -6.30 5.04
CA GLU A 83 -7.85 -7.53 5.38
C GLU A 83 -7.08 -7.48 6.66
N LEU A 84 -6.41 -6.39 6.90
CA LEU A 84 -5.56 -6.31 8.05
C LEU A 84 -6.34 -6.00 9.32
N ASP A 85 -7.35 -5.13 9.25
CA ASP A 85 -8.13 -4.81 10.45
C ASP A 85 -9.38 -3.99 10.06
N VAL A 86 -9.28 -2.69 10.19
CA VAL A 86 -10.30 -1.71 9.79
C VAL A 86 -9.51 -0.54 9.20
N PRO A 87 -10.15 0.50 8.59
CA PRO A 87 -9.43 1.72 8.17
C PRO A 87 -8.59 2.27 9.34
N LEU A 88 -7.27 2.07 9.25
CA LEU A 88 -6.29 2.35 10.30
C LEU A 88 -6.47 3.77 10.84
N ASP A 89 -6.45 4.70 9.92
CA ASP A 89 -6.63 6.12 10.19
C ASP A 89 -7.18 6.68 8.90
N MET A 90 -8.21 5.96 8.43
CA MET A 90 -8.83 6.12 7.10
C MET A 90 -7.91 5.54 6.04
N GLU A 91 -8.50 5.00 5.02
CA GLU A 91 -7.77 4.43 3.90
C GLU A 91 -7.15 5.55 3.06
N ILE A 92 -7.86 6.60 2.97
CA ILE A 92 -7.56 7.71 2.11
C ILE A 92 -6.17 8.38 2.39
N PRO A 93 -5.79 8.73 3.64
CA PRO A 93 -4.43 9.26 3.95
C PRO A 93 -3.34 8.30 3.46
N LEU A 94 -3.64 7.01 3.57
CA LEU A 94 -2.76 5.95 3.13
C LEU A 94 -2.70 5.88 1.61
N VAL A 95 -3.79 6.20 0.94
CA VAL A 95 -3.76 6.18 -0.50
C VAL A 95 -3.21 7.45 -1.08
N SER A 96 -3.49 8.49 -0.40
CA SER A 96 -3.01 9.81 -0.73
C SER A 96 -1.48 9.88 -0.85
N ILE A 97 -0.80 8.98 -0.16
CA ILE A 97 0.64 8.96 -0.15
C ILE A 97 1.19 8.54 -1.53
N TRP A 98 0.40 7.71 -2.19
CA TRP A 98 0.67 7.09 -3.48
C TRP A 98 2.15 6.87 -3.82
N GLY A 99 2.67 5.81 -3.28
CA GLY A 99 4.00 5.43 -3.59
C GLY A 99 4.98 5.84 -2.51
N PRO A 100 6.26 5.68 -2.76
CA PRO A 100 7.32 6.00 -1.82
C PRO A 100 7.80 7.44 -2.00
N ARG A 101 6.87 8.35 -2.06
CA ARG A 101 7.19 9.74 -2.22
C ARG A 101 7.19 10.45 -0.88
#